data_8K9G
#
_entry.id   8K9G
#
_cell.length_a   1.00
_cell.length_b   1.00
_cell.length_c   1.00
_cell.angle_alpha   90.00
_cell.angle_beta   90.00
_cell.angle_gamma   90.00
#
_symmetry.space_group_name_H-M   'P 1'
#
loop_
_entity.id
_entity.type
_entity.pdbx_description
1 polymer 'DNA (45-mer)'
2 polymer "RNA (5'-R(P*UP*GP*AP*GP*GP*UP*AP*GP*UP*AP*GP*GP*UP*UP*GP*UP*AP*UP*AP*GP*U)-3')"
3 polymer 'Piwi domain-containing protein'
4 polymer 'TIR domain-containing protein'
#
loop_
_entity_poly.entity_id
_entity_poly.type
_entity_poly.pdbx_seq_one_letter_code
_entity_poly.pdbx_strand_id
1 'polydeoxyribonucleotide'
;(DA)(DA)(DA)(DC)(DG)(DA)(DC)(DG)(DG)(DC)(DC)(DA)(DG)(DT)(DG)(DC)(DC)(DA)(DA)(DG)
(DC)(DA)(DA)(DA)(DC)(DT)(DA)(DT)(DA)(DC)(DA)(DA)(DC)(DC)(DT)(DA)(DC)(DT)(DA)(DC)
(DC)(DT)(DC)(DA)(DT)
;
D,H
2 'polyribonucleotide' UGAGGUAGUAGGUUGUAUAGU C,G
3 'polypeptide(L)'
;MKELIYIEEPSILFAHGQKCTDPRDGLALFGPLNQIYGIKSGVVGTQKGLQIFKSYLDKIQKPIYNHNNITRPMFPGFEA
VFGCKWESQNIVFKEITDEEIRRYLFNASTHKRTYDLVTLFNDKIITANKNDEERVDVWFVIVPEEIYKYCRPNSVLPNE
LVQTKSLISKSKAKSFRYTPTLFEEFNKKLKEVEKEAKTYNYDAQFHDQLKARLLEHTIPTQILRESTLAWRDFKNTFGA
PIRDFSKIEGHLAWTISTAAYYKAGGKPWKLGDIRPGVCYLGLVYKKIEKSKNPQNACCAAQMFLDNGDGTVFKGEVGPW
YNPEKGEYHLKPKEAKALLTQALESYKEQNKSYPKEVFIHARTRFNDEEWNAFNEVTPKNTNLVGVTITKSKPLKLYKTE
GAFPIMRGNAYIVDEKKAFLWTLGFVPKLQSTLSMEVPNPIFIEINKGEAEIQQVLKDILALTKLNYNACIYADGEPVTL
RFANKIGEILTASTEIKTPPLAFKYYI
;
A,E
4 'polypeptide(L)'
;MRNKIFISHATPEDDDFTRWLSLKLIGLGYEVWCDILFLDKGVDFWSTIEKEIRENTCKFLIVSSTAGNKREGVLKELAV
ATKVKKHLQDDMFIIPLAIDENLSYDDINIEIVRLNAIDFKKSWAKGLQDLLDAFEKQNVPKKPPDHSKSNLLYQQIFLH
DKQAIEKEETYDSNWFPIISFPNELRFHRYDWRLPKQFDVRTLAFPAIRYKEYLCTFAWEYDFIHQLPKTETYNGQESIR
ISTSDILSGRYDTDFIRNYECQRLIVQLINKAFELRMKDKNVREYQMSKTFAYWIEKGKLEKDKFEKIKLVGKQKNKYWH
FGISAAGKLYPSPVLMVSSHIIFTMDGINLIKSKSIQHSSRRKQGKNWWNDKWREKLLAFIRFLSDDQNAIYLNVGSEEK
ILISNKPLKFFGKMSYVTPSEVTLEEESVLADINNFEEDTEDLDELEDIE
;
B,F
#
loop_
_chem_comp.id
_chem_comp.type
_chem_comp.name
_chem_comp.formula
A RNA linking ADENOSINE-5'-MONOPHOSPHATE 'C10 H14 N5 O7 P'
DA DNA linking 2'-DEOXYADENOSINE-5'-MONOPHOSPHATE 'C10 H14 N5 O6 P'
DC DNA linking 2'-DEOXYCYTIDINE-5'-MONOPHOSPHATE 'C9 H14 N3 O7 P'
DG DNA linking 2'-DEOXYGUANOSINE-5'-MONOPHOSPHATE 'C10 H14 N5 O7 P'
DT DNA linking THYMIDINE-5'-MONOPHOSPHATE 'C10 H15 N2 O8 P'
G RNA linking GUANOSINE-5'-MONOPHOSPHATE 'C10 H14 N5 O8 P'
U RNA linking URIDINE-5'-MONOPHOSPHATE 'C9 H13 N2 O9 P'
#
# COMPACT_ATOMS: atom_id res chain seq x y z
N MET E 1 27.41 -22.82 -49.49
CA MET E 1 27.65 -21.48 -48.97
C MET E 1 26.64 -21.19 -47.87
N LYS E 2 27.08 -20.52 -46.81
CA LYS E 2 26.28 -20.33 -45.61
C LYS E 2 25.64 -18.95 -45.60
N GLU E 3 24.37 -18.91 -45.20
CA GLU E 3 23.61 -17.68 -45.07
C GLU E 3 23.17 -17.50 -43.62
N LEU E 4 22.48 -16.39 -43.35
CA LEU E 4 21.99 -16.07 -42.02
C LEU E 4 20.47 -16.10 -42.02
N ILE E 5 19.89 -16.86 -41.11
CA ILE E 5 18.44 -16.97 -41.01
C ILE E 5 17.92 -15.84 -40.12
N TYR E 6 16.63 -15.54 -40.26
CA TYR E 6 16.03 -14.39 -39.60
C TYR E 6 14.95 -14.84 -38.63
N ILE E 7 14.91 -14.19 -37.47
CA ILE E 7 13.86 -14.39 -36.47
C ILE E 7 13.04 -13.12 -36.38
N GLU E 8 11.73 -13.25 -36.51
CA GLU E 8 10.85 -12.09 -36.50
C GLU E 8 10.84 -11.41 -35.15
N GLU E 9 10.58 -10.11 -35.17
CA GLU E 9 10.50 -9.34 -33.94
C GLU E 9 9.29 -9.81 -33.13
N PRO E 10 9.48 -10.27 -31.90
CA PRO E 10 8.35 -10.77 -31.12
C PRO E 10 7.43 -9.66 -30.67
N SER E 11 6.19 -10.04 -30.39
CA SER E 11 5.17 -9.10 -29.98
C SER E 11 4.98 -9.14 -28.48
N ILE E 12 4.54 -8.01 -27.92
CA ILE E 12 4.20 -7.90 -26.51
C ILE E 12 2.74 -7.46 -26.42
N LEU E 13 1.97 -8.16 -25.59
CA LEU E 13 0.55 -7.89 -25.47
C LEU E 13 0.32 -6.59 -24.70
N PHE E 14 -0.86 -6.02 -24.89
CA PHE E 14 -1.23 -4.77 -24.25
C PHE E 14 -2.70 -4.87 -23.83
N ALA E 15 -3.30 -3.71 -23.52
CA ALA E 15 -4.68 -3.67 -23.07
C ALA E 15 -5.64 -4.08 -24.18
N HIS E 16 -6.76 -4.69 -23.77
CA HIS E 16 -7.83 -5.15 -24.65
C HIS E 16 -7.33 -6.13 -25.70
N GLY E 17 -6.34 -6.94 -25.34
CA GLY E 17 -5.81 -7.94 -26.25
C GLY E 17 -5.13 -7.40 -27.49
N GLN E 18 -4.34 -6.33 -27.34
CA GLN E 18 -3.65 -5.70 -28.44
C GLN E 18 -2.15 -5.97 -28.34
N LYS E 19 -1.48 -5.98 -29.50
CA LYS E 19 -0.06 -6.30 -29.57
C LYS E 19 0.68 -5.23 -30.36
N CYS E 20 1.87 -4.88 -29.87
CA CYS E 20 2.73 -3.91 -30.53
C CYS E 20 4.17 -4.43 -30.48
N THR E 21 5.10 -3.61 -30.93
CA THR E 21 6.52 -3.93 -30.85
C THR E 21 7.27 -3.06 -29.85
N ASP E 22 7.09 -1.75 -29.91
CA ASP E 22 7.77 -0.83 -28.99
C ASP E 22 6.89 -0.61 -27.78
N PRO E 23 7.37 -0.87 -26.56
CA PRO E 23 6.53 -0.67 -25.38
C PRO E 23 6.21 0.80 -25.10
N ARG E 24 7.05 1.73 -25.52
CA ARG E 24 6.76 3.15 -25.26
C ARG E 24 5.58 3.63 -26.09
N ASP E 25 5.59 3.35 -27.38
CA ASP E 25 4.48 3.76 -28.24
C ASP E 25 3.20 3.00 -27.88
N GLY E 26 3.32 1.72 -27.55
CA GLY E 26 2.15 0.97 -27.13
C GLY E 26 1.58 1.46 -25.81
N LEU E 27 2.46 1.90 -24.90
CA LEU E 27 2.00 2.49 -23.65
C LEU E 27 1.29 3.82 -23.91
N ALA E 28 1.82 4.62 -24.84
CA ALA E 28 1.15 5.86 -25.18
C ALA E 28 -0.15 5.63 -25.96
N LEU E 29 -0.33 4.45 -26.55
CA LEU E 29 -1.49 4.18 -27.39
C LEU E 29 -2.58 3.38 -26.69
N PHE E 30 -2.23 2.31 -25.99
CA PHE E 30 -3.22 1.41 -25.41
C PHE E 30 -3.27 1.49 -23.89
N GLY E 31 -2.16 1.25 -23.20
CA GLY E 31 -2.15 1.26 -21.76
C GLY E 31 -1.96 -0.13 -21.17
N PRO E 32 -1.90 -0.20 -19.85
CA PRO E 32 -1.58 -1.47 -19.18
C PRO E 32 -2.77 -2.43 -19.20
N LEU E 33 -2.47 -3.68 -18.85
CA LEU E 33 -3.48 -4.73 -18.90
C LEU E 33 -4.41 -4.68 -17.70
N ASN E 34 -3.87 -4.86 -16.50
CA ASN E 34 -4.64 -4.87 -15.27
C ASN E 34 -4.46 -3.53 -14.57
N GLN E 35 -5.55 -2.89 -14.20
CA GLN E 35 -5.48 -1.52 -13.72
C GLN E 35 -5.45 -1.47 -12.20
N ILE E 36 -4.68 -0.53 -11.68
CA ILE E 36 -4.64 -0.23 -10.25
C ILE E 36 -5.22 1.17 -10.06
N TYR E 37 -5.82 1.37 -8.91
CA TYR E 37 -6.62 2.57 -8.69
C TYR E 37 -5.77 3.78 -8.35
N GLY E 38 -4.52 3.59 -7.98
CA GLY E 38 -3.64 4.70 -7.64
C GLY E 38 -2.63 4.26 -6.61
N ILE E 39 -1.64 5.13 -6.39
CA ILE E 39 -0.56 4.85 -5.47
C ILE E 39 -0.24 6.08 -4.62
N LYS E 40 0.01 5.85 -3.34
CA LYS E 40 0.42 6.89 -2.41
C LYS E 40 1.93 6.79 -2.23
N SER E 41 2.64 7.83 -2.64
CA SER E 41 4.09 7.80 -2.64
C SER E 41 4.64 8.41 -1.35
N GLY E 42 5.67 7.78 -0.81
CA GLY E 42 6.34 8.27 0.38
C GLY E 42 7.79 8.62 0.07
N VAL E 43 8.28 9.67 0.71
CA VAL E 43 9.64 10.14 0.49
C VAL E 43 10.35 10.28 1.83
N VAL E 44 11.62 9.91 1.84
CA VAL E 44 12.50 10.10 2.99
C VAL E 44 13.72 10.88 2.52
N GLY E 45 14.03 11.95 3.21
CA GLY E 45 15.16 12.79 2.84
C GLY E 45 15.00 14.17 3.44
N THR E 46 15.86 15.08 2.99
CA THR E 46 15.85 16.44 3.47
C THR E 46 14.69 17.22 2.84
N GLN E 47 14.54 18.48 3.25
CA GLN E 47 13.47 19.31 2.67
C GLN E 47 13.81 19.70 1.23
N LYS E 48 15.12 19.77 0.91
CA LYS E 48 15.53 19.98 -0.48
C LYS E 48 15.09 18.81 -1.35
N GLY E 49 15.24 17.59 -0.84
CA GLY E 49 14.77 16.43 -1.58
C GLY E 49 13.27 16.42 -1.76
N LEU E 50 12.53 16.89 -0.75
CA LEU E 50 11.08 16.96 -0.86
C LEU E 50 10.66 17.97 -1.92
N GLN E 51 11.27 19.16 -1.92
CA GLN E 51 10.92 20.15 -2.93
C GLN E 51 11.34 19.71 -4.33
N ILE E 52 12.46 18.98 -4.45
CA ILE E 52 12.89 18.51 -5.75
C ILE E 52 11.97 17.40 -6.26
N PHE E 53 11.53 16.50 -5.37
CA PHE E 53 10.58 15.48 -5.76
C PHE E 53 9.23 16.08 -6.16
N LYS E 54 8.78 17.11 -5.43
CA LYS E 54 7.54 17.78 -5.80
C LYS E 54 7.65 18.48 -7.15
N SER E 55 8.77 19.16 -7.40
CA SER E 55 8.96 19.82 -8.69
C SER E 55 9.06 18.80 -9.83
N TYR E 56 9.64 17.64 -9.58
CA TYR E 56 9.63 16.66 -10.70
C TYR E 56 8.25 16.04 -10.77
N LEU E 57 7.73 15.54 -9.65
CA LEU E 57 6.43 14.82 -9.72
C LEU E 57 5.45 15.77 -10.43
N ASP E 58 5.63 17.07 -10.25
CA ASP E 58 4.76 18.04 -10.97
C ASP E 58 5.13 18.00 -12.44
N LYS E 59 6.33 18.45 -12.77
CA LYS E 59 6.82 18.50 -14.14
C LYS E 59 6.33 17.28 -14.94
N ILE E 60 6.36 16.10 -14.33
CA ILE E 60 5.96 14.89 -15.04
C ILE E 60 4.45 14.82 -15.19
N GLN E 61 3.72 15.65 -14.45
CA GLN E 61 2.29 15.80 -14.72
C GLN E 61 2.05 16.38 -16.11
N LYS E 62 2.84 17.39 -16.50
CA LYS E 62 2.73 18.02 -17.80
C LYS E 62 3.39 17.18 -18.88
N PRO E 63 2.92 17.27 -20.13
CA PRO E 63 3.59 16.55 -21.22
C PRO E 63 4.97 17.12 -21.50
N ILE E 64 5.92 16.21 -21.77
CA ILE E 64 7.30 16.57 -22.03
C ILE E 64 7.70 16.02 -23.39
N TYR E 65 8.22 16.89 -24.25
CA TYR E 65 8.63 16.51 -25.60
C TYR E 65 10.12 16.21 -25.66
N ASN E 66 10.51 15.49 -26.70
CA ASN E 66 11.89 15.28 -27.08
C ASN E 66 12.12 15.96 -28.43
N HIS E 67 13.31 15.74 -29.01
CA HIS E 67 13.61 16.34 -30.30
C HIS E 67 12.81 15.67 -31.42
N ASN E 68 12.61 14.35 -31.35
CA ASN E 68 11.71 13.67 -32.25
C ASN E 68 11.18 12.40 -31.59
N ASN E 69 10.05 11.93 -32.09
CA ASN E 69 9.41 10.74 -31.55
C ASN E 69 9.82 9.46 -32.25
N ILE E 70 10.75 9.53 -33.21
CA ILE E 70 11.18 8.34 -33.93
C ILE E 70 11.96 7.41 -33.01
N THR E 71 12.88 7.97 -32.24
CA THR E 71 13.66 7.20 -31.27
C THR E 71 13.26 7.46 -29.84
N ARG E 72 12.83 8.68 -29.53
CA ARG E 72 12.57 9.12 -28.16
C ARG E 72 11.12 9.59 -28.12
N PRO E 73 10.16 8.68 -28.00
CA PRO E 73 8.75 9.08 -28.07
C PRO E 73 8.37 9.99 -26.93
N MET E 74 7.40 10.87 -27.20
CA MET E 74 7.00 11.88 -26.24
C MET E 74 6.30 11.23 -25.05
N PHE E 75 6.18 12.01 -23.97
CA PHE E 75 5.49 11.56 -22.78
C PHE E 75 4.14 12.27 -22.69
N PRO E 76 3.03 11.58 -22.99
CA PRO E 76 1.72 12.24 -22.91
C PRO E 76 1.33 12.67 -21.50
N GLY E 77 1.86 12.03 -20.47
CA GLY E 77 1.46 12.32 -19.11
C GLY E 77 1.26 11.02 -18.36
N PHE E 78 1.32 11.06 -17.03
CA PHE E 78 1.19 9.83 -16.25
C PHE E 78 -0.21 9.23 -16.40
N GLU E 79 -1.24 10.05 -16.18
CA GLU E 79 -2.61 9.56 -16.25
C GLU E 79 -3.00 9.17 -17.67
N ALA E 80 -2.47 9.88 -18.66
CA ALA E 80 -2.78 9.57 -20.05
C ALA E 80 -2.23 8.22 -20.46
N VAL E 81 -1.02 7.89 -19.98
CA VAL E 81 -0.39 6.64 -20.39
C VAL E 81 -0.90 5.46 -19.56
N PHE E 82 -0.93 5.61 -18.23
CA PHE E 82 -1.18 4.47 -17.37
C PHE E 82 -2.59 4.40 -16.80
N GLY E 83 -3.34 5.49 -16.84
CA GLY E 83 -4.69 5.47 -16.29
C GLY E 83 -4.76 5.32 -14.79
N CYS E 84 -3.82 5.92 -14.06
CA CYS E 84 -3.80 5.91 -12.60
C CYS E 84 -3.70 7.34 -12.11
N LYS E 85 -3.46 7.50 -10.81
CA LYS E 85 -3.51 8.81 -10.17
C LYS E 85 -2.21 9.07 -9.42
N TRP E 86 -1.65 10.26 -9.59
CA TRP E 86 -0.41 10.69 -8.96
C TRP E 86 -0.53 12.18 -8.71
N GLU E 87 -0.18 12.63 -7.51
CA GLU E 87 -0.33 14.03 -7.15
C GLU E 87 0.79 14.45 -6.21
N SER E 88 0.78 15.74 -5.87
CA SER E 88 1.68 16.30 -4.87
C SER E 88 1.13 16.23 -3.47
N GLN E 89 -0.17 16.03 -3.30
CA GLN E 89 -0.76 15.88 -1.98
C GLN E 89 -0.74 14.41 -1.58
N ASN E 90 -1.20 14.15 -0.34
CA ASN E 90 -1.07 12.86 0.37
C ASN E 90 0.28 12.19 0.13
N ILE E 91 1.34 12.95 0.41
CA ILE E 91 2.71 12.45 0.35
C ILE E 91 3.29 12.51 1.76
N VAL E 92 3.67 11.37 2.31
CA VAL E 92 4.28 11.32 3.63
C VAL E 92 5.76 11.64 3.51
N PHE E 93 6.34 12.15 4.60
CA PHE E 93 7.67 12.73 4.53
C PHE E 93 8.38 12.59 5.87
N LYS E 94 9.61 12.07 5.83
CA LYS E 94 10.45 11.92 7.02
C LYS E 94 11.76 12.66 6.80
N GLU E 95 12.11 13.54 7.72
CA GLU E 95 13.20 14.48 7.53
C GLU E 95 14.46 14.06 8.29
N ILE E 96 15.60 14.57 7.82
CA ILE E 96 16.91 14.27 8.38
C ILE E 96 17.69 15.56 8.51
N THR E 97 18.26 15.80 9.68
CA THR E 97 19.04 17.00 9.95
C THR E 97 20.51 16.75 9.69
N ASP E 98 21.29 17.84 9.62
CA ASP E 98 22.69 17.76 9.27
C ASP E 98 23.62 17.79 10.48
N GLU E 99 23.09 17.86 11.70
CA GLU E 99 23.95 17.84 12.88
C GLU E 99 24.59 16.48 13.08
N GLU E 100 23.77 15.41 13.01
CA GLU E 100 24.28 14.06 13.17
C GLU E 100 25.24 13.68 12.05
N ILE E 101 24.90 14.07 10.81
CA ILE E 101 25.75 13.73 9.67
C ILE E 101 27.12 14.39 9.80
N ARG E 102 27.13 15.68 10.14
CA ARG E 102 28.39 16.39 10.31
C ARG E 102 29.19 15.84 11.49
N ARG E 103 28.51 15.47 12.57
CA ARG E 103 29.21 14.96 13.74
C ARG E 103 29.82 13.58 13.49
N TYR E 104 29.13 12.73 12.74
CA TYR E 104 29.60 11.37 12.54
C TYR E 104 30.45 11.19 11.29
N LEU E 105 30.49 12.18 10.38
CA LEU E 105 31.28 12.06 9.16
C LEU E 105 32.78 11.96 9.41
N PHE E 106 33.26 12.47 10.53
CA PHE E 106 34.69 12.58 10.80
C PHE E 106 35.28 11.30 11.37
N ASN E 107 34.64 10.16 11.17
CA ASN E 107 35.14 8.89 11.67
C ASN E 107 36.20 8.33 10.72
N ALA E 108 36.78 7.20 11.09
CA ALA E 108 37.85 6.60 10.31
C ALA E 108 37.40 5.42 9.45
N SER E 109 36.29 4.77 9.80
CA SER E 109 35.78 3.64 9.05
C SER E 109 34.64 4.10 8.15
N THR E 110 34.85 4.00 6.83
CA THR E 110 33.78 4.33 5.90
C THR E 110 32.64 3.33 5.97
N HIS E 111 32.95 2.05 6.24
CA HIS E 111 31.91 1.03 6.32
C HIS E 111 30.99 1.24 7.51
N LYS E 112 31.52 1.81 8.60
CA LYS E 112 30.66 2.16 9.73
C LYS E 112 29.66 3.24 9.36
N ARG E 113 30.11 4.24 8.59
CA ARG E 113 29.17 5.23 8.06
C ARG E 113 28.14 4.62 7.14
N THR E 114 28.56 3.70 6.26
CA THR E 114 27.59 3.03 5.39
C THR E 114 26.55 2.28 6.22
N TYR E 115 27.02 1.56 7.25
CA TYR E 115 26.13 0.80 8.11
C TYR E 115 25.15 1.71 8.83
N ASP E 116 25.63 2.75 9.51
CA ASP E 116 24.72 3.53 10.35
C ASP E 116 23.79 4.41 9.52
N LEU E 117 24.23 4.88 8.34
CA LEU E 117 23.33 5.65 7.49
C LEU E 117 22.25 4.76 6.88
N VAL E 118 22.63 3.55 6.42
CA VAL E 118 21.64 2.64 5.87
C VAL E 118 20.65 2.21 6.94
N THR E 119 21.12 1.97 8.17
CA THR E 119 20.19 1.64 9.25
C THR E 119 19.34 2.83 9.66
N LEU E 120 19.85 4.06 9.52
CA LEU E 120 19.02 5.24 9.76
C LEU E 120 17.83 5.27 8.81
N PHE E 121 18.11 5.12 7.51
CA PHE E 121 17.03 5.09 6.53
C PHE E 121 16.10 3.91 6.76
N ASN E 122 16.67 2.75 7.10
CA ASN E 122 15.88 1.53 7.28
C ASN E 122 14.95 1.65 8.48
N ASP E 123 15.44 2.18 9.61
CA ASP E 123 14.57 2.24 10.77
C ASP E 123 13.53 3.35 10.62
N LYS E 124 13.85 4.42 9.90
CA LYS E 124 12.81 5.41 9.59
C LYS E 124 11.71 4.80 8.74
N ILE E 125 12.09 4.03 7.70
CA ILE E 125 11.10 3.40 6.83
C ILE E 125 10.28 2.37 7.60
N ILE E 126 10.94 1.55 8.42
CA ILE E 126 10.26 0.50 9.17
C ILE E 126 9.31 1.10 10.21
N THR E 127 9.75 2.14 10.92
CA THR E 127 8.89 2.79 11.89
C THR E 127 7.68 3.43 11.22
N ALA E 128 7.89 4.06 10.06
CA ALA E 128 6.75 4.61 9.33
C ALA E 128 5.81 3.51 8.87
N ASN E 129 6.35 2.36 8.47
CA ASN E 129 5.51 1.25 8.02
C ASN E 129 4.80 0.57 9.17
N LYS E 130 5.26 0.75 10.41
CA LYS E 130 4.70 0.04 11.55
C LYS E 130 3.97 0.93 12.55
N ASN E 131 3.99 2.25 12.39
CA ASN E 131 3.23 3.10 13.31
C ASN E 131 2.21 3.99 12.60
N ASP E 132 2.56 4.55 11.45
CA ASP E 132 1.64 5.43 10.73
C ASP E 132 0.50 4.62 10.12
N GLU E 133 -0.62 5.28 9.88
CA GLU E 133 -1.80 4.61 9.35
C GLU E 133 -2.01 4.86 7.85
N GLU E 134 -1.45 5.93 7.30
CA GLU E 134 -1.59 6.18 5.88
C GLU E 134 -0.83 5.13 5.08
N ARG E 135 -1.51 4.52 4.12
CA ARG E 135 -0.89 3.47 3.32
C ARG E 135 0.14 4.08 2.37
N VAL E 136 1.32 3.47 2.32
CA VAL E 136 2.36 3.86 1.38
C VAL E 136 2.68 2.62 0.53
N ASP E 137 2.62 2.77 -0.79
CA ASP E 137 2.90 1.65 -1.69
C ASP E 137 4.32 1.68 -2.23
N VAL E 138 4.91 2.86 -2.39
CA VAL E 138 6.29 3.00 -2.83
C VAL E 138 6.96 4.05 -1.96
N TRP E 139 8.21 3.78 -1.58
CA TRP E 139 9.02 4.72 -0.82
C TRP E 139 10.17 5.18 -1.69
N PHE E 140 10.28 6.49 -1.89
CA PHE E 140 11.30 7.09 -2.75
C PHE E 140 12.34 7.77 -1.88
N VAL E 141 13.58 7.31 -1.99
CA VAL E 141 14.66 7.78 -1.14
C VAL E 141 15.55 8.72 -1.93
N ILE E 142 15.80 9.90 -1.36
CA ILE E 142 16.67 10.89 -1.97
C ILE E 142 17.97 10.94 -1.18
N VAL E 143 19.08 10.79 -1.87
CA VAL E 143 20.39 10.79 -1.22
C VAL E 143 21.13 12.09 -1.53
N PRO E 144 21.72 12.75 -0.53
CA PRO E 144 22.59 13.89 -0.81
C PRO E 144 23.91 13.43 -1.42
N GLU E 145 24.52 14.33 -2.18
CA GLU E 145 25.73 13.99 -2.93
C GLU E 145 27.00 14.07 -2.09
N GLU E 146 26.95 14.69 -0.91
CA GLU E 146 28.13 14.76 -0.07
C GLU E 146 28.55 13.37 0.42
N ILE E 147 27.58 12.53 0.76
CA ILE E 147 27.89 11.18 1.18
C ILE E 147 28.25 10.29 0.00
N TYR E 148 27.86 10.68 -1.22
CA TYR E 148 28.28 9.94 -2.40
C TYR E 148 29.70 10.26 -2.80
N LYS E 149 30.15 11.49 -2.59
CA LYS E 149 31.49 11.88 -2.98
C LYS E 149 32.51 11.73 -1.85
N TYR E 150 32.07 11.63 -0.59
CA TYR E 150 32.99 11.46 0.52
C TYR E 150 32.89 10.09 1.18
N CYS E 151 31.89 9.29 0.83
CA CYS E 151 31.74 7.96 1.43
C CYS E 151 31.14 6.97 0.44
N ALA E 204 28.96 -3.15 0.24
CA ALA E 204 29.63 -1.92 -0.16
C ALA E 204 28.64 -0.97 -0.83
N GLN E 205 27.78 -1.51 -1.68
CA GLN E 205 26.76 -0.70 -2.34
C GLN E 205 25.68 -0.32 -1.34
N PHE E 206 25.11 0.88 -1.55
CA PHE E 206 24.12 1.40 -0.63
C PHE E 206 22.78 0.67 -0.79
N HIS E 207 22.21 0.74 -1.99
CA HIS E 207 20.89 0.16 -2.22
C HIS E 207 20.90 -1.35 -2.10
N ASP E 208 22.06 -1.98 -2.28
CA ASP E 208 22.17 -3.42 -2.15
C ASP E 208 21.79 -3.88 -0.75
N GLN E 209 22.54 -3.43 0.27
CA GLN E 209 22.22 -3.81 1.63
C GLN E 209 20.96 -3.12 2.13
N LEU E 210 20.59 -1.97 1.55
CA LEU E 210 19.31 -1.35 1.89
C LEU E 210 18.14 -2.28 1.56
N LYS E 211 18.10 -2.79 0.32
CA LYS E 211 17.04 -3.72 -0.05
C LYS E 211 17.19 -5.05 0.68
N ALA E 212 18.42 -5.48 0.96
CA ALA E 212 18.63 -6.75 1.66
C ALA E 212 18.04 -6.71 3.07
N ARG E 213 18.28 -5.63 3.81
CA ARG E 213 17.74 -5.54 5.15
C ARG E 213 16.30 -5.05 5.19
N LEU E 214 15.79 -4.48 4.11
CA LEU E 214 14.36 -4.22 4.01
C LEU E 214 13.58 -5.43 3.54
N LEU E 215 14.27 -6.46 3.05
CA LEU E 215 13.63 -7.62 2.44
C LEU E 215 12.87 -8.47 3.45
N GLU E 216 13.19 -8.38 4.73
CA GLU E 216 12.52 -9.18 5.75
C GLU E 216 11.20 -8.58 6.20
N HIS E 217 10.80 -7.43 5.65
CA HIS E 217 9.52 -6.81 5.97
C HIS E 217 8.63 -6.60 4.75
N THR E 218 9.14 -6.89 3.54
CA THR E 218 8.38 -6.85 2.28
C THR E 218 7.79 -5.47 2.00
N ILE E 219 8.68 -4.51 1.77
CA ILE E 219 8.31 -3.15 1.44
C ILE E 219 9.02 -2.73 0.16
N PRO E 220 8.32 -2.32 -0.89
CA PRO E 220 8.99 -1.87 -2.11
C PRO E 220 9.51 -0.45 -1.99
N THR E 221 10.68 -0.21 -2.57
CA THR E 221 11.31 1.10 -2.52
C THR E 221 12.17 1.30 -3.76
N GLN E 222 12.45 2.57 -4.06
CA GLN E 222 13.32 2.93 -5.18
C GLN E 222 14.27 4.03 -4.75
N ILE E 223 15.46 4.02 -5.35
CA ILE E 223 16.53 4.94 -4.99
C ILE E 223 16.64 6.00 -6.09
N LEU E 224 16.54 7.27 -5.70
CA LEU E 224 16.63 8.38 -6.65
C LEU E 224 17.77 9.30 -6.25
N ARG E 225 18.74 9.48 -7.15
CA ARG E 225 19.87 10.37 -6.89
C ARG E 225 19.43 11.83 -7.01
N GLU E 226 20.14 12.70 -6.29
CA GLU E 226 19.82 14.12 -6.30
C GLU E 226 20.13 14.75 -7.65
N SER E 227 21.23 14.36 -8.28
CA SER E 227 21.58 14.90 -9.59
C SER E 227 20.73 14.32 -10.71
N THR E 228 19.98 13.25 -10.46
CA THR E 228 19.15 12.65 -11.51
C THR E 228 18.00 13.57 -11.88
N LEU E 229 17.25 14.06 -10.89
CA LEU E 229 16.03 14.80 -11.14
C LEU E 229 16.13 16.25 -10.69
N ALA E 230 17.34 16.74 -10.45
CA ALA E 230 17.59 18.15 -10.19
C ALA E 230 18.82 18.62 -10.96
N TRP E 231 18.97 18.15 -12.19
CA TRP E 231 20.16 18.40 -12.98
C TRP E 231 20.22 19.81 -13.54
N ARG E 232 19.16 20.61 -13.39
CA ARG E 232 19.18 21.98 -13.87
C ARG E 232 20.20 22.82 -13.12
N ASP E 233 20.33 22.61 -11.81
CA ASP E 233 21.23 23.41 -10.98
C ASP E 233 22.37 22.59 -10.39
N PHE E 234 22.68 21.42 -10.97
CA PHE E 234 23.76 20.58 -10.51
C PHE E 234 24.80 20.50 -11.62
N LYS E 235 25.77 21.41 -11.58
CA LYS E 235 26.81 21.52 -12.58
C LYS E 235 28.18 21.40 -11.92
N ASN E 236 29.19 21.09 -12.72
CA ASN E 236 30.55 20.98 -12.23
C ASN E 236 31.18 22.36 -12.16
N THR E 237 32.50 22.41 -11.95
CA THR E 237 33.19 23.69 -11.80
C THR E 237 33.26 24.45 -13.12
N PHE E 238 33.29 23.74 -14.25
CA PHE E 238 33.42 24.40 -15.55
C PHE E 238 32.18 25.20 -15.90
N GLY E 239 30.99 24.63 -15.69
CA GLY E 239 29.77 25.34 -16.00
C GLY E 239 28.84 24.58 -16.93
N ALA E 240 29.00 23.27 -16.99
CA ALA E 240 28.11 22.44 -17.79
C ALA E 240 27.58 21.30 -16.93
N PRO E 241 26.33 20.88 -17.16
CA PRO E 241 25.78 19.77 -16.39
C PRO E 241 26.40 18.46 -16.84
N ILE E 242 27.16 17.82 -15.94
CA ILE E 242 27.78 16.55 -16.28
C ILE E 242 26.72 15.44 -16.39
N ARG E 243 25.60 15.60 -15.68
CA ARG E 243 24.43 14.75 -15.90
C ARG E 243 23.44 15.55 -16.74
N ASP E 244 23.73 15.66 -18.03
CA ASP E 244 22.94 16.48 -18.93
C ASP E 244 21.77 15.68 -19.48
N PHE E 245 20.58 16.23 -19.34
CA PHE E 245 19.35 15.65 -19.86
C PHE E 245 18.59 16.69 -20.69
N SER E 246 19.32 17.50 -21.44
CA SER E 246 18.71 18.59 -22.20
C SER E 246 17.82 18.11 -23.33
N LYS E 247 17.89 16.84 -23.70
CA LYS E 247 17.07 16.27 -24.75
C LYS E 247 16.41 14.97 -24.35
N ILE E 248 16.66 14.48 -23.14
CA ILE E 248 16.45 13.08 -22.79
C ILE E 248 15.40 12.98 -21.67
N GLU E 249 14.70 14.08 -21.40
CA GLU E 249 13.70 14.13 -20.34
C GLU E 249 12.57 13.13 -20.57
N GLY E 250 12.28 12.81 -21.83
CA GLY E 250 11.28 11.80 -22.12
C GLY E 250 11.68 10.41 -21.66
N HIS E 251 12.94 10.02 -21.90
CA HIS E 251 13.42 8.74 -21.40
C HIS E 251 13.38 8.67 -19.88
N LEU E 252 13.79 9.75 -19.21
CA LEU E 252 13.78 9.76 -17.75
C LEU E 252 12.38 9.60 -17.22
N ALA E 253 11.42 10.34 -17.79
CA ALA E 253 10.03 10.23 -17.36
C ALA E 253 9.49 8.82 -17.63
N TRP E 254 9.81 8.27 -18.81
CA TRP E 254 9.33 6.94 -19.18
C TRP E 254 9.85 5.87 -18.23
N THR E 255 11.15 5.91 -17.92
CA THR E 255 11.75 4.91 -17.05
C THR E 255 11.23 5.02 -15.63
N ILE E 256 11.13 6.25 -15.11
CA ILE E 256 10.61 6.45 -13.75
C ILE E 256 9.18 5.98 -13.65
N SER E 257 8.35 6.32 -14.66
CA SER E 257 6.94 5.95 -14.63
C SER E 257 6.75 4.44 -14.75
N THR E 258 7.53 3.78 -15.62
CA THR E 258 7.41 2.33 -15.76
C THR E 258 7.84 1.61 -14.49
N ALA E 259 8.94 2.06 -13.87
CA ALA E 259 9.37 1.45 -12.61
C ALA E 259 8.34 1.67 -11.50
N ALA E 260 7.76 2.87 -11.43
CA ALA E 260 6.76 3.16 -10.42
C ALA E 260 5.50 2.31 -10.60
N TYR E 261 5.06 2.13 -11.86
CA TYR E 261 3.89 1.30 -12.09
C TYR E 261 4.18 -0.18 -11.86
N TYR E 262 5.42 -0.62 -12.11
CA TYR E 262 5.75 -2.01 -11.79
C TYR E 262 5.77 -2.24 -10.29
N LYS E 263 6.32 -1.29 -9.53
CA LYS E 263 6.28 -1.40 -8.08
C LYS E 263 4.91 -1.12 -7.51
N ALA E 264 4.00 -0.54 -8.30
CA ALA E 264 2.64 -0.30 -7.87
C ALA E 264 1.90 -1.59 -7.61
N GLY E 265 2.09 -2.58 -8.46
CA GLY E 265 1.36 -3.83 -8.36
C GLY E 265 0.74 -4.20 -9.69
N GLY E 266 0.80 -3.28 -10.65
CA GLY E 266 0.21 -3.53 -11.94
C GLY E 266 1.17 -4.18 -12.92
N LYS E 267 0.60 -4.77 -13.95
CA LYS E 267 1.37 -5.44 -14.99
C LYS E 267 1.37 -4.57 -16.24
N PRO E 268 2.50 -3.97 -16.62
CA PRO E 268 2.52 -3.11 -17.81
C PRO E 268 2.32 -3.87 -19.12
N TRP E 269 3.10 -4.92 -19.35
CA TRP E 269 2.96 -5.71 -20.55
C TRP E 269 3.47 -7.12 -20.30
N LYS E 270 3.06 -8.04 -21.18
CA LYS E 270 3.46 -9.43 -21.08
C LYS E 270 3.80 -9.92 -22.48
N LEU E 271 4.08 -11.22 -22.61
CA LEU E 271 4.33 -11.83 -23.90
C LEU E 271 3.21 -12.81 -24.24
N GLY E 272 2.94 -12.94 -25.53
CA GLY E 272 1.75 -13.63 -25.99
C GLY E 272 1.91 -15.12 -26.22
N ASP E 273 2.93 -15.52 -26.97
CA ASP E 273 3.08 -16.91 -27.39
C ASP E 273 3.58 -17.75 -26.23
N ILE E 274 2.68 -18.51 -25.61
CA ILE E 274 3.01 -19.46 -24.56
C ILE E 274 2.26 -20.75 -24.87
N ARG E 275 3.00 -21.81 -25.19
CA ARG E 275 2.39 -23.11 -25.37
C ARG E 275 1.99 -23.68 -24.01
N PRO E 276 1.03 -24.62 -23.97
CA PRO E 276 0.61 -25.18 -22.66
C PRO E 276 1.71 -25.99 -21.97
N GLY E 277 2.21 -25.48 -20.86
CA GLY E 277 3.17 -26.20 -20.05
C GLY E 277 4.62 -26.07 -20.47
N VAL E 278 5.13 -24.84 -20.52
CA VAL E 278 6.54 -24.59 -20.80
C VAL E 278 7.07 -23.58 -19.77
N CYS E 279 8.23 -23.88 -19.19
CA CYS E 279 8.81 -23.03 -18.17
C CYS E 279 10.30 -22.84 -18.44
N TYR E 280 10.75 -21.59 -18.41
CA TYR E 280 12.16 -21.26 -18.62
C TYR E 280 12.81 -21.02 -17.26
N LEU E 281 13.82 -21.81 -16.94
CA LEU E 281 14.50 -21.71 -15.64
C LEU E 281 15.85 -21.04 -15.87
N GLY E 282 15.87 -19.72 -15.80
CA GLY E 282 17.13 -19.00 -15.92
C GLY E 282 17.96 -19.14 -14.67
N LEU E 283 19.03 -19.94 -14.74
CA LEU E 283 19.80 -20.31 -13.56
C LEU E 283 20.91 -19.29 -13.35
N VAL E 284 20.85 -18.59 -12.22
CA VAL E 284 21.87 -17.60 -11.90
C VAL E 284 23.20 -18.30 -11.65
N TYR E 285 24.28 -17.72 -12.18
CA TYR E 285 25.61 -18.21 -11.86
C TYR E 285 26.53 -17.08 -11.41
N LYS E 286 25.95 -15.99 -10.93
CA LYS E 286 26.73 -14.92 -10.31
C LYS E 286 27.43 -15.45 -9.08
N LYS E 287 28.73 -15.18 -8.97
CA LYS E 287 29.54 -15.74 -7.91
C LYS E 287 29.61 -14.76 -6.75
N ILE E 288 29.08 -15.19 -5.59
CA ILE E 288 29.32 -14.48 -4.34
C ILE E 288 30.83 -14.48 -4.07
N GLU E 289 31.32 -13.43 -3.42
CA GLU E 289 32.76 -13.19 -3.42
C GLU E 289 33.26 -12.66 -2.08
N LYS E 290 32.67 -13.09 -0.96
CA LYS E 290 32.96 -12.46 0.33
C LYS E 290 34.18 -13.09 1.00
N SER E 291 35.29 -13.06 0.28
CA SER E 291 36.65 -13.29 0.81
C SER E 291 36.75 -14.70 1.41
N LYS E 292 37.23 -14.84 2.66
CA LYS E 292 37.48 -16.16 3.25
C LYS E 292 36.21 -16.88 3.68
N ASN E 293 35.08 -16.18 3.78
CA ASN E 293 33.79 -16.82 3.96
C ASN E 293 33.55 -17.71 2.76
N PRO E 294 33.31 -19.02 2.95
CA PRO E 294 33.28 -19.94 1.80
C PRO E 294 32.14 -19.66 0.86
N GLN E 295 32.48 -19.10 -0.31
CA GLN E 295 31.45 -18.63 -1.22
C GLN E 295 30.89 -19.77 -2.06
N ASN E 296 31.77 -20.63 -2.58
CA ASN E 296 31.42 -21.82 -3.35
C ASN E 296 30.47 -21.51 -4.52
N ALA E 297 29.16 -21.69 -4.32
CA ALA E 297 28.21 -21.41 -5.38
C ALA E 297 26.87 -21.02 -4.78
N CYS E 298 26.49 -19.75 -4.95
CA CYS E 298 25.22 -19.22 -4.45
C CYS E 298 24.20 -19.06 -5.57
N CYS E 299 24.13 -20.05 -6.46
CA CYS E 299 23.24 -20.00 -7.63
C CYS E 299 21.78 -19.82 -7.22
N ALA E 300 21.09 -18.90 -7.90
CA ALA E 300 19.65 -18.69 -7.78
C ALA E 300 19.01 -19.02 -9.13
N ALA E 301 17.70 -18.75 -9.25
CA ALA E 301 17.02 -19.09 -10.49
C ALA E 301 15.75 -18.26 -10.65
N GLN E 302 15.47 -17.85 -11.89
CA GLN E 302 14.21 -17.24 -12.28
C GLN E 302 13.31 -18.26 -12.97
N MET E 303 12.04 -17.88 -13.14
CA MET E 303 11.15 -18.62 -14.01
C MET E 303 10.04 -17.71 -14.52
N PHE E 304 9.74 -17.83 -15.80
CA PHE E 304 8.62 -17.14 -16.42
C PHE E 304 7.65 -18.20 -16.92
N LEU E 305 6.41 -18.15 -16.44
CA LEU E 305 5.46 -19.24 -16.65
C LEU E 305 4.25 -18.84 -17.49
N ASP E 306 3.50 -17.82 -17.09
CA ASP E 306 2.30 -17.45 -17.84
C ASP E 306 2.14 -15.95 -18.03
N ASN E 307 2.88 -15.12 -17.32
CA ASN E 307 2.85 -13.68 -17.48
C ASN E 307 4.28 -13.18 -17.36
N GLY E 308 4.45 -11.89 -17.11
CA GLY E 308 5.75 -11.35 -16.80
C GLY E 308 6.19 -11.53 -15.37
N ASP E 309 5.47 -12.36 -14.60
CA ASP E 309 5.79 -12.56 -13.20
C ASP E 309 7.09 -13.33 -13.04
N GLY E 310 7.97 -12.81 -12.19
CA GLY E 310 9.21 -13.50 -11.90
C GLY E 310 9.22 -14.03 -10.49
N THR E 311 9.10 -15.34 -10.34
CA THR E 311 9.05 -16.00 -9.04
C THR E 311 10.41 -16.64 -8.81
N VAL E 312 11.26 -15.97 -8.05
CA VAL E 312 12.64 -16.38 -7.83
C VAL E 312 12.78 -16.98 -6.45
N PHE E 313 13.29 -18.21 -6.39
CA PHE E 313 13.49 -18.89 -5.12
C PHE E 313 14.96 -18.82 -4.72
N LYS E 314 15.22 -19.10 -3.45
CA LYS E 314 16.58 -19.07 -2.92
C LYS E 314 17.24 -20.42 -3.16
N GLY E 315 18.25 -20.43 -4.03
CA GLY E 315 19.09 -21.60 -4.14
C GLY E 315 20.01 -21.74 -2.94
N GLU E 316 20.46 -22.96 -2.72
CA GLU E 316 21.28 -23.26 -1.55
C GLU E 316 22.66 -22.60 -1.67
N VAL E 317 23.25 -22.32 -0.50
CA VAL E 317 24.58 -21.74 -0.44
C VAL E 317 25.62 -22.70 -1.00
N GLY E 318 25.35 -23.99 -0.96
CA GLY E 318 26.06 -24.95 -1.75
C GLY E 318 27.49 -25.20 -1.33
N PRO E 319 27.70 -25.90 -0.20
CA PRO E 319 29.07 -26.20 0.25
C PRO E 319 29.87 -27.10 -0.67
N TRP E 320 29.26 -27.61 -1.74
CA TRP E 320 29.98 -28.37 -2.75
C TRP E 320 30.93 -27.48 -3.53
N TYR E 321 32.14 -27.98 -3.75
CA TYR E 321 33.10 -27.44 -4.72
C TYR E 321 33.43 -25.98 -4.44
N ASN E 322 34.10 -25.79 -3.29
CA ASN E 322 34.71 -24.52 -2.87
C ASN E 322 35.55 -23.96 -4.02
N PRO E 323 35.70 -22.61 -4.14
CA PRO E 323 35.98 -22.01 -5.46
C PRO E 323 37.26 -22.44 -6.16
N GLU E 324 38.06 -23.30 -5.53
CA GLU E 324 39.16 -23.95 -6.22
C GLU E 324 38.67 -24.90 -7.31
N LYS E 325 37.40 -25.32 -7.25
CA LYS E 325 36.74 -26.07 -8.33
C LYS E 325 35.43 -25.36 -8.62
N GLY E 326 35.48 -24.35 -9.47
CA GLY E 326 34.31 -23.55 -9.77
C GLY E 326 33.62 -23.93 -11.06
N GLU E 327 33.76 -25.18 -11.48
CA GLU E 327 33.16 -25.64 -12.73
C GLU E 327 31.65 -25.78 -12.65
N TYR E 328 31.06 -25.66 -11.45
CA TYR E 328 29.62 -25.56 -11.24
C TYR E 328 28.88 -26.80 -11.74
N HIS E 329 29.20 -27.93 -11.12
CA HIS E 329 28.52 -29.20 -11.39
C HIS E 329 27.75 -29.57 -10.13
N LEU E 330 26.43 -29.41 -10.18
CA LEU E 330 25.60 -29.48 -8.98
C LEU E 330 25.42 -30.91 -8.51
N LYS E 331 25.52 -31.11 -7.19
CA LYS E 331 25.31 -32.41 -6.59
C LYS E 331 23.83 -32.76 -6.59
N PRO E 332 23.48 -34.06 -6.53
CA PRO E 332 22.07 -34.45 -6.73
C PRO E 332 21.08 -33.84 -5.75
N LYS E 333 21.46 -33.68 -4.48
CA LYS E 333 20.52 -33.19 -3.48
C LYS E 333 20.10 -31.75 -3.76
N GLU E 334 21.09 -30.87 -3.96
CA GLU E 334 20.79 -29.47 -4.20
C GLU E 334 20.15 -29.26 -5.57
N ALA E 335 20.56 -30.04 -6.56
CA ALA E 335 19.96 -29.97 -7.88
C ALA E 335 18.48 -30.34 -7.83
N LYS E 336 18.16 -31.45 -7.16
CA LYS E 336 16.77 -31.86 -7.07
C LYS E 336 15.98 -30.94 -6.15
N ALA E 337 16.65 -30.28 -5.20
CA ALA E 337 15.97 -29.25 -4.41
C ALA E 337 15.55 -28.07 -5.26
N LEU E 338 16.47 -27.60 -6.12
CA LEU E 338 16.16 -26.48 -7.01
C LEU E 338 15.04 -26.85 -7.99
N LEU E 339 15.15 -28.03 -8.61
CA LEU E 339 14.11 -28.45 -9.55
C LEU E 339 12.78 -28.68 -8.85
N THR E 340 12.79 -29.21 -7.63
CA THR E 340 11.55 -29.43 -6.91
C THR E 340 10.91 -28.11 -6.53
N GLN E 341 11.71 -27.09 -6.19
CA GLN E 341 11.17 -25.76 -5.95
C GLN E 341 10.47 -25.23 -7.19
N ALA E 342 11.13 -25.34 -8.35
CA ALA E 342 10.53 -24.86 -9.59
C ALA E 342 9.25 -25.64 -9.94
N LEU E 343 9.28 -26.95 -9.80
CA LEU E 343 8.14 -27.78 -10.18
C LEU E 343 6.97 -27.58 -9.23
N GLU E 344 7.23 -27.51 -7.92
CA GLU E 344 6.16 -27.30 -6.95
C GLU E 344 5.54 -25.92 -7.11
N SER E 345 6.36 -24.89 -7.38
CA SER E 345 5.79 -23.57 -7.59
C SER E 345 4.99 -23.50 -8.88
N TYR E 346 5.42 -24.22 -9.92
CA TYR E 346 4.61 -24.32 -11.12
C TYR E 346 3.28 -25.02 -10.84
N LYS E 347 3.31 -26.07 -10.01
CA LYS E 347 2.07 -26.76 -9.65
C LYS E 347 1.14 -25.84 -8.87
N GLU E 348 1.71 -25.01 -8.00
CA GLU E 348 0.87 -24.10 -7.22
C GLU E 348 0.25 -23.01 -8.09
N GLN E 349 1.01 -22.44 -9.02
CA GLN E 349 0.50 -21.31 -9.78
C GLN E 349 -0.22 -21.71 -11.07
N ASN E 350 -0.16 -22.97 -11.50
CA ASN E 350 -0.82 -23.34 -12.74
C ASN E 350 -1.59 -24.66 -12.70
N LYS E 351 -1.46 -25.47 -11.66
CA LYS E 351 -2.24 -26.68 -11.38
C LYS E 351 -1.92 -27.83 -12.34
N SER E 352 -1.14 -27.58 -13.40
CA SER E 352 -0.82 -28.62 -14.38
C SER E 352 0.69 -28.81 -14.44
N TYR E 353 1.09 -30.05 -14.75
CA TYR E 353 2.50 -30.39 -14.80
C TYR E 353 3.16 -29.78 -16.03
N PRO E 354 4.42 -29.36 -15.93
CA PRO E 354 5.09 -28.76 -17.09
C PRO E 354 5.46 -29.80 -18.13
N LYS E 355 5.15 -29.51 -19.39
CA LYS E 355 5.49 -30.41 -20.48
C LYS E 355 6.97 -30.32 -20.84
N GLU E 356 7.58 -29.16 -20.67
CA GLU E 356 8.96 -28.97 -21.11
C GLU E 356 9.57 -27.82 -20.32
N VAL E 357 10.78 -28.04 -19.81
CA VAL E 357 11.46 -27.08 -18.95
C VAL E 357 12.76 -26.65 -19.61
N PHE E 358 12.92 -25.35 -19.81
CA PHE E 358 14.14 -24.77 -20.38
C PHE E 358 15.02 -24.25 -19.26
N ILE E 359 16.34 -24.43 -19.41
CA ILE E 359 17.30 -24.01 -18.40
C ILE E 359 18.31 -23.07 -19.06
N HIS E 360 18.44 -21.87 -18.52
CA HIS E 360 19.37 -20.86 -19.01
C HIS E 360 20.50 -20.70 -18.00
N ALA E 361 21.73 -20.73 -18.47
CA ALA E 361 22.89 -20.54 -17.60
C ALA E 361 24.02 -19.94 -18.44
N ARG E 362 25.21 -19.85 -17.84
CA ARG E 362 26.35 -19.30 -18.54
C ARG E 362 27.56 -20.23 -18.60
N THR E 363 27.49 -21.41 -17.99
CA THR E 363 28.60 -22.35 -18.05
C THR E 363 28.10 -23.68 -18.61
N ARG E 364 29.03 -24.62 -18.76
CA ARG E 364 28.73 -25.90 -19.37
C ARG E 364 28.13 -26.86 -18.35
N PHE E 365 27.33 -27.80 -18.83
CA PHE E 365 26.61 -28.76 -18.00
C PHE E 365 27.14 -30.16 -18.27
N ASN E 366 27.42 -30.91 -17.20
CA ASN E 366 28.00 -32.24 -17.31
C ASN E 366 26.96 -33.30 -16.95
N ASP E 367 27.40 -34.56 -17.02
CA ASP E 367 26.47 -35.69 -17.08
C ASP E 367 25.80 -36.00 -15.75
N GLU E 368 26.55 -35.98 -14.64
CA GLU E 368 25.98 -36.40 -13.36
C GLU E 368 24.91 -35.43 -12.88
N GLU E 369 25.12 -34.13 -13.10
CA GLU E 369 24.11 -33.14 -12.77
C GLU E 369 22.85 -33.36 -13.59
N TRP E 370 22.98 -33.64 -14.89
CA TRP E 370 21.82 -33.83 -15.74
C TRP E 370 21.05 -35.09 -15.37
N ASN E 371 21.77 -36.17 -15.05
CA ASN E 371 21.10 -37.37 -14.58
C ASN E 371 20.41 -37.14 -13.24
N ALA E 372 20.97 -36.27 -12.40
CA ALA E 372 20.27 -35.89 -11.17
C ALA E 372 19.01 -35.09 -11.47
N PHE E 373 19.09 -34.19 -12.45
CA PHE E 373 17.91 -33.42 -12.87
C PHE E 373 16.81 -34.32 -13.40
N ASN E 374 17.17 -35.36 -14.15
CA ASN E 374 16.16 -36.09 -14.94
C ASN E 374 15.26 -36.97 -14.08
N GLU E 375 15.77 -37.58 -13.00
CA GLU E 375 15.01 -38.60 -12.28
C GLU E 375 13.81 -38.00 -11.55
N VAL E 376 13.97 -36.82 -10.95
CA VAL E 376 12.86 -36.18 -10.25
C VAL E 376 11.76 -35.79 -11.24
N THR E 377 12.15 -35.27 -12.41
CA THR E 377 11.17 -34.95 -13.43
C THR E 377 10.53 -36.23 -13.96
N PRO E 378 9.23 -36.22 -14.25
CA PRO E 378 8.55 -37.45 -14.67
C PRO E 378 8.96 -37.94 -16.04
N LYS E 379 8.37 -39.06 -16.48
CA LYS E 379 8.77 -39.67 -17.74
C LYS E 379 8.33 -38.85 -18.95
N ASN E 380 7.24 -38.09 -18.83
CA ASN E 380 6.70 -37.40 -20.00
C ASN E 380 7.55 -36.18 -20.36
N THR E 381 7.97 -35.40 -19.38
CA THR E 381 8.48 -34.06 -19.64
C THR E 381 9.89 -34.09 -20.21
N ASN E 382 10.29 -32.97 -20.80
CA ASN E 382 11.56 -32.82 -21.48
C ASN E 382 12.33 -31.65 -20.86
N LEU E 383 13.64 -31.82 -20.74
CA LEU E 383 14.50 -30.82 -20.12
C LEU E 383 15.63 -30.48 -21.07
N VAL E 384 15.95 -29.19 -21.16
CA VAL E 384 17.01 -28.69 -22.03
C VAL E 384 17.78 -27.60 -21.31
N GLY E 385 19.10 -27.60 -21.49
CA GLY E 385 19.95 -26.58 -20.89
C GLY E 385 20.65 -25.72 -21.93
N VAL E 386 20.63 -24.42 -21.74
CA VAL E 386 21.11 -23.46 -22.74
C VAL E 386 22.16 -22.56 -22.08
N THR E 387 23.30 -22.42 -22.74
CA THR E 387 24.39 -21.57 -22.24
C THR E 387 24.48 -20.30 -23.08
N ILE E 388 24.55 -19.16 -22.41
CA ILE E 388 24.70 -17.86 -23.05
C ILE E 388 25.99 -17.24 -22.56
N THR E 389 26.75 -16.64 -23.48
CA THR E 389 28.00 -15.98 -23.11
C THR E 389 28.22 -14.77 -24.00
N LYS E 390 29.05 -13.85 -23.51
CA LYS E 390 29.44 -12.66 -24.25
C LYS E 390 30.90 -12.69 -24.69
N SER E 391 31.75 -13.44 -24.00
CA SER E 391 33.19 -13.38 -24.21
C SER E 391 33.62 -13.88 -25.58
N LYS E 392 32.79 -14.66 -26.26
CA LYS E 392 33.17 -15.17 -27.57
C LYS E 392 33.12 -14.06 -28.61
N PRO E 393 34.20 -13.77 -29.31
CA PRO E 393 34.17 -12.72 -30.33
C PRO E 393 33.79 -13.21 -31.71
N LEU E 394 32.81 -12.57 -32.32
CA LEU E 394 32.57 -12.70 -33.76
C LEU E 394 31.82 -11.44 -34.18
N LYS E 395 32.55 -10.49 -34.76
CA LYS E 395 31.97 -9.22 -35.17
C LYS E 395 31.80 -9.19 -36.69
N LEU E 396 30.59 -8.87 -37.12
CA LEU E 396 30.23 -8.83 -38.54
C LEU E 396 30.10 -7.38 -38.96
N TYR E 397 30.79 -7.02 -40.03
CA TYR E 397 30.91 -5.65 -40.48
C TYR E 397 30.16 -5.48 -41.78
N LYS E 398 29.63 -4.28 -42.01
CA LYS E 398 28.76 -4.07 -43.14
C LYS E 398 29.53 -3.39 -44.27
N THR E 399 29.31 -3.86 -45.50
CA THR E 399 30.14 -3.47 -46.63
C THR E 399 29.94 -2.00 -47.00
N GLU E 400 28.70 -1.57 -47.15
CA GLU E 400 28.42 -0.22 -47.65
C GLU E 400 27.48 0.51 -46.70
N GLY E 401 27.63 1.82 -46.62
CA GLY E 401 26.86 2.60 -45.68
C GLY E 401 27.50 2.66 -44.31
N ALA E 402 26.77 3.28 -43.37
CA ALA E 402 27.27 3.56 -42.03
C ALA E 402 26.27 3.11 -40.98
N PHE E 403 25.78 1.88 -41.11
CA PHE E 403 24.77 1.33 -40.23
C PHE E 403 25.20 -0.06 -39.77
N PRO E 404 24.64 -0.56 -38.66
CA PRO E 404 25.04 -1.90 -38.19
C PRO E 404 24.17 -3.02 -38.72
N ILE E 405 24.41 -4.23 -38.20
CA ILE E 405 23.50 -5.35 -38.41
C ILE E 405 22.12 -5.03 -37.82
N MET E 406 21.11 -5.74 -38.30
CA MET E 406 19.76 -5.55 -37.82
C MET E 406 19.42 -6.60 -36.76
N ARG E 407 18.51 -6.22 -35.87
CA ARG E 407 18.09 -7.11 -34.79
C ARG E 407 17.20 -8.22 -35.35
N GLY E 408 17.61 -9.46 -35.16
CA GLY E 408 16.83 -10.59 -35.63
C GLY E 408 17.64 -11.57 -36.45
N ASN E 409 18.85 -11.17 -36.83
CA ASN E 409 19.72 -12.04 -37.61
C ASN E 409 20.24 -13.17 -36.73
N ALA E 410 20.36 -14.35 -37.32
CA ALA E 410 20.85 -15.53 -36.62
C ALA E 410 21.87 -16.25 -37.47
N TYR E 411 22.89 -16.80 -36.81
CA TYR E 411 23.96 -17.55 -37.46
C TYR E 411 24.04 -18.92 -36.80
N ILE E 412 23.91 -19.98 -37.59
CA ILE E 412 23.91 -21.34 -37.09
C ILE E 412 25.18 -22.04 -37.59
N VAL E 413 25.91 -22.67 -36.68
CA VAL E 413 27.13 -23.38 -37.04
C VAL E 413 26.90 -24.88 -36.94
N ASP E 414 25.97 -25.28 -36.08
CA ASP E 414 25.59 -26.68 -35.93
C ASP E 414 24.20 -26.73 -35.29
N GLU E 415 23.71 -27.95 -35.09
CA GLU E 415 22.45 -28.12 -34.38
C GLU E 415 22.57 -27.70 -32.92
N LYS E 416 23.72 -27.95 -32.31
CA LYS E 416 23.92 -27.63 -30.89
C LYS E 416 24.30 -26.17 -30.67
N LYS E 417 25.30 -25.67 -31.39
CA LYS E 417 25.77 -24.30 -31.20
C LYS E 417 25.23 -23.39 -32.30
N ALA E 418 25.01 -22.13 -31.93
CA ALA E 418 24.49 -21.13 -32.87
C ALA E 418 24.84 -19.74 -32.34
N PHE E 419 24.46 -18.73 -33.10
CA PHE E 419 24.60 -17.32 -32.74
C PHE E 419 23.26 -16.63 -32.82
N LEU E 420 23.21 -15.40 -32.30
CA LEU E 420 22.00 -14.58 -32.36
C LEU E 420 22.40 -13.12 -32.18
N TRP E 421 22.00 -12.27 -33.13
CA TRP E 421 22.35 -10.86 -33.10
C TRP E 421 21.20 -10.10 -32.44
N THR E 422 21.27 -9.98 -31.11
CA THR E 422 20.20 -9.34 -30.37
C THR E 422 20.23 -7.83 -30.53
N LEU E 423 21.42 -7.23 -30.52
CA LEU E 423 21.55 -5.79 -30.61
C LEU E 423 21.93 -5.34 -32.02
N GLY E 424 21.52 -4.14 -32.37
CA GLY E 424 21.82 -3.59 -33.68
C GLY E 424 20.75 -2.60 -34.09
N PHE E 425 20.76 -2.28 -35.38
CA PHE E 425 19.78 -1.36 -35.94
C PHE E 425 18.39 -1.99 -35.92
N VAL E 426 17.39 -1.17 -35.60
CA VAL E 426 16.00 -1.59 -35.53
C VAL E 426 15.21 -0.76 -36.52
N PRO E 427 14.44 -1.37 -37.43
CA PRO E 427 13.67 -0.57 -38.40
C PRO E 427 12.66 0.36 -37.75
N LYS E 428 12.01 -0.07 -36.68
CA LYS E 428 10.98 0.74 -36.05
C LYS E 428 11.58 2.00 -35.43
N LEU E 429 12.66 1.84 -34.65
CA LEU E 429 13.27 2.99 -34.01
C LEU E 429 14.04 3.85 -35.00
N GLN E 430 14.47 3.27 -36.12
CA GLN E 430 15.35 3.92 -37.10
C GLN E 430 16.62 4.42 -36.43
N SER E 431 17.22 3.55 -35.63
CA SER E 431 18.53 3.74 -35.01
C SER E 431 18.98 2.38 -34.49
N THR E 432 20.11 2.36 -33.80
CA THR E 432 20.62 1.17 -33.16
C THR E 432 20.70 1.38 -31.66
N LEU E 433 20.46 0.32 -30.90
CA LEU E 433 20.62 0.39 -29.45
C LEU E 433 22.08 0.32 -29.05
N SER E 434 22.88 -0.46 -29.76
CA SER E 434 24.26 -0.70 -29.38
C SER E 434 25.14 0.49 -29.72
N MET E 435 26.36 0.48 -29.19
CA MET E 435 27.33 1.52 -29.46
C MET E 435 28.47 0.90 -30.26
N GLU E 436 29.06 1.70 -31.15
CA GLU E 436 29.99 1.24 -32.17
C GLU E 436 29.38 0.13 -33.02
N VAL E 437 29.85 -1.10 -32.83
CA VAL E 437 29.41 -2.26 -33.59
C VAL E 437 28.84 -3.28 -32.62
N PRO E 438 27.66 -3.84 -32.86
CA PRO E 438 27.09 -4.78 -31.90
C PRO E 438 27.87 -6.08 -31.81
N ASN E 439 27.88 -6.65 -30.61
CA ASN E 439 28.54 -7.91 -30.33
C ASN E 439 27.49 -8.97 -30.01
N PRO E 440 27.47 -10.09 -30.71
CA PRO E 440 26.43 -11.10 -30.50
C PRO E 440 26.70 -11.93 -29.25
N ILE E 441 25.84 -12.92 -29.05
CA ILE E 441 25.97 -13.86 -27.94
C ILE E 441 26.04 -15.27 -28.51
N PHE E 442 26.86 -16.10 -27.89
CA PHE E 442 27.03 -17.48 -28.32
C PHE E 442 26.06 -18.37 -27.56
N ILE E 443 25.23 -19.10 -28.29
CA ILE E 443 24.20 -19.97 -27.73
C ILE E 443 24.52 -21.40 -28.12
N GLU E 444 24.57 -22.28 -27.12
CA GLU E 444 24.80 -23.70 -27.38
C GLU E 444 23.97 -24.51 -26.40
N ILE E 445 23.33 -25.56 -26.91
CA ILE E 445 22.54 -26.47 -26.10
C ILE E 445 23.36 -27.71 -25.82
N ASN E 446 23.37 -28.14 -24.55
CA ASN E 446 24.25 -29.23 -24.15
C ASN E 446 23.71 -30.56 -24.63
N LYS E 447 22.55 -30.97 -24.12
CA LYS E 447 21.91 -32.22 -24.52
C LYS E 447 20.44 -32.17 -24.16
N GLY E 448 19.61 -32.77 -25.01
CA GLY E 448 18.17 -32.64 -24.95
C GLY E 448 17.62 -32.33 -26.32
N GLU E 449 16.61 -33.08 -26.74
CA GLU E 449 16.07 -32.93 -28.10
C GLU E 449 15.17 -31.71 -28.17
N ALA E 450 15.58 -30.72 -28.97
CA ALA E 450 14.80 -29.52 -29.18
C ALA E 450 15.22 -28.89 -30.51
N GLU E 451 14.41 -27.97 -30.98
CA GLU E 451 14.70 -27.24 -32.22
C GLU E 451 15.49 -25.98 -31.90
N ILE E 452 16.52 -25.72 -32.71
CA ILE E 452 17.39 -24.57 -32.47
C ILE E 452 16.66 -23.26 -32.80
N GLN E 453 15.79 -23.28 -33.81
CA GLN E 453 15.02 -22.08 -34.12
C GLN E 453 14.06 -21.72 -33.00
N GLN E 454 13.53 -22.73 -32.30
CA GLN E 454 12.62 -22.47 -31.19
C GLN E 454 13.34 -21.77 -30.04
N VAL E 455 14.53 -22.25 -29.68
CA VAL E 455 15.25 -21.63 -28.57
C VAL E 455 15.76 -20.25 -28.97
N LEU E 456 16.14 -20.06 -30.24
CA LEU E 456 16.55 -18.74 -30.70
C LEU E 456 15.41 -17.73 -30.61
N LYS E 457 14.23 -18.10 -31.11
CA LYS E 457 13.09 -17.18 -31.02
C LYS E 457 12.64 -17.02 -29.58
N ASP E 458 12.87 -18.03 -28.73
CA ASP E 458 12.46 -17.93 -27.33
C ASP E 458 13.34 -16.94 -26.57
N ILE E 459 14.66 -16.98 -26.78
CA ILE E 459 15.51 -16.02 -26.09
C ILE E 459 15.28 -14.62 -26.66
N LEU E 460 15.02 -14.53 -27.97
CA LEU E 460 14.71 -13.23 -28.56
C LEU E 460 13.42 -12.65 -27.99
N ALA E 461 12.42 -13.50 -27.72
CA ALA E 461 11.21 -13.03 -27.06
C ALA E 461 11.48 -12.65 -25.61
N LEU E 462 12.35 -13.41 -24.95
CA LEU E 462 12.67 -13.14 -23.55
C LEU E 462 13.47 -11.86 -23.36
N THR E 463 14.13 -11.37 -24.41
CA THR E 463 14.97 -10.19 -24.27
C THR E 463 14.18 -8.91 -24.01
N LYS E 464 12.89 -8.88 -24.33
CA LYS E 464 12.13 -7.64 -24.33
C LYS E 464 11.31 -7.43 -23.05
N LEU E 465 11.50 -8.25 -22.02
CA LEU E 465 10.70 -8.17 -20.80
C LEU E 465 11.45 -7.47 -19.68
N ASN E 466 12.26 -6.47 -20.00
CA ASN E 466 12.91 -5.67 -18.98
C ASN E 466 11.91 -4.72 -18.35
N TYR E 467 11.81 -4.74 -17.03
CA TYR E 467 10.83 -3.92 -16.32
C TYR E 467 11.42 -2.72 -15.62
N ASN E 468 12.71 -2.75 -15.26
CA ASN E 468 13.33 -1.60 -14.62
C ASN E 468 13.51 -0.44 -15.59
N ALA E 469 13.72 -0.74 -16.88
CA ALA E 469 14.01 0.28 -17.88
C ALA E 469 12.99 0.19 -19.00
N CYS E 470 12.57 1.36 -19.50
CA CYS E 470 11.66 1.44 -20.64
C CYS E 470 12.48 1.65 -21.92
N ILE E 471 13.23 0.61 -22.25
CA ILE E 471 14.04 0.59 -23.46
C ILE E 471 13.46 -0.45 -24.41
N TYR E 472 13.85 -0.37 -25.68
CA TYR E 472 13.34 -1.29 -26.68
C TYR E 472 13.81 -2.72 -26.41
N ALA E 473 15.12 -2.90 -26.21
CA ALA E 473 15.66 -4.20 -25.87
C ALA E 473 17.04 -4.03 -25.24
N ASP E 474 17.47 -5.05 -24.52
CA ASP E 474 18.82 -5.16 -24.00
C ASP E 474 19.50 -6.35 -24.66
N GLY E 475 20.81 -6.46 -24.44
CA GLY E 475 21.57 -7.56 -24.99
C GLY E 475 21.21 -8.90 -24.36
N GLU E 476 21.54 -9.05 -23.08
CA GLU E 476 21.31 -10.32 -22.41
C GLU E 476 19.82 -10.50 -22.12
N PRO E 477 19.35 -11.75 -22.09
CA PRO E 477 17.96 -12.01 -21.71
C PRO E 477 17.69 -11.58 -20.27
N VAL E 478 16.44 -11.19 -20.02
CA VAL E 478 16.09 -10.55 -18.76
C VAL E 478 16.17 -11.50 -17.56
N THR E 479 16.14 -12.82 -17.80
CA THR E 479 16.39 -13.76 -16.71
C THR E 479 17.83 -13.62 -16.21
N LEU E 480 18.78 -13.61 -17.13
CA LEU E 480 20.18 -13.40 -16.75
C LEU E 480 20.44 -11.96 -16.33
N ARG E 481 19.59 -11.00 -16.73
CA ARG E 481 19.76 -9.64 -16.26
C ARG E 481 19.31 -9.50 -14.81
N PHE E 482 18.17 -10.12 -14.46
CA PHE E 482 17.72 -10.13 -13.07
C PHE E 482 18.56 -11.06 -12.21
N ALA E 483 19.34 -11.94 -12.84
CA ALA E 483 20.25 -12.83 -12.13
C ALA E 483 21.23 -12.06 -11.26
N ASN E 484 21.91 -11.06 -11.86
CA ASN E 484 22.92 -10.31 -11.12
C ASN E 484 22.31 -9.54 -9.96
N LYS E 485 21.15 -8.92 -10.19
CA LYS E 485 20.52 -8.13 -9.14
C LYS E 485 20.02 -9.03 -8.00
N ILE E 486 19.41 -10.16 -8.33
CA ILE E 486 18.92 -11.06 -7.30
C ILE E 486 20.09 -11.65 -6.51
N GLY E 487 21.20 -11.95 -7.18
CA GLY E 487 22.36 -12.45 -6.47
C GLY E 487 22.99 -11.43 -5.56
N GLU E 488 23.15 -10.19 -6.05
CA GLU E 488 23.76 -9.15 -5.25
C GLU E 488 22.91 -8.80 -4.05
N ILE E 489 21.59 -8.75 -4.20
CA ILE E 489 20.73 -8.44 -3.06
C ILE E 489 20.70 -9.61 -2.08
N LEU E 490 20.62 -10.84 -2.60
CA LEU E 490 20.41 -11.99 -1.75
C LEU E 490 21.66 -12.43 -1.01
N THR E 491 22.84 -12.15 -1.55
CA THR E 491 24.09 -12.48 -0.86
C THR E 491 24.80 -11.24 -0.32
N ALA E 492 24.07 -10.17 -0.07
CA ALA E 492 24.57 -9.07 0.75
C ALA E 492 24.23 -9.24 2.22
N SER E 493 23.42 -10.24 2.57
CA SER E 493 23.06 -10.52 3.95
C SER E 493 22.71 -11.99 4.07
N THR E 494 23.55 -12.75 4.78
CA THR E 494 23.34 -14.17 4.99
C THR E 494 22.17 -14.44 5.94
N GLU E 495 21.85 -13.48 6.80
CA GLU E 495 20.92 -13.55 7.92
C GLU E 495 19.46 -13.77 7.50
N ILE E 496 19.10 -14.04 6.24
CA ILE E 496 17.73 -14.27 5.84
C ILE E 496 17.58 -15.72 5.39
N LYS E 497 16.49 -16.35 5.81
CA LYS E 497 16.28 -17.77 5.54
C LYS E 497 15.11 -18.05 4.60
N THR E 498 14.08 -17.21 4.58
CA THR E 498 12.95 -17.36 3.66
C THR E 498 12.70 -16.03 2.97
N PRO E 499 13.44 -15.74 1.91
CA PRO E 499 13.27 -14.46 1.23
C PRO E 499 12.04 -14.46 0.36
N PRO E 500 11.44 -13.30 0.10
CA PRO E 500 10.30 -13.24 -0.82
C PRO E 500 10.72 -13.56 -2.24
N LEU E 501 9.75 -14.02 -3.02
CA LEU E 501 10.00 -14.50 -4.38
C LEU E 501 9.54 -13.50 -5.43
N ALA E 502 9.08 -12.32 -5.04
CA ALA E 502 8.56 -11.34 -5.98
C ALA E 502 9.71 -10.55 -6.59
N PHE E 503 9.38 -9.50 -7.34
CA PHE E 503 10.36 -8.69 -8.03
C PHE E 503 10.39 -7.23 -7.60
N LYS E 504 9.29 -6.70 -7.07
CA LYS E 504 9.22 -5.29 -6.71
C LYS E 504 10.16 -4.93 -5.57
N TYR E 505 10.56 -5.89 -4.76
CA TYR E 505 11.44 -5.65 -3.62
C TYR E 505 12.91 -5.75 -3.98
N TYR E 506 13.24 -5.89 -5.27
CA TYR E 506 14.62 -6.05 -5.71
C TYR E 506 15.08 -4.97 -6.68
N ILE E 507 14.29 -4.67 -7.71
CA ILE E 507 14.73 -3.75 -8.76
C ILE E 507 14.53 -2.29 -8.37
N MET F 1 -27.10 12.73 -42.81
CA MET F 1 -26.51 12.14 -41.62
C MET F 1 -25.04 12.52 -41.50
N ARG F 2 -24.65 13.03 -40.33
CA ARG F 2 -23.28 13.44 -40.07
C ARG F 2 -22.78 12.74 -38.81
N ASN F 3 -21.62 12.09 -38.93
CA ASN F 3 -21.07 11.33 -37.81
C ASN F 3 -19.55 11.46 -37.69
N LYS F 4 -18.92 12.39 -38.41
CA LYS F 4 -17.46 12.47 -38.43
C LYS F 4 -16.96 13.59 -37.54
N ILE F 5 -15.84 13.33 -36.87
CA ILE F 5 -15.19 14.30 -35.99
C ILE F 5 -14.04 14.94 -36.75
N PHE F 6 -14.05 16.26 -36.82
CA PHE F 6 -13.02 17.01 -37.55
C PHE F 6 -12.06 17.65 -36.56
N ILE F 7 -10.77 17.50 -36.82
CA ILE F 7 -9.71 18.10 -36.02
C ILE F 7 -8.85 18.97 -36.93
N SER F 8 -8.71 20.23 -36.56
CA SER F 8 -7.83 21.13 -37.36
C SER F 8 -6.67 21.57 -36.47
N HIS F 9 -5.48 21.77 -37.05
CA HIS F 9 -4.29 22.09 -36.21
C HIS F 9 -3.07 22.35 -37.08
N ALA F 10 -1.91 22.56 -36.44
CA ALA F 10 -0.65 22.73 -37.20
C ALA F 10 -0.08 21.33 -37.45
N THR F 11 -0.07 20.88 -38.71
CA THR F 11 0.37 19.50 -39.03
C THR F 11 1.76 19.22 -38.45
N PRO F 12 2.82 20.04 -38.70
CA PRO F 12 4.16 19.71 -38.21
C PRO F 12 4.43 20.21 -36.78
N GLU F 13 3.40 20.66 -36.07
CA GLU F 13 3.56 21.15 -34.68
C GLU F 13 2.78 20.28 -33.70
N ASP F 14 1.47 20.13 -33.92
CA ASP F 14 0.62 19.37 -32.96
C ASP F 14 0.53 17.90 -33.40
N ASP F 15 1.29 17.51 -34.42
CA ASP F 15 1.21 16.11 -34.95
C ASP F 15 1.08 15.11 -33.81
N ASP F 16 2.03 15.13 -32.85
CA ASP F 16 2.01 14.16 -31.73
C ASP F 16 0.66 14.17 -31.03
N PHE F 17 0.31 15.31 -30.40
CA PHE F 17 -0.97 15.42 -29.69
C PHE F 17 -2.14 15.06 -30.59
N THR F 18 -2.09 15.51 -31.84
CA THR F 18 -3.17 15.21 -32.77
C THR F 18 -3.22 13.73 -33.10
N ARG F 19 -2.06 13.08 -33.26
CA ARG F 19 -2.03 11.64 -33.47
C ARG F 19 -2.58 10.89 -32.27
N TRP F 20 -2.21 11.32 -31.06
CA TRP F 20 -2.71 10.67 -29.85
C TRP F 20 -4.22 10.80 -29.74
N LEU F 21 -4.74 12.01 -29.96
CA LEU F 21 -6.18 12.22 -29.87
C LEU F 21 -6.93 11.46 -30.96
N SER F 22 -6.42 11.47 -32.20
CA SER F 22 -7.08 10.77 -33.29
C SER F 22 -7.10 9.27 -33.06
N LEU F 23 -5.97 8.70 -32.60
CA LEU F 23 -5.92 7.27 -32.37
C LEU F 23 -6.79 6.86 -31.19
N LYS F 24 -6.82 7.67 -30.12
CA LYS F 24 -7.69 7.36 -29.00
C LYS F 24 -9.16 7.48 -29.38
N LEU F 25 -9.50 8.49 -30.19
CA LEU F 25 -10.88 8.69 -30.60
C LEU F 25 -11.34 7.58 -31.54
N ILE F 26 -10.46 7.13 -32.45
CA ILE F 26 -10.81 6.05 -33.36
C ILE F 26 -10.79 4.71 -32.63
N GLY F 27 -10.09 4.62 -31.49
CA GLY F 27 -10.16 3.41 -30.70
C GLY F 27 -11.34 3.36 -29.76
N LEU F 28 -11.90 4.51 -29.40
CA LEU F 28 -13.05 4.53 -28.50
C LEU F 28 -14.38 4.60 -29.24
N GLY F 29 -14.37 4.43 -30.56
CA GLY F 29 -15.59 4.28 -31.33
C GLY F 29 -15.98 5.48 -32.17
N TYR F 30 -15.37 6.64 -31.95
CA TYR F 30 -15.71 7.83 -32.72
C TYR F 30 -14.87 7.88 -33.98
N GLU F 31 -15.53 7.93 -35.14
CA GLU F 31 -14.79 8.09 -36.38
C GLU F 31 -14.34 9.53 -36.55
N VAL F 32 -13.06 9.71 -36.84
CA VAL F 32 -12.41 11.02 -36.77
C VAL F 32 -11.72 11.31 -38.10
N TRP F 33 -11.88 12.54 -38.58
CA TRP F 33 -11.21 13.01 -39.78
C TRP F 33 -10.07 13.94 -39.39
N CYS F 34 -8.87 13.64 -39.88
CA CYS F 34 -7.70 14.42 -39.53
C CYS F 34 -6.73 14.39 -40.71
N ASP F 35 -5.81 15.35 -40.72
CA ASP F 35 -4.89 15.50 -41.85
C ASP F 35 -3.61 14.68 -41.70
N ILE F 36 -3.49 13.88 -40.64
CA ILE F 36 -2.31 13.04 -40.47
C ILE F 36 -2.56 11.69 -41.12
N LEU F 37 -3.58 10.96 -40.65
CA LEU F 37 -3.78 9.60 -41.12
C LEU F 37 -4.42 9.55 -42.50
N PHE F 38 -5.19 10.56 -42.88
CA PHE F 38 -5.88 10.56 -44.16
C PHE F 38 -5.17 11.40 -45.22
N LEU F 39 -4.79 12.63 -44.87
CA LEU F 39 -4.20 13.56 -45.85
C LEU F 39 -2.72 13.23 -46.01
N ASP F 40 -2.46 12.19 -46.80
CA ASP F 40 -1.11 11.88 -47.22
C ASP F 40 -0.77 12.72 -48.45
N LYS F 41 0.40 12.47 -49.03
CA LYS F 41 0.85 13.26 -50.17
C LYS F 41 0.14 12.81 -51.45
N GLY F 42 0.25 13.65 -52.47
CA GLY F 42 -0.25 13.31 -53.78
C GLY F 42 -1.73 13.53 -54.01
N VAL F 43 -2.41 14.26 -53.12
CA VAL F 43 -3.85 14.48 -53.23
C VAL F 43 -4.14 15.97 -53.22
N ASP F 44 -5.27 16.33 -53.83
CA ASP F 44 -5.79 17.69 -53.73
C ASP F 44 -6.57 17.83 -52.44
N PHE F 45 -6.11 18.71 -51.54
CA PHE F 45 -6.55 18.68 -50.16
C PHE F 45 -7.76 19.55 -49.87
N TRP F 46 -7.85 20.74 -50.47
CA TRP F 46 -8.80 21.72 -49.97
C TRP F 46 -10.25 21.37 -50.30
N SER F 47 -10.51 20.86 -51.50
CA SER F 47 -11.87 20.52 -51.89
C SER F 47 -12.42 19.39 -51.01
N THR F 48 -11.58 18.39 -50.71
CA THR F 48 -11.99 17.31 -49.81
C THR F 48 -12.25 17.84 -48.41
N ILE F 49 -11.41 18.78 -47.94
CA ILE F 49 -11.57 19.36 -46.61
C ILE F 49 -12.91 20.08 -46.51
N GLU F 50 -13.22 20.91 -47.51
CA GLU F 50 -14.49 21.65 -47.50
C GLU F 50 -15.68 20.70 -47.59
N LYS F 51 -15.59 19.69 -48.46
CA LYS F 51 -16.71 18.77 -48.63
C LYS F 51 -16.98 18.00 -47.36
N GLU F 52 -15.94 17.50 -46.69
CA GLU F 52 -16.13 16.79 -45.44
C GLU F 52 -16.60 17.71 -44.33
N ILE F 53 -16.17 18.98 -44.35
CA ILE F 53 -16.57 19.91 -43.30
C ILE F 53 -18.06 20.23 -43.41
N ARG F 54 -18.53 20.54 -44.62
CA ARG F 54 -19.90 21.01 -44.77
C ARG F 54 -20.86 19.93 -45.27
N GLU F 55 -20.44 18.66 -45.29
CA GLU F 55 -21.35 17.58 -45.67
C GLU F 55 -21.53 16.55 -44.57
N ASN F 56 -20.44 16.04 -43.98
CA ASN F 56 -20.53 14.90 -43.08
C ASN F 56 -19.89 15.14 -41.72
N THR F 57 -19.63 16.39 -41.35
CA THR F 57 -18.98 16.71 -40.08
C THR F 57 -20.02 17.20 -39.09
N CYS F 58 -20.08 16.55 -37.93
CA CYS F 58 -21.01 16.94 -36.88
C CYS F 58 -20.36 17.73 -35.76
N LYS F 59 -19.03 17.69 -35.65
CA LYS F 59 -18.35 18.47 -34.63
C LYS F 59 -16.96 18.86 -35.12
N PHE F 60 -16.50 20.02 -34.71
CA PHE F 60 -15.25 20.61 -35.15
C PHE F 60 -14.35 20.84 -33.94
N LEU F 61 -13.07 20.51 -34.07
CA LEU F 61 -12.11 20.63 -32.98
C LEU F 61 -10.89 21.39 -33.50
N ILE F 62 -10.72 22.63 -33.05
CA ILE F 62 -9.59 23.47 -33.44
C ILE F 62 -8.60 23.52 -32.28
N VAL F 63 -7.34 23.27 -32.59
CA VAL F 63 -6.27 23.33 -31.59
C VAL F 63 -5.83 24.78 -31.46
N SER F 64 -5.89 25.31 -30.24
CA SER F 64 -5.49 26.68 -29.95
C SER F 64 -4.10 26.65 -29.33
N SER F 65 -3.10 26.61 -30.20
CA SER F 65 -1.69 26.57 -29.80
C SER F 65 -1.04 27.91 -30.12
N THR F 66 0.25 28.00 -29.78
CA THR F 66 1.01 29.21 -30.12
C THR F 66 1.19 29.31 -31.62
N ALA F 67 1.38 28.19 -32.31
CA ALA F 67 1.41 28.16 -33.76
C ALA F 67 0.03 27.98 -34.38
N GLY F 68 -0.98 27.74 -33.56
CA GLY F 68 -2.34 27.53 -34.02
C GLY F 68 -3.20 28.77 -34.08
N ASN F 69 -2.62 29.95 -33.98
CA ASN F 69 -3.39 31.19 -34.06
C ASN F 69 -2.80 32.20 -35.03
N LYS F 70 -1.79 31.83 -35.81
CA LYS F 70 -1.24 32.71 -36.83
C LYS F 70 -1.01 32.05 -38.18
N ARG F 71 -1.08 30.73 -38.27
CA ARG F 71 -0.99 30.07 -39.57
C ARG F 71 -2.25 30.33 -40.38
N GLU F 72 -2.09 30.41 -41.69
CA GLU F 72 -3.21 30.79 -42.56
C GLU F 72 -4.22 29.65 -42.72
N GLY F 73 -3.73 28.41 -42.79
CA GLY F 73 -4.63 27.29 -43.09
C GLY F 73 -5.64 27.01 -42.00
N VAL F 74 -5.21 27.08 -40.74
CA VAL F 74 -6.14 26.89 -39.63
C VAL F 74 -7.14 28.04 -39.58
N LEU F 75 -6.72 29.25 -39.93
CA LEU F 75 -7.64 30.39 -40.01
C LEU F 75 -8.71 30.17 -41.09
N LYS F 76 -8.30 29.66 -42.25
CA LYS F 76 -9.28 29.40 -43.32
C LYS F 76 -10.23 28.28 -42.93
N GLU F 77 -9.71 27.23 -42.28
CA GLU F 77 -10.56 26.15 -41.79
C GLU F 77 -11.56 26.66 -40.76
N LEU F 78 -11.12 27.56 -39.87
CA LEU F 78 -12.02 28.13 -38.88
C LEU F 78 -13.06 29.03 -39.54
N ALA F 79 -12.70 29.73 -40.61
CA ALA F 79 -13.67 30.57 -41.32
C ALA F 79 -14.76 29.73 -41.96
N VAL F 80 -14.38 28.63 -42.63
CA VAL F 80 -15.42 27.79 -43.23
C VAL F 80 -16.21 27.04 -42.15
N ALA F 81 -15.57 26.75 -41.01
CA ALA F 81 -16.31 26.17 -39.89
C ALA F 81 -17.34 27.15 -39.34
N THR F 82 -16.98 28.44 -39.27
CA THR F 82 -17.93 29.46 -38.84
C THR F 82 -19.09 29.55 -39.81
N LYS F 83 -18.79 29.50 -41.11
CA LYS F 83 -19.86 29.53 -42.11
C LYS F 83 -20.80 28.34 -41.97
N VAL F 84 -20.25 27.14 -41.77
CA VAL F 84 -21.13 25.97 -41.70
C VAL F 84 -21.86 25.91 -40.36
N LYS F 85 -21.27 26.43 -39.28
CA LYS F 85 -21.99 26.45 -38.00
C LYS F 85 -23.06 27.53 -38.00
N LYS F 86 -22.90 28.57 -38.81
CA LYS F 86 -24.00 29.51 -39.00
C LYS F 86 -25.08 28.93 -39.90
N HIS F 87 -24.71 28.08 -40.86
CA HIS F 87 -25.72 27.40 -41.67
C HIS F 87 -26.54 26.42 -40.84
N LEU F 88 -25.89 25.65 -39.98
CA LEU F 88 -26.61 24.68 -39.17
C LEU F 88 -27.36 25.32 -38.00
N GLN F 89 -27.07 26.58 -37.69
CA GLN F 89 -27.68 27.31 -36.57
C GLN F 89 -27.46 26.60 -35.24
N ASP F 90 -26.30 25.97 -35.10
CA ASP F 90 -25.94 25.23 -33.89
C ASP F 90 -24.65 25.81 -33.34
N ASP F 91 -24.64 26.08 -32.04
CA ASP F 91 -23.49 26.67 -31.37
C ASP F 91 -22.57 25.62 -30.78
N MET F 92 -22.90 24.33 -30.93
CA MET F 92 -22.09 23.25 -30.39
C MET F 92 -21.27 22.56 -31.47
N PHE F 93 -20.74 23.34 -32.40
CA PHE F 93 -19.92 22.83 -33.50
C PHE F 93 -18.44 23.03 -33.27
N ILE F 94 -18.02 24.25 -32.96
CA ILE F 94 -16.61 24.55 -32.75
C ILE F 94 -16.24 24.26 -31.31
N ILE F 95 -15.39 23.27 -31.11
CA ILE F 95 -14.94 22.86 -29.78
C ILE F 95 -13.44 23.11 -29.70
N PRO F 96 -13.03 24.23 -29.13
CA PRO F 96 -11.59 24.56 -29.09
C PRO F 96 -10.83 23.68 -28.11
N LEU F 97 -9.57 23.42 -28.46
CA LEU F 97 -8.61 22.72 -27.60
C LEU F 97 -7.39 23.63 -27.42
N ALA F 98 -7.01 23.87 -26.17
CA ALA F 98 -5.83 24.66 -25.84
C ALA F 98 -4.84 23.77 -25.12
N ILE F 99 -3.65 23.62 -25.70
CA ILE F 99 -2.65 22.68 -25.18
C ILE F 99 -1.40 23.36 -24.66
N ASP F 100 -1.19 24.65 -24.93
CA ASP F 100 0.01 25.36 -24.53
C ASP F 100 -0.29 26.22 -23.30
N GLU F 101 0.39 25.94 -22.20
CA GLU F 101 0.25 26.76 -21.00
C GLU F 101 0.83 28.15 -21.19
N ASN F 102 1.76 28.31 -22.13
CA ASN F 102 2.34 29.62 -22.42
C ASN F 102 1.35 30.56 -23.08
N LEU F 103 0.29 30.04 -23.69
CA LEU F 103 -0.65 30.88 -24.43
C LEU F 103 -1.65 31.50 -23.48
N SER F 104 -1.72 32.83 -23.49
CA SER F 104 -2.68 33.56 -22.67
C SER F 104 -4.04 33.58 -23.35
N TYR F 105 -5.08 33.78 -22.55
CA TYR F 105 -6.44 33.75 -23.06
C TYR F 105 -6.83 35.01 -23.81
N ASP F 106 -6.04 36.08 -23.74
CA ASP F 106 -6.38 37.32 -24.43
C ASP F 106 -5.72 37.44 -25.80
N ASP F 107 -4.79 36.56 -26.14
CA ASP F 107 -4.16 36.56 -27.45
C ASP F 107 -4.96 35.78 -28.49
N ILE F 108 -5.99 35.06 -28.06
CA ILE F 108 -6.65 34.09 -28.93
C ILE F 108 -7.62 34.82 -29.85
N ASN F 109 -7.85 34.26 -31.04
CA ASN F 109 -8.69 34.87 -32.04
C ASN F 109 -10.14 34.99 -31.56
N ILE F 110 -10.90 35.85 -32.25
CA ILE F 110 -12.19 36.29 -31.74
C ILE F 110 -13.21 35.15 -31.77
N GLU F 111 -13.17 34.31 -32.81
CA GLU F 111 -14.11 33.20 -32.90
C GLU F 111 -13.84 32.14 -31.83
N ILE F 112 -12.66 32.17 -31.22
CA ILE F 112 -12.31 31.21 -30.18
C ILE F 112 -12.44 31.78 -28.79
N VAL F 113 -12.52 33.12 -28.65
CA VAL F 113 -12.65 33.73 -27.34
C VAL F 113 -14.04 33.44 -26.75
N ARG F 114 -15.08 33.50 -27.58
CA ARG F 114 -16.45 33.40 -27.07
C ARG F 114 -16.73 32.02 -26.48
N LEU F 115 -16.20 30.97 -27.09
CA LEU F 115 -16.33 29.63 -26.54
C LEU F 115 -15.17 29.34 -25.60
N ASN F 116 -15.48 28.74 -24.46
CA ASN F 116 -14.45 28.39 -23.48
C ASN F 116 -13.63 27.22 -23.99
N ALA F 117 -12.32 27.41 -24.10
CA ALA F 117 -11.46 26.36 -24.61
C ALA F 117 -11.31 25.22 -23.61
N ILE F 118 -11.38 24.00 -24.12
CA ILE F 118 -11.18 22.82 -23.28
C ILE F 118 -9.72 22.73 -22.86
N ASP F 119 -9.51 22.52 -21.57
CA ASP F 119 -8.17 22.48 -21.02
C ASP F 119 -7.42 21.24 -21.52
N PHE F 120 -6.19 21.46 -21.97
CA PHE F 120 -5.26 20.38 -22.23
C PHE F 120 -3.86 20.78 -21.77
N LYS F 121 -3.77 21.69 -20.80
CA LYS F 121 -2.50 22.24 -20.35
C LYS F 121 -1.88 21.40 -19.24
N LYS F 122 -2.59 21.25 -18.12
CA LYS F 122 -2.00 20.54 -16.98
C LYS F 122 -1.97 19.04 -17.21
N SER F 123 -3.02 18.49 -17.83
CA SER F 123 -3.06 17.05 -18.08
C SER F 123 -4.01 16.78 -19.25
N TRP F 124 -3.90 15.57 -19.81
CA TRP F 124 -4.66 15.20 -20.99
C TRP F 124 -5.73 14.15 -20.73
N ALA F 125 -5.60 13.35 -19.66
CA ALA F 125 -6.56 12.27 -19.43
C ALA F 125 -7.94 12.80 -19.07
N LYS F 126 -8.01 13.72 -18.11
CA LYS F 126 -9.31 14.30 -17.79
C LYS F 126 -9.79 15.27 -18.86
N GLY F 127 -8.89 15.80 -19.69
CA GLY F 127 -9.32 16.53 -20.86
C GLY F 127 -10.06 15.63 -21.84
N LEU F 128 -9.53 14.43 -22.08
CA LEU F 128 -10.23 13.46 -22.90
C LEU F 128 -11.53 13.01 -22.22
N GLN F 129 -11.51 12.93 -20.89
CA GLN F 129 -12.72 12.56 -20.15
C GLN F 129 -13.82 13.60 -20.34
N ASP F 130 -13.49 14.89 -20.23
CA ASP F 130 -14.52 15.91 -20.39
C ASP F 130 -14.92 16.04 -21.86
N LEU F 131 -14.00 15.82 -22.80
CA LEU F 131 -14.38 15.79 -24.20
C LEU F 131 -15.37 14.66 -24.48
N LEU F 132 -15.13 13.49 -23.88
CA LEU F 132 -16.02 12.35 -24.07
C LEU F 132 -17.39 12.59 -23.44
N ASP F 133 -17.44 13.14 -22.23
CA ASP F 133 -18.75 13.32 -21.61
C ASP F 133 -19.50 14.49 -22.24
N ALA F 134 -18.79 15.50 -22.75
CA ALA F 134 -19.45 16.53 -23.53
C ALA F 134 -20.01 15.96 -24.83
N PHE F 135 -19.25 15.05 -25.47
CA PHE F 135 -19.73 14.43 -26.70
C PHE F 135 -20.97 13.60 -26.44
N GLU F 136 -20.98 12.82 -25.37
CA GLU F 136 -22.14 11.99 -25.08
C GLU F 136 -23.31 12.79 -24.52
N LYS F 137 -23.06 13.97 -23.96
CA LYS F 137 -24.16 14.86 -23.61
C LYS F 137 -24.76 15.52 -24.85
N GLN F 138 -23.93 15.82 -25.84
CA GLN F 138 -24.38 16.39 -27.09
C GLN F 138 -25.03 15.37 -28.02
N ASN F 139 -25.06 14.10 -27.62
CA ASN F 139 -25.79 13.03 -28.31
C ASN F 139 -25.27 12.81 -29.74
N VAL F 140 -23.96 12.62 -29.85
CA VAL F 140 -23.37 12.20 -31.12
C VAL F 140 -23.51 10.69 -31.25
N PRO F 141 -23.95 10.18 -32.39
CA PRO F 141 -24.02 8.72 -32.56
C PRO F 141 -22.63 8.10 -32.50
N LYS F 142 -22.51 7.04 -31.72
CA LYS F 142 -21.23 6.41 -31.47
C LYS F 142 -21.28 4.93 -31.85
N LYS F 143 -20.16 4.40 -32.13
CA LYS F 143 -20.02 2.98 -32.39
C LYS F 143 -19.41 2.30 -31.18
N PRO F 144 -19.65 1.00 -30.99
CA PRO F 144 -19.03 0.29 -29.87
C PRO F 144 -17.53 0.34 -29.97
N PRO F 145 -16.82 0.44 -28.84
CA PRO F 145 -15.36 0.56 -28.88
C PRO F 145 -14.71 -0.67 -29.50
N ASP F 146 -13.79 -0.42 -30.42
CA ASP F 146 -13.09 -1.49 -31.13
C ASP F 146 -11.68 -1.00 -31.39
N HIS F 147 -10.76 -1.34 -30.49
CA HIS F 147 -9.37 -0.93 -30.63
C HIS F 147 -8.63 -1.68 -31.73
N SER F 148 -9.24 -2.73 -32.31
CA SER F 148 -8.59 -3.47 -33.39
C SER F 148 -8.44 -2.62 -34.63
N LYS F 149 -9.45 -1.78 -34.94
CA LYS F 149 -9.34 -0.88 -36.08
C LYS F 149 -8.24 0.15 -35.85
N SER F 150 -8.07 0.61 -34.61
CA SER F 150 -6.97 1.49 -34.28
C SER F 150 -5.63 0.81 -34.49
N ASN F 151 -5.55 -0.47 -34.13
CA ASN F 151 -4.32 -1.25 -34.37
C ASN F 151 -4.02 -1.35 -35.87
N LEU F 152 -5.04 -1.64 -36.67
CA LEU F 152 -4.85 -1.74 -38.11
C LEU F 152 -4.42 -0.41 -38.72
N LEU F 153 -5.06 0.69 -38.30
CA LEU F 153 -4.69 2.00 -38.81
C LEU F 153 -3.27 2.39 -38.39
N TYR F 154 -2.91 2.12 -37.14
CA TYR F 154 -1.59 2.47 -36.63
C TYR F 154 -0.50 1.66 -37.33
N GLN F 155 -0.79 0.39 -37.66
CA GLN F 155 0.15 -0.36 -38.49
C GLN F 155 0.19 0.18 -39.91
N GLN F 156 -0.94 0.68 -40.41
CA GLN F 156 -1.00 1.10 -41.81
C GLN F 156 -0.22 2.40 -42.05
N ILE F 157 -0.42 3.41 -41.23
CA ILE F 157 0.07 4.76 -41.55
C ILE F 157 1.39 5.07 -40.84
N PHE F 158 1.56 4.67 -39.59
CA PHE F 158 2.71 5.11 -38.82
C PHE F 158 3.89 4.16 -38.89
N LEU F 159 3.79 3.08 -39.66
CA LEU F 159 4.86 2.09 -39.79
C LEU F 159 5.20 1.87 -41.27
N HIS F 160 5.36 2.97 -42.01
CA HIS F 160 5.64 2.87 -43.44
C HIS F 160 7.14 2.90 -43.73
N ASP F 161 7.85 3.87 -43.19
CA ASP F 161 9.29 3.98 -43.36
C ASP F 161 10.06 3.27 -42.25
N LYS F 162 9.36 2.61 -41.34
CA LYS F 162 9.97 2.01 -40.15
C LYS F 162 9.71 0.51 -40.09
N GLN F 163 9.72 -0.17 -41.24
CA GLN F 163 9.56 -1.61 -41.30
C GLN F 163 10.63 -2.18 -42.22
N ALA F 164 11.12 -3.36 -41.87
CA ALA F 164 12.18 -4.01 -42.64
C ALA F 164 11.66 -4.46 -44.00
N ILE F 165 12.56 -4.50 -44.97
CA ILE F 165 12.22 -4.90 -46.33
C ILE F 165 12.91 -6.20 -46.68
N GLU F 166 12.68 -6.70 -47.88
CA GLU F 166 13.24 -7.98 -48.33
C GLU F 166 14.23 -7.68 -49.46
N LYS F 167 15.50 -7.51 -49.08
CA LYS F 167 16.57 -7.31 -50.05
C LYS F 167 17.83 -8.00 -49.53
N GLU F 168 18.73 -8.34 -50.45
CA GLU F 168 19.97 -9.04 -50.10
C GLU F 168 21.06 -8.03 -49.79
N GLU F 169 21.71 -8.22 -48.65
CA GLU F 169 22.73 -7.28 -48.18
C GLU F 169 23.95 -8.06 -47.70
N THR F 170 25.13 -7.64 -48.15
CA THR F 170 26.37 -8.38 -47.98
C THR F 170 27.15 -7.86 -46.79
N TYR F 171 27.60 -8.77 -45.93
CA TYR F 171 28.37 -8.44 -44.74
C TYR F 171 29.66 -9.24 -44.72
N ASP F 172 30.73 -8.62 -44.23
CA ASP F 172 32.01 -9.31 -44.05
C ASP F 172 32.40 -9.27 -42.58
N SER F 173 32.99 -10.35 -42.11
CA SER F 173 33.28 -10.54 -40.69
C SER F 173 34.75 -10.23 -40.41
N ASN F 174 35.18 -10.55 -39.20
CA ASN F 174 36.58 -10.41 -38.78
C ASN F 174 37.32 -11.74 -38.81
N TRP F 175 36.72 -12.76 -39.42
CA TRP F 175 37.27 -14.11 -39.40
C TRP F 175 38.10 -14.37 -40.66
N PHE F 176 39.32 -14.85 -40.47
CA PHE F 176 40.23 -15.13 -41.58
C PHE F 176 40.63 -16.60 -41.55
N PRO F 177 40.27 -17.40 -42.55
CA PRO F 177 40.55 -18.83 -42.51
C PRO F 177 41.88 -19.21 -43.13
N ILE F 178 42.52 -20.20 -42.53
CA ILE F 178 43.73 -20.79 -43.12
C ILE F 178 43.33 -21.64 -44.32
N ILE F 179 44.09 -21.43 -45.39
CA ILE F 179 43.86 -22.19 -46.64
C ILE F 179 44.84 -23.36 -46.65
N SER F 180 45.99 -23.19 -46.00
CA SER F 180 47.03 -24.25 -46.05
C SER F 180 47.60 -24.52 -44.67
N PHE F 181 47.48 -25.77 -44.18
CA PHE F 181 48.04 -26.14 -42.86
C PHE F 181 49.15 -27.16 -43.06
N PRO F 182 50.24 -27.14 -42.26
CA PRO F 182 51.25 -28.19 -42.36
C PRO F 182 50.55 -29.54 -42.20
N ASN F 183 50.97 -30.54 -42.98
CA ASN F 183 50.27 -31.85 -42.97
C ASN F 183 50.59 -32.65 -41.71
N GLU F 184 51.80 -32.54 -41.17
CA GLU F 184 52.18 -33.37 -40.04
C GLU F 184 52.74 -32.52 -38.91
N LEU F 185 52.77 -33.11 -37.72
CA LEU F 185 53.49 -32.57 -36.58
C LEU F 185 54.82 -33.29 -36.42
N ARG F 186 55.76 -32.62 -35.75
CA ARG F 186 57.10 -33.13 -35.54
C ARG F 186 57.38 -33.13 -34.04
N PHE F 187 57.27 -34.30 -33.43
CA PHE F 187 57.48 -34.47 -31.99
C PHE F 187 58.92 -34.90 -31.77
N HIS F 188 59.72 -34.06 -31.13
CA HIS F 188 61.14 -34.33 -30.99
C HIS F 188 61.47 -34.86 -29.59
N ARG F 189 61.94 -36.10 -29.55
CA ARG F 189 62.35 -36.75 -28.30
C ARG F 189 63.83 -36.44 -28.03
N TYR F 190 64.08 -35.19 -27.65
CA TYR F 190 65.45 -34.78 -27.37
C TYR F 190 65.94 -35.34 -26.04
N ASP F 191 65.06 -35.34 -25.02
CA ASP F 191 65.36 -35.83 -23.67
C ASP F 191 66.56 -35.10 -23.07
N TRP F 192 67.75 -35.69 -23.18
CA TRP F 192 68.92 -35.10 -22.55
C TRP F 192 69.58 -34.02 -23.39
N ARG F 193 69.18 -33.84 -24.65
CA ARG F 193 69.82 -32.83 -25.47
C ARG F 193 69.29 -31.42 -25.23
N LEU F 194 68.53 -31.19 -24.16
CA LEU F 194 68.09 -29.87 -23.80
C LEU F 194 68.34 -29.61 -22.32
N PRO F 195 68.69 -28.38 -21.96
CA PRO F 195 68.84 -28.06 -20.53
C PRO F 195 67.49 -28.02 -19.83
N LYS F 196 67.52 -28.30 -18.53
CA LYS F 196 66.30 -28.23 -17.73
C LYS F 196 65.82 -26.80 -17.56
N GLN F 197 66.74 -25.83 -17.62
CA GLN F 197 66.41 -24.42 -17.45
C GLN F 197 66.04 -23.74 -18.77
N PHE F 198 65.60 -24.51 -19.76
CA PHE F 198 65.35 -23.97 -21.09
C PHE F 198 63.94 -23.39 -21.11
N ASP F 199 63.84 -22.10 -21.45
CA ASP F 199 62.55 -21.47 -21.70
C ASP F 199 62.27 -21.56 -23.20
N VAL F 200 61.16 -22.22 -23.55
CA VAL F 200 60.89 -22.56 -24.94
C VAL F 200 60.56 -21.33 -25.79
N ARG F 201 60.26 -20.19 -25.16
CA ARG F 201 59.93 -18.99 -25.91
C ARG F 201 61.14 -18.34 -26.55
N THR F 202 62.36 -18.72 -26.16
CA THR F 202 63.57 -18.10 -26.68
C THR F 202 63.97 -18.62 -28.05
N LEU F 203 63.36 -19.71 -28.52
CA LEU F 203 63.68 -20.24 -29.83
C LEU F 203 63.12 -19.34 -30.93
N ALA F 204 63.73 -19.44 -32.11
CA ALA F 204 63.28 -18.65 -33.25
C ALA F 204 61.98 -19.16 -33.86
N PHE F 205 61.59 -20.40 -33.54
CA PHE F 205 60.43 -21.03 -34.14
C PHE F 205 59.59 -21.69 -33.07
N PRO F 206 58.28 -21.86 -33.29
CA PRO F 206 57.42 -22.40 -32.23
C PRO F 206 57.79 -23.81 -31.80
N ALA F 207 57.69 -24.05 -30.49
CA ALA F 207 57.92 -25.35 -29.89
C ALA F 207 57.28 -25.34 -28.50
N ILE F 208 56.93 -26.54 -28.03
CA ILE F 208 56.38 -26.71 -26.69
C ILE F 208 57.02 -27.94 -26.07
N ARG F 209 57.59 -27.80 -24.87
CA ARG F 209 58.08 -28.94 -24.13
C ARG F 209 56.90 -29.81 -23.70
N TYR F 210 56.98 -31.11 -23.98
CA TYR F 210 55.85 -32.01 -23.79
C TYR F 210 56.36 -33.37 -23.32
N LYS F 211 56.36 -33.58 -22.00
CA LYS F 211 56.83 -34.79 -21.35
C LYS F 211 58.26 -35.14 -21.75
N GLU F 212 58.43 -36.17 -22.57
CA GLU F 212 59.73 -36.53 -23.11
C GLU F 212 59.91 -36.08 -24.54
N TYR F 213 59.00 -35.25 -25.05
CA TYR F 213 58.99 -34.86 -26.44
C TYR F 213 58.97 -33.34 -26.56
N LEU F 214 59.40 -32.86 -27.72
CA LEU F 214 59.41 -31.43 -28.03
C LEU F 214 58.67 -31.24 -29.36
N CYS F 215 57.38 -30.95 -29.28
CA CYS F 215 56.57 -30.78 -30.48
C CYS F 215 56.93 -29.48 -31.18
N THR F 216 57.00 -29.54 -32.51
CA THR F 216 57.32 -28.37 -33.32
C THR F 216 56.82 -28.61 -34.73
N PHE F 217 56.95 -27.58 -35.56
CA PHE F 217 56.57 -27.65 -36.96
C PHE F 217 57.75 -27.74 -37.91
N ALA F 218 58.97 -27.63 -37.43
CA ALA F 218 60.17 -27.66 -38.26
C ALA F 218 60.96 -28.93 -38.01
N TRP F 219 61.94 -29.16 -38.88
CA TRP F 219 62.80 -30.33 -38.76
C TRP F 219 63.76 -30.20 -37.57
N GLU F 220 64.58 -31.24 -37.42
CA GLU F 220 65.60 -31.27 -36.38
C GLU F 220 66.80 -30.42 -36.73
N TYR F 221 66.98 -30.08 -38.00
CA TYR F 221 68.10 -29.27 -38.46
C TYR F 221 67.89 -27.80 -38.21
N ASP F 222 66.70 -27.39 -37.74
CA ASP F 222 66.42 -25.99 -37.51
C ASP F 222 67.16 -25.44 -36.30
N PHE F 223 67.24 -26.23 -35.23
CA PHE F 223 67.76 -25.76 -33.95
C PHE F 223 69.28 -25.92 -33.83
N ILE F 224 69.98 -26.12 -34.95
CA ILE F 224 71.42 -26.35 -34.89
C ILE F 224 72.16 -25.06 -34.51
N HIS F 225 71.71 -23.92 -35.03
CA HIS F 225 72.43 -22.67 -34.86
C HIS F 225 72.42 -22.18 -33.41
N GLN F 226 71.46 -22.62 -32.61
CA GLN F 226 71.37 -22.21 -31.21
C GLN F 226 71.75 -23.29 -30.22
N LEU F 227 71.58 -24.57 -30.57
CA LEU F 227 71.91 -25.68 -29.70
C LEU F 227 72.98 -26.55 -30.34
N PRO F 228 74.24 -26.46 -29.90
CA PRO F 228 75.29 -27.28 -30.51
C PRO F 228 75.10 -28.77 -30.31
N LYS F 229 74.42 -29.19 -29.25
CA LYS F 229 74.27 -30.62 -28.95
C LYS F 229 73.16 -31.28 -29.75
N THR F 230 72.40 -30.52 -30.53
CA THR F 230 71.35 -31.10 -31.34
C THR F 230 71.87 -31.74 -32.63
N GLU F 231 73.16 -31.57 -32.93
CA GLU F 231 73.71 -32.14 -34.16
C GLU F 231 73.89 -33.66 -34.07
N THR F 232 73.89 -34.21 -32.86
CA THR F 232 73.99 -35.66 -32.67
C THR F 232 72.65 -36.36 -32.67
N TYR F 233 71.55 -35.61 -32.85
CA TYR F 233 70.21 -36.17 -32.77
C TYR F 233 69.88 -36.96 -34.03
N ASN F 234 69.12 -38.05 -33.87
CA ASN F 234 68.66 -38.88 -34.97
C ASN F 234 67.18 -38.64 -35.18
N GLY F 235 66.80 -38.41 -36.44
CA GLY F 235 65.43 -38.06 -36.75
C GLY F 235 64.43 -39.20 -36.73
N GLN F 236 64.91 -40.45 -36.66
CA GLN F 236 63.99 -41.58 -36.64
C GLN F 236 63.23 -41.68 -35.32
N GLU F 237 63.78 -41.14 -34.24
CA GLU F 237 63.08 -41.18 -32.96
C GLU F 237 61.85 -40.29 -32.97
N SER F 238 61.84 -39.25 -33.79
CA SER F 238 60.69 -38.37 -33.88
C SER F 238 59.51 -39.08 -34.54
N ILE F 239 58.31 -38.71 -34.10
CA ILE F 239 57.08 -39.30 -34.64
C ILE F 239 56.29 -38.21 -35.35
N ARG F 240 55.48 -38.65 -36.32
CA ARG F 240 54.69 -37.75 -37.15
C ARG F 240 53.24 -38.20 -37.12
N ILE F 241 52.33 -37.23 -37.03
CA ILE F 241 50.90 -37.47 -37.03
C ILE F 241 50.26 -36.57 -38.08
N SER F 242 49.47 -37.18 -38.98
CA SER F 242 48.83 -36.42 -40.05
C SER F 242 47.77 -35.49 -39.48
N THR F 243 47.81 -34.23 -39.92
CA THR F 243 46.87 -33.23 -39.42
C THR F 243 45.46 -33.42 -39.96
N SER F 244 45.30 -34.18 -41.03
CA SER F 244 43.96 -34.47 -41.55
C SER F 244 43.16 -35.29 -40.55
N ASP F 245 43.81 -36.27 -39.91
CA ASP F 245 43.16 -37.07 -38.88
C ASP F 245 42.74 -36.20 -37.70
N ILE F 246 43.59 -35.24 -37.34
CA ILE F 246 43.29 -34.38 -36.19
C ILE F 246 42.15 -33.43 -36.51
N LEU F 247 42.19 -32.79 -37.67
CA LEU F 247 41.17 -31.80 -38.00
C LEU F 247 39.85 -32.45 -38.34
N SER F 248 39.86 -33.69 -38.81
CA SER F 248 38.63 -34.41 -39.11
C SER F 248 38.08 -35.17 -37.91
N GLY F 249 38.74 -35.10 -36.76
CA GLY F 249 38.22 -35.70 -35.55
C GLY F 249 38.24 -37.20 -35.51
N ARG F 250 39.15 -37.84 -36.26
CA ARG F 250 39.22 -39.30 -36.31
C ARG F 250 40.53 -39.83 -35.72
N TYR F 251 41.27 -38.99 -35.01
CA TYR F 251 42.51 -39.42 -34.35
C TYR F 251 42.32 -39.37 -32.84
N ASP F 252 42.52 -40.50 -32.19
CA ASP F 252 42.40 -40.59 -30.74
C ASP F 252 43.30 -41.74 -30.28
N THR F 253 44.51 -41.40 -29.84
CA THR F 253 45.45 -42.39 -29.36
C THR F 253 45.67 -42.22 -27.86
N ASP F 254 46.27 -43.24 -27.25
CA ASP F 254 46.56 -43.19 -25.82
C ASP F 254 47.62 -42.13 -25.51
N PHE F 255 48.48 -41.83 -26.48
CA PHE F 255 49.57 -40.88 -26.24
C PHE F 255 49.05 -39.46 -26.11
N ILE F 256 48.46 -38.92 -27.18
CA ILE F 256 47.93 -37.56 -27.17
C ILE F 256 46.45 -37.66 -27.52
N ARG F 257 45.59 -37.09 -26.68
CA ARG F 257 44.17 -37.07 -27.02
C ARG F 257 43.90 -36.04 -28.11
N ASN F 258 42.72 -36.16 -28.72
CA ASN F 258 42.33 -35.27 -29.81
C ASN F 258 42.21 -33.84 -29.30
N TYR F 259 41.68 -33.68 -28.08
CA TYR F 259 41.56 -32.37 -27.45
C TYR F 259 42.93 -31.71 -27.29
N GLU F 260 43.91 -32.46 -26.79
CA GLU F 260 45.25 -31.91 -26.68
C GLU F 260 45.98 -31.82 -28.01
N CYS F 261 45.64 -32.66 -28.98
CA CYS F 261 46.17 -32.47 -30.33
C CYS F 261 45.78 -31.11 -30.88
N GLN F 262 44.49 -30.77 -30.76
CA GLN F 262 44.02 -29.46 -31.20
C GLN F 262 44.61 -28.34 -30.36
N ARG F 263 44.78 -28.57 -29.05
CA ARG F 263 45.36 -27.55 -28.18
C ARG F 263 46.82 -27.26 -28.55
N LEU F 264 47.60 -28.31 -28.82
CA LEU F 264 48.96 -28.10 -29.28
C LEU F 264 49.00 -27.40 -30.62
N ILE F 265 48.11 -27.79 -31.54
CA ILE F 265 48.01 -27.13 -32.85
C ILE F 265 47.75 -25.64 -32.69
N VAL F 266 46.78 -25.28 -31.86
CA VAL F 266 46.41 -23.88 -31.75
C VAL F 266 47.48 -23.10 -30.99
N GLN F 267 48.21 -23.76 -30.09
CA GLN F 267 49.33 -23.10 -29.43
C GLN F 267 50.42 -22.73 -30.44
N LEU F 268 50.82 -23.69 -31.29
CA LEU F 268 51.83 -23.36 -32.30
C LEU F 268 51.32 -22.32 -33.28
N ILE F 269 50.03 -22.34 -33.62
CA ILE F 269 49.48 -21.30 -34.49
C ILE F 269 49.62 -19.93 -33.83
N ASN F 270 49.26 -19.84 -32.54
CA ASN F 270 49.29 -18.55 -31.84
C ASN F 270 50.70 -17.98 -31.75
N LYS F 271 51.64 -18.77 -31.24
CA LYS F 271 52.98 -18.18 -31.16
C LYS F 271 53.71 -18.13 -32.48
N ALA F 272 53.28 -18.89 -33.49
CA ALA F 272 53.79 -18.67 -34.84
C ALA F 272 53.39 -17.30 -35.34
N PHE F 273 52.13 -16.90 -35.09
CA PHE F 273 51.71 -15.54 -35.44
C PHE F 273 52.51 -14.50 -34.67
N GLU F 274 52.74 -14.76 -33.37
CA GLU F 274 53.47 -13.80 -32.54
C GLU F 274 54.89 -13.59 -33.06
N LEU F 275 55.62 -14.67 -33.31
CA LEU F 275 57.01 -14.56 -33.77
C LEU F 275 57.07 -14.00 -35.19
N ARG F 276 56.12 -14.39 -36.04
CA ARG F 276 56.06 -13.86 -37.41
C ARG F 276 55.90 -12.36 -37.40
N MET F 277 54.96 -11.85 -36.62
CA MET F 277 54.79 -10.42 -36.76
C MET F 277 55.76 -9.66 -35.87
N LYS F 278 56.52 -10.34 -35.00
CA LYS F 278 57.71 -9.68 -34.46
C LYS F 278 58.72 -9.48 -35.57
N ASP F 279 58.83 -10.45 -36.48
CA ASP F 279 59.75 -10.33 -37.61
C ASP F 279 59.38 -9.23 -38.60
N LYS F 280 58.16 -8.68 -38.52
CA LYS F 280 57.75 -7.58 -39.39
C LYS F 280 58.31 -6.24 -38.91
N ASN F 281 58.72 -6.16 -37.64
CA ASN F 281 59.12 -4.92 -36.96
C ASN F 281 57.94 -3.93 -36.89
N VAL F 282 56.90 -4.37 -36.20
CA VAL F 282 55.80 -3.52 -35.77
C VAL F 282 55.80 -3.52 -34.24
N ARG F 283 55.78 -2.33 -33.64
CA ARG F 283 56.05 -2.18 -32.22
C ARG F 283 54.92 -2.79 -31.38
N GLU F 284 55.24 -3.05 -30.12
CA GLU F 284 54.40 -3.83 -29.23
C GLU F 284 53.84 -2.98 -28.10
N TYR F 285 52.77 -3.49 -27.49
CA TYR F 285 52.13 -2.89 -26.34
C TYR F 285 51.79 -3.97 -25.33
N GLN F 286 51.93 -3.65 -24.04
CA GLN F 286 51.76 -4.65 -22.98
C GLN F 286 50.27 -4.75 -22.62
N MET F 287 49.56 -5.54 -23.42
CA MET F 287 48.15 -5.80 -23.15
C MET F 287 48.01 -6.73 -21.96
N SER F 288 46.83 -6.67 -21.33
CA SER F 288 46.63 -7.37 -20.06
C SER F 288 46.66 -8.88 -20.23
N LYS F 289 46.01 -9.41 -21.26
CA LYS F 289 45.94 -10.85 -21.44
C LYS F 289 46.50 -11.31 -22.78
N THR F 290 46.28 -10.57 -23.85
CA THR F 290 46.83 -10.91 -25.15
C THR F 290 48.06 -10.04 -25.42
N PHE F 291 48.54 -10.07 -26.66
CA PHE F 291 49.63 -9.22 -27.10
C PHE F 291 49.07 -8.23 -28.13
N ALA F 292 49.22 -6.94 -27.86
CA ALA F 292 48.71 -5.90 -28.73
C ALA F 292 49.87 -5.23 -29.47
N TYR F 293 49.57 -4.72 -30.66
CA TYR F 293 50.60 -4.16 -31.52
C TYR F 293 50.09 -2.89 -32.18
N TRP F 294 51.02 -2.04 -32.60
CA TRP F 294 50.66 -0.79 -33.28
C TRP F 294 51.79 -0.37 -34.21
N ILE F 295 51.42 0.35 -35.26
CA ILE F 295 52.34 0.74 -36.32
C ILE F 295 52.78 2.17 -36.09
N GLU F 296 54.09 2.41 -36.15
CA GLU F 296 54.66 3.73 -35.91
C GLU F 296 54.27 4.71 -37.02
N LYS F 297 53.87 5.91 -36.63
CA LYS F 297 53.60 6.95 -37.60
C LYS F 297 54.91 7.53 -38.14
N GLY F 298 54.95 7.74 -39.45
CA GLY F 298 56.16 8.13 -40.15
C GLY F 298 56.68 7.07 -41.09
N LYS F 299 56.07 5.89 -41.09
CA LYS F 299 56.44 4.78 -41.96
C LYS F 299 55.53 4.68 -43.18
N LEU F 300 54.22 4.62 -42.96
CA LEU F 300 53.26 4.58 -44.05
C LEU F 300 53.24 5.91 -44.78
N GLU F 301 53.12 5.86 -46.10
CA GLU F 301 53.14 7.08 -46.90
C GLU F 301 51.84 7.85 -46.73
N LYS F 302 51.97 9.17 -46.52
CA LYS F 302 50.85 10.11 -46.40
C LYS F 302 49.89 9.76 -45.27
N ASP F 303 50.29 8.87 -44.35
CA ASP F 303 49.40 8.23 -43.38
C ASP F 303 48.21 7.58 -44.09
N LYS F 304 48.48 6.93 -45.22
CA LYS F 304 47.45 6.42 -46.10
C LYS F 304 47.92 5.10 -46.71
N PHE F 305 46.94 4.30 -47.14
CA PHE F 305 47.21 3.07 -47.88
C PHE F 305 45.95 2.70 -48.63
N GLU F 306 46.00 2.71 -49.96
CA GLU F 306 44.82 2.47 -50.82
C GLU F 306 43.70 3.46 -50.51
N LYS F 307 44.09 4.70 -50.20
CA LYS F 307 43.18 5.78 -49.83
C LYS F 307 42.31 5.38 -48.64
N ILE F 308 42.97 5.14 -47.51
CA ILE F 308 42.27 4.73 -46.30
C ILE F 308 42.97 5.44 -45.15
N LYS F 309 42.26 5.64 -44.04
CA LYS F 309 42.78 6.49 -42.99
C LYS F 309 42.92 5.59 -41.76
N LEU F 310 44.14 5.50 -41.23
CA LEU F 310 44.49 4.52 -40.20
C LEU F 310 45.01 5.16 -38.93
N VAL F 311 45.97 6.08 -39.02
CA VAL F 311 46.59 6.72 -37.88
C VAL F 311 46.19 8.18 -37.90
N GLY F 312 46.29 8.85 -36.75
CA GLY F 312 45.93 10.24 -36.71
C GLY F 312 46.31 10.91 -35.41
N LYS F 313 45.87 12.17 -35.28
CA LYS F 313 46.11 12.96 -34.09
C LYS F 313 44.89 13.84 -33.86
N GLN F 314 44.39 13.86 -32.63
CA GLN F 314 43.18 14.61 -32.32
C GLN F 314 43.44 15.84 -31.44
N LYS F 315 44.01 15.66 -30.26
CA LYS F 315 44.34 16.80 -29.39
C LYS F 315 45.71 16.56 -28.77
N ASN F 316 46.76 16.95 -29.49
CA ASN F 316 48.16 16.77 -29.10
C ASN F 316 48.49 15.32 -28.76
N LYS F 317 47.76 14.37 -29.36
CA LYS F 317 47.90 12.96 -29.05
C LYS F 317 47.77 12.16 -30.33
N TYR F 318 48.83 11.42 -30.68
CA TYR F 318 48.80 10.57 -31.86
C TYR F 318 48.21 9.22 -31.47
N TRP F 319 47.06 8.88 -32.04
CA TRP F 319 46.47 7.58 -31.75
C TRP F 319 46.79 6.60 -32.87
N HIS F 320 47.05 5.36 -32.49
CA HIS F 320 47.42 4.33 -33.44
C HIS F 320 46.37 3.24 -33.44
N PHE F 321 46.39 2.43 -34.49
CA PHE F 321 45.43 1.34 -34.66
C PHE F 321 46.18 0.02 -34.67
N GLY F 322 45.56 -1.02 -34.12
CA GLY F 322 46.23 -2.31 -34.05
C GLY F 322 45.24 -3.43 -33.86
N ILE F 323 45.73 -4.65 -34.09
CA ILE F 323 44.90 -5.85 -34.02
C ILE F 323 45.56 -6.87 -33.11
N SER F 324 44.74 -7.80 -32.63
CA SER F 324 45.20 -8.93 -31.84
C SER F 324 44.59 -10.20 -32.42
N ALA F 325 45.41 -11.23 -32.56
CA ALA F 325 45.00 -12.46 -33.21
C ALA F 325 45.11 -13.64 -32.25
N ALA F 326 44.07 -14.46 -32.22
CA ALA F 326 44.07 -15.71 -31.47
C ALA F 326 43.42 -16.78 -32.33
N GLY F 327 44.10 -17.91 -32.49
CA GLY F 327 43.54 -18.98 -33.29
C GLY F 327 42.40 -19.69 -32.56
N LYS F 328 41.35 -19.99 -33.31
CA LYS F 328 40.25 -20.82 -32.83
C LYS F 328 39.78 -21.69 -33.98
N LEU F 329 39.79 -23.00 -33.79
CA LEU F 329 39.47 -23.94 -34.85
C LEU F 329 38.21 -24.75 -34.55
N TYR F 330 37.37 -24.28 -33.62
CA TYR F 330 36.21 -25.08 -33.22
C TYR F 330 35.15 -25.20 -34.32
N PRO F 331 34.66 -24.10 -34.97
CA PRO F 331 33.71 -24.32 -36.06
C PRO F 331 34.40 -24.56 -37.41
N SER F 332 35.59 -24.00 -37.57
CA SER F 332 36.34 -24.03 -38.82
C SER F 332 37.76 -23.57 -38.55
N PRO F 333 38.73 -23.96 -39.37
CA PRO F 333 40.10 -23.47 -39.17
C PRO F 333 40.23 -22.00 -39.57
N VAL F 334 39.97 -21.12 -38.60
CA VAL F 334 39.90 -19.68 -38.83
C VAL F 334 40.81 -18.98 -37.81
N LEU F 335 41.60 -18.02 -38.28
CA LEU F 335 42.35 -17.14 -37.40
C LEU F 335 41.55 -15.88 -37.11
N MET F 336 41.37 -15.56 -35.84
CA MET F 336 40.58 -14.39 -35.45
C MET F 336 41.44 -13.14 -35.41
N VAL F 337 40.80 -11.99 -35.56
CA VAL F 337 41.44 -10.69 -35.45
C VAL F 337 40.48 -9.75 -34.71
N SER F 338 40.96 -9.15 -33.62
CA SER F 338 40.18 -8.20 -32.83
C SER F 338 40.92 -6.87 -32.79
N SER F 339 40.16 -5.78 -32.87
CA SER F 339 40.73 -4.45 -33.06
C SER F 339 40.84 -3.71 -31.73
N HIS F 340 41.98 -3.05 -31.52
CA HIS F 340 42.19 -2.15 -30.40
C HIS F 340 42.97 -0.94 -30.90
N ILE F 341 42.64 0.24 -30.37
CA ILE F 341 43.33 1.47 -30.74
C ILE F 341 44.21 1.90 -29.58
N ILE F 342 45.41 2.35 -29.91
CA ILE F 342 46.46 2.66 -28.93
C ILE F 342 46.81 4.14 -29.08
N PHE F 343 46.91 4.83 -27.95
CA PHE F 343 47.20 6.26 -27.93
C PHE F 343 48.62 6.51 -27.47
N THR F 344 49.36 7.34 -28.21
CA THR F 344 50.70 7.75 -27.84
C THR F 344 50.75 9.26 -27.71
N MET F 345 51.77 9.76 -27.01
CA MET F 345 51.93 11.19 -26.81
C MET F 345 52.76 11.84 -27.91
N ASP F 346 54.02 11.42 -28.05
CA ASP F 346 54.90 11.94 -29.08
C ASP F 346 55.12 10.94 -30.22
N GLY F 347 54.36 9.86 -30.26
CA GLY F 347 54.53 8.85 -31.27
C GLY F 347 55.63 7.85 -31.01
N ILE F 348 56.32 7.94 -29.87
CA ILE F 348 57.38 7.00 -29.52
C ILE F 348 56.96 6.23 -28.27
N ASN F 349 56.76 6.95 -27.18
CA ASN F 349 56.44 6.34 -25.90
C ASN F 349 54.93 6.26 -25.69
N LEU F 350 54.55 5.61 -24.59
CA LEU F 350 53.15 5.33 -24.28
C LEU F 350 52.77 6.04 -23.00
N ILE F 351 51.46 6.22 -22.80
CA ILE F 351 50.96 6.90 -21.62
C ILE F 351 51.19 6.02 -20.40
N LYS F 352 51.68 6.64 -19.32
CA LYS F 352 52.01 5.89 -18.10
C LYS F 352 50.78 5.27 -17.47
N SER F 353 49.68 6.01 -17.43
CA SER F 353 48.46 5.56 -16.76
C SER F 353 47.51 4.94 -17.78
N LYS F 354 46.98 3.76 -17.45
CA LYS F 354 46.04 3.09 -18.31
C LYS F 354 44.65 3.72 -18.28
N SER F 355 44.36 4.51 -17.24
CA SER F 355 43.09 5.23 -17.20
C SER F 355 43.01 6.27 -18.31
N ILE F 356 44.12 6.94 -18.60
CA ILE F 356 44.15 7.91 -19.70
C ILE F 356 43.92 7.19 -21.03
N GLN F 357 44.51 6.01 -21.20
CA GLN F 357 44.32 5.25 -22.43
C GLN F 357 42.87 4.81 -22.60
N HIS F 358 42.25 4.31 -21.52
CA HIS F 358 40.85 3.91 -21.57
C HIS F 358 39.94 5.10 -21.89
N SER F 359 40.21 6.24 -21.25
CA SER F 359 39.41 7.43 -21.50
C SER F 359 39.56 7.93 -22.94
N SER F 360 40.78 7.88 -23.48
CA SER F 360 40.98 8.33 -24.85
C SER F 360 40.31 7.39 -25.84
N ARG F 361 40.37 6.08 -25.58
CA ARG F 361 39.68 5.11 -26.43
C ARG F 361 38.18 5.37 -26.44
N ARG F 362 37.59 5.59 -25.26
CA ARG F 362 36.15 5.82 -25.21
C ARG F 362 35.77 7.19 -25.77
N LYS F 363 36.67 8.17 -25.67
CA LYS F 363 36.38 9.49 -26.22
C LYS F 363 36.41 9.49 -27.74
N GLN F 364 37.39 8.79 -28.32
CA GLN F 364 37.51 8.73 -29.77
C GLN F 364 36.67 7.62 -30.39
N GLY F 365 35.98 6.81 -29.58
CA GLY F 365 35.15 5.77 -30.13
C GLY F 365 33.96 6.29 -30.91
N LYS F 366 33.27 7.31 -30.39
CA LYS F 366 32.00 7.71 -30.98
C LYS F 366 32.14 8.46 -32.30
N ASN F 367 33.33 8.98 -32.62
CA ASN F 367 33.47 9.89 -33.75
C ASN F 367 33.37 9.18 -35.09
N TRP F 368 33.46 7.85 -35.10
CA TRP F 368 33.31 7.07 -36.32
C TRP F 368 32.45 5.85 -36.03
N TRP F 369 32.08 5.14 -37.09
CA TRP F 369 31.21 3.98 -36.97
C TRP F 369 31.79 2.85 -37.81
N ASN F 370 30.99 1.81 -38.03
CA ASN F 370 31.50 0.53 -38.53
C ASN F 370 32.04 0.60 -39.94
N ASP F 371 31.66 1.63 -40.71
CA ASP F 371 32.29 1.84 -42.01
C ASP F 371 33.78 2.08 -41.85
N LYS F 372 34.14 3.00 -40.95
CA LYS F 372 35.55 3.29 -40.68
C LYS F 372 36.25 2.10 -40.05
N TRP F 373 35.55 1.37 -39.17
CA TRP F 373 36.14 0.19 -38.55
C TRP F 373 36.46 -0.89 -39.58
N ARG F 374 35.53 -1.13 -40.52
CA ARG F 374 35.77 -2.12 -41.57
C ARG F 374 36.91 -1.69 -42.47
N GLU F 375 36.95 -0.41 -42.82
CA GLU F 375 38.05 0.12 -43.62
C GLU F 375 39.39 -0.09 -42.93
N LYS F 376 39.48 0.26 -41.65
CA LYS F 376 40.74 0.14 -40.92
C LYS F 376 41.15 -1.32 -40.75
N LEU F 377 40.19 -2.20 -40.50
CA LEU F 377 40.49 -3.62 -40.34
C LEU F 377 41.07 -4.21 -41.62
N LEU F 378 40.42 -3.94 -42.75
CA LEU F 378 40.92 -4.43 -44.02
C LEU F 378 42.28 -3.83 -44.34
N ALA F 379 42.49 -2.56 -43.96
CA ALA F 379 43.78 -1.92 -44.19
C ALA F 379 44.90 -2.60 -43.41
N PHE F 380 44.65 -2.88 -42.13
CA PHE F 380 45.67 -3.51 -41.31
C PHE F 380 45.98 -4.91 -41.79
N ILE F 381 44.96 -5.68 -42.19
CA ILE F 381 45.21 -7.03 -42.66
C ILE F 381 45.94 -7.01 -44.00
N ARG F 382 45.59 -6.06 -44.88
CA ARG F 382 46.28 -5.96 -46.16
C ARG F 382 47.72 -5.53 -45.99
N PHE F 383 48.02 -4.69 -45.01
CA PHE F 383 49.40 -4.32 -44.75
C PHE F 383 50.17 -5.50 -44.16
N LEU F 384 49.55 -6.26 -43.25
CA LEU F 384 50.23 -7.38 -42.62
C LEU F 384 50.54 -8.50 -43.61
N SER F 385 49.77 -8.49 -44.70
CA SER F 385 49.96 -9.50 -45.74
C SER F 385 51.13 -9.07 -46.61
N ASP F 386 52.30 -9.65 -46.36
CA ASP F 386 53.44 -9.37 -47.25
C ASP F 386 53.01 -9.84 -48.64
N ASP F 387 52.10 -10.81 -48.69
CA ASP F 387 51.58 -11.33 -49.98
C ASP F 387 50.39 -10.47 -50.42
N GLN F 388 49.69 -10.91 -51.46
CA GLN F 388 48.55 -10.11 -51.98
C GLN F 388 47.24 -10.79 -51.57
N ASN F 389 47.24 -12.12 -51.51
CA ASN F 389 45.99 -12.86 -51.21
C ASN F 389 46.01 -13.32 -49.76
N ALA F 390 47.17 -13.76 -49.26
CA ALA F 390 47.23 -14.32 -47.89
C ALA F 390 48.39 -13.69 -47.12
N ILE F 391 48.75 -14.31 -45.99
CA ILE F 391 49.90 -13.79 -45.19
C ILE F 391 51.00 -14.83 -45.21
N TYR F 392 52.19 -14.45 -45.68
CA TYR F 392 53.33 -15.39 -45.64
C TYR F 392 53.81 -15.42 -44.22
N LEU F 393 53.62 -16.57 -43.55
CA LEU F 393 53.97 -16.63 -42.11
C LEU F 393 55.48 -16.84 -41.97
N ASN F 394 55.92 -17.12 -40.74
CA ASN F 394 57.36 -17.41 -40.51
C ASN F 394 57.41 -18.48 -39.42
N VAL F 395 57.01 -19.72 -39.75
CA VAL F 395 56.94 -20.79 -38.72
C VAL F 395 58.06 -21.81 -38.96
N GLY F 396 58.59 -21.86 -40.17
CA GLY F 396 59.63 -22.85 -40.48
C GLY F 396 60.51 -22.38 -41.61
N SER F 397 61.77 -22.82 -41.62
CA SER F 397 62.65 -22.47 -42.76
C SER F 397 62.00 -23.00 -44.04
N GLU F 398 61.15 -24.03 -43.91
CA GLU F 398 60.48 -24.63 -45.08
C GLU F 398 58.96 -24.55 -44.91
N GLU F 399 58.37 -25.54 -44.23
CA GLU F 399 56.90 -25.58 -44.04
C GLU F 399 56.42 -24.20 -43.59
N LYS F 400 55.36 -23.70 -44.19
CA LYS F 400 54.80 -22.38 -43.77
C LYS F 400 53.30 -22.49 -43.63
N ILE F 401 52.66 -21.40 -43.23
CA ILE F 401 51.17 -21.38 -43.10
C ILE F 401 50.67 -20.14 -43.82
N LEU F 402 49.67 -20.30 -44.69
CA LEU F 402 49.20 -19.14 -45.49
C LEU F 402 47.74 -18.87 -45.16
N ILE F 403 47.47 -17.78 -44.44
CA ILE F 403 46.07 -17.40 -44.13
C ILE F 403 45.73 -16.19 -45.00
N SER F 404 44.62 -16.25 -45.75
CA SER F 404 44.29 -15.16 -46.72
C SER F 404 44.06 -13.83 -46.01
N ASN F 405 44.27 -12.74 -46.75
CA ASN F 405 44.04 -11.40 -46.15
C ASN F 405 42.57 -11.00 -46.34
N LYS F 406 41.77 -11.81 -47.04
CA LYS F 406 40.39 -11.35 -47.11
C LYS F 406 39.52 -12.11 -46.13
N PRO F 407 38.65 -11.42 -45.40
CA PRO F 407 37.78 -12.11 -44.46
C PRO F 407 36.63 -12.82 -45.17
N LEU F 408 35.99 -13.73 -44.43
CA LEU F 408 34.85 -14.46 -44.96
C LEU F 408 33.62 -13.58 -44.93
N LYS F 409 32.88 -13.54 -46.03
CA LYS F 409 31.72 -12.67 -46.18
C LYS F 409 30.45 -13.51 -46.23
N PHE F 410 29.39 -13.00 -45.59
CA PHE F 410 28.09 -13.64 -45.60
C PHE F 410 27.03 -12.63 -46.02
N PHE F 411 25.94 -13.12 -46.61
CA PHE F 411 24.85 -12.26 -47.05
C PHE F 411 23.55 -12.64 -46.37
N GLY F 412 22.71 -11.63 -46.13
CA GLY F 412 21.45 -11.81 -45.44
C GLY F 412 20.27 -11.69 -46.40
N LYS F 413 19.17 -12.35 -46.05
CA LYS F 413 18.02 -12.40 -46.94
C LYS F 413 17.20 -11.11 -46.90
N MET F 414 17.09 -10.49 -45.73
CA MET F 414 16.25 -9.31 -45.57
C MET F 414 16.98 -8.24 -44.78
N SER F 415 16.65 -6.98 -45.08
CA SER F 415 17.40 -5.83 -44.58
C SER F 415 16.42 -4.67 -44.43
N TYR F 416 16.96 -3.46 -44.32
CA TYR F 416 16.14 -2.26 -44.15
C TYR F 416 16.45 -1.25 -45.25
N VAL F 417 15.87 -0.06 -45.11
CA VAL F 417 16.13 1.05 -46.01
C VAL F 417 17.28 1.89 -45.45
N THR F 418 17.86 2.75 -46.29
CA THR F 418 18.98 3.58 -45.90
C THR F 418 18.51 5.01 -45.67
N PRO F 419 18.46 5.49 -44.42
CA PRO F 419 18.03 6.87 -44.19
C PRO F 419 19.15 7.88 -44.37
N SER F 420 18.87 9.14 -44.05
CA SER F 420 19.86 10.21 -44.12
C SER F 420 20.73 10.17 -42.86
N GLU F 421 21.50 11.22 -42.63
CA GLU F 421 22.56 11.22 -41.63
C GLU F 421 22.09 11.69 -40.25
N VAL F 422 20.79 11.89 -40.04
CA VAL F 422 20.29 12.26 -38.72
C VAL F 422 20.46 11.11 -37.72
N THR F 423 20.46 9.87 -38.22
CA THR F 423 20.50 8.69 -37.36
C THR F 423 21.83 8.59 -36.61
N LEU F 424 22.95 8.96 -37.26
CA LEU F 424 24.25 8.88 -36.58
C LEU F 424 24.34 9.93 -35.46
N GLU F 425 23.81 11.12 -35.69
CA GLU F 425 23.74 12.10 -34.62
C GLU F 425 22.84 11.61 -33.49
N GLU F 426 21.77 10.90 -33.83
CA GLU F 426 20.92 10.36 -32.79
C GLU F 426 21.60 9.23 -32.03
N GLU F 427 22.52 8.51 -32.68
CA GLU F 427 23.34 7.53 -31.96
C GLU F 427 24.36 8.21 -31.07
N SER F 428 24.84 9.39 -31.46
CA SER F 428 25.63 10.20 -30.54
C SER F 428 24.80 10.61 -29.33
N VAL F 429 23.53 10.95 -29.55
CA VAL F 429 22.63 11.22 -28.43
C VAL F 429 22.40 9.96 -27.62
N LEU F 430 22.43 8.78 -28.25
CA LEU F 430 22.37 7.53 -27.51
C LEU F 430 23.58 7.38 -26.59
N ALA F 431 24.76 7.74 -27.08
CA ALA F 431 25.93 7.78 -26.22
C ALA F 431 25.73 8.76 -25.06
N ASP F 432 25.04 9.86 -25.33
CA ASP F 432 24.71 10.80 -24.26
C ASP F 432 23.76 10.18 -23.22
N ILE F 433 22.78 9.38 -23.66
CA ILE F 433 21.91 8.74 -22.67
C ILE F 433 22.67 7.66 -21.91
N ASN F 434 23.70 7.08 -22.54
CA ASN F 434 24.53 6.12 -21.82
C ASN F 434 25.39 6.82 -20.78
N ASN F 435 25.76 8.08 -21.03
CA ASN F 435 26.32 8.89 -19.96
C ASN F 435 25.28 9.14 -18.88
N PHE F 436 24.05 9.44 -19.28
CA PHE F 436 23.02 9.92 -18.38
C PHE F 436 22.33 8.82 -17.58
N GLU F 437 22.62 7.55 -17.87
CA GLU F 437 22.02 6.45 -17.13
C GLU F 437 23.02 5.71 -16.23
N GLU F 438 24.32 5.96 -16.37
CA GLU F 438 25.30 5.28 -15.53
C GLU F 438 26.57 6.14 -15.43
N ASP F 439 27.11 6.23 -14.22
CA ASP F 439 28.37 6.91 -13.95
C ASP F 439 28.91 6.43 -12.62
N THR F 440 30.23 6.29 -12.52
CA THR F 440 30.86 5.78 -11.31
C THR F 440 32.29 6.29 -11.22
N GLU F 441 32.59 6.98 -10.11
CA GLU F 441 33.91 7.53 -9.74
C GLU F 441 34.67 8.14 -10.92
N ASP F 442 34.03 9.13 -11.55
CA ASP F 442 34.62 9.83 -12.68
C ASP F 442 35.35 11.11 -12.30
N LEU F 443 35.29 11.52 -11.03
CA LEU F 443 35.75 12.87 -10.67
C LEU F 443 37.26 12.99 -10.75
N ASP F 444 37.98 12.02 -10.19
CA ASP F 444 39.44 12.16 -10.05
C ASP F 444 40.14 12.12 -11.39
N GLU F 445 39.76 11.19 -12.27
CA GLU F 445 40.44 11.07 -13.54
C GLU F 445 40.03 12.18 -14.50
N LEU F 446 38.80 12.71 -14.38
CA LEU F 446 38.44 13.88 -15.15
C LEU F 446 39.20 15.11 -14.68
N GLU F 447 39.46 15.22 -13.38
CA GLU F 447 40.27 16.33 -12.88
C GLU F 447 41.74 16.15 -13.26
N ASP F 448 42.17 14.90 -13.49
CA ASP F 448 43.56 14.64 -13.85
C ASP F 448 43.84 14.82 -15.34
N ILE F 449 42.81 15.06 -16.16
CA ILE F 449 43.00 15.19 -17.60
C ILE F 449 43.65 16.51 -17.99
N GLU F 450 43.68 17.49 -17.09
CA GLU F 450 44.28 18.78 -17.39
C GLU F 450 45.47 19.07 -16.49
N MET G 1 -31.46 17.54 47.38
CA MET G 1 -32.00 17.91 46.07
C MET G 1 -30.95 18.67 45.28
N LYS G 2 -30.24 17.95 44.43
CA LYS G 2 -29.06 18.47 43.74
C LYS G 2 -29.29 18.43 42.21
N GLU G 3 -28.24 18.76 41.46
CA GLU G 3 -28.35 18.98 40.03
C GLU G 3 -27.34 18.12 39.27
N LEU G 4 -27.66 17.87 38.00
CA LEU G 4 -26.78 17.13 37.10
C LEU G 4 -26.34 18.09 35.99
N ILE G 5 -25.13 18.63 36.11
CA ILE G 5 -24.68 19.68 35.22
C ILE G 5 -24.29 19.06 33.87
N TYR G 6 -24.79 19.64 32.79
CA TYR G 6 -24.70 19.06 31.47
C TYR G 6 -23.41 19.45 30.78
N ILE G 7 -22.87 18.52 29.98
CA ILE G 7 -21.70 18.75 29.15
C ILE G 7 -22.14 18.60 27.70
N GLU G 8 -21.86 19.61 26.89
CA GLU G 8 -22.26 19.59 25.48
C GLU G 8 -21.52 18.49 24.73
N GLU G 9 -22.21 17.92 23.75
CA GLU G 9 -21.63 16.86 22.95
C GLU G 9 -20.55 17.44 22.05
N PRO G 10 -19.30 16.98 22.16
CA PRO G 10 -18.25 17.50 21.26
C PRO G 10 -18.48 17.02 19.84
N SER G 11 -18.03 17.83 18.89
CA SER G 11 -18.16 17.54 17.48
C SER G 11 -16.92 16.85 16.94
N ILE G 12 -17.07 16.19 15.80
CA ILE G 12 -15.98 15.52 15.11
C ILE G 12 -15.77 16.21 13.77
N LEU G 13 -14.50 16.53 13.47
CA LEU G 13 -14.17 17.25 12.26
C LEU G 13 -14.35 16.37 11.03
N PHE G 14 -14.84 16.96 9.95
CA PHE G 14 -15.00 16.31 8.67
C PHE G 14 -14.27 17.12 7.59
N ALA G 15 -14.51 16.77 6.33
CA ALA G 15 -13.84 17.40 5.22
C ALA G 15 -14.27 18.86 5.08
N HIS G 16 -13.40 19.64 4.43
CA HIS G 16 -13.59 21.07 4.17
C HIS G 16 -13.75 21.87 5.47
N GLY G 17 -13.15 21.39 6.56
CA GLY G 17 -13.24 22.06 7.84
C GLY G 17 -14.63 22.10 8.42
N GLN G 18 -15.33 20.97 8.40
CA GLN G 18 -16.72 20.89 8.81
C GLN G 18 -16.89 19.94 9.99
N LYS G 19 -17.88 20.22 10.82
CA LYS G 19 -18.13 19.42 12.01
C LYS G 19 -19.63 19.12 12.13
N CYS G 20 -19.96 17.86 12.37
CA CYS G 20 -21.31 17.44 12.70
C CYS G 20 -21.24 16.30 13.70
N THR G 21 -22.20 16.28 14.62
CA THR G 21 -22.14 15.34 15.74
C THR G 21 -22.25 13.89 15.28
N ASP G 22 -23.14 13.61 14.36
CA ASP G 22 -23.35 12.23 13.94
C ASP G 22 -22.37 11.86 12.86
N PRO G 23 -21.57 10.80 13.03
CA PRO G 23 -20.62 10.41 11.99
C PRO G 23 -21.29 9.83 10.75
N ARG G 24 -22.41 9.13 10.92
CA ARG G 24 -23.12 8.57 9.76
C ARG G 24 -23.71 9.67 8.89
N ASP G 25 -24.45 10.60 9.50
CA ASP G 25 -25.05 11.69 8.76
C ASP G 25 -23.99 12.61 8.17
N GLY G 26 -22.92 12.87 8.94
CA GLY G 26 -21.84 13.69 8.43
C GLY G 26 -21.11 13.06 7.26
N LEU G 27 -20.91 11.75 7.31
CA LEU G 27 -20.27 11.05 6.20
C LEU G 27 -21.16 11.07 4.96
N ALA G 28 -22.47 10.89 5.16
CA ALA G 28 -23.39 10.99 4.03
C ALA G 28 -23.49 12.40 3.48
N LEU G 29 -23.21 13.41 4.29
CA LEU G 29 -23.35 14.79 3.85
C LEU G 29 -22.09 15.34 3.20
N PHE G 30 -20.93 15.21 3.86
CA PHE G 30 -19.72 15.87 3.40
C PHE G 30 -18.65 14.89 2.93
N GLY G 31 -18.21 13.98 3.78
CA GLY G 31 -17.22 13.01 3.38
C GLY G 31 -15.94 13.03 4.20
N PRO G 32 -15.08 12.05 3.99
CA PRO G 32 -13.85 11.95 4.78
C PRO G 32 -12.80 12.95 4.32
N LEU G 33 -11.74 13.06 5.13
CA LEU G 33 -10.71 14.08 4.90
C LEU G 33 -9.79 13.70 3.75
N ASN G 34 -9.05 12.60 3.93
CA ASN G 34 -8.08 12.17 2.93
C ASN G 34 -8.73 11.12 2.05
N GLN G 35 -8.82 11.40 0.75
CA GLN G 35 -9.48 10.49 -0.18
C GLN G 35 -8.46 9.49 -0.71
N ILE G 36 -8.66 8.22 -0.37
CA ILE G 36 -7.87 7.16 -0.97
C ILE G 36 -8.37 6.91 -2.39
N TYR G 37 -7.49 6.36 -3.21
CA TYR G 37 -7.82 6.16 -4.62
C TYR G 37 -8.60 4.88 -4.88
N GLY G 38 -8.72 4.00 -3.89
CA GLY G 38 -9.44 2.75 -4.06
C GLY G 38 -8.73 1.60 -3.38
N ILE G 39 -9.41 0.46 -3.23
CA ILE G 39 -8.83 -0.70 -2.58
C ILE G 39 -9.00 -1.92 -3.46
N LYS G 40 -7.98 -2.79 -3.44
CA LYS G 40 -8.06 -4.11 -4.02
C LYS G 40 -8.26 -5.13 -2.91
N SER G 41 -9.26 -5.98 -3.06
CA SER G 41 -9.66 -6.91 -2.02
C SER G 41 -9.23 -8.32 -2.38
N GLY G 42 -8.60 -9.01 -1.44
CA GLY G 42 -8.22 -10.41 -1.61
C GLY G 42 -9.04 -11.27 -0.67
N VAL G 43 -9.55 -12.37 -1.19
CA VAL G 43 -10.48 -13.23 -0.46
C VAL G 43 -9.93 -14.65 -0.44
N VAL G 44 -10.10 -15.33 0.70
CA VAL G 44 -9.70 -16.72 0.87
C VAL G 44 -10.96 -17.48 1.28
N GLY G 45 -11.32 -18.50 0.50
CA GLY G 45 -12.49 -19.29 0.82
C GLY G 45 -12.90 -20.18 -0.34
N THR G 46 -14.12 -20.69 -0.26
CA THR G 46 -14.66 -21.57 -1.28
C THR G 46 -15.28 -20.76 -2.42
N GLN G 47 -15.88 -21.47 -3.38
CA GLN G 47 -16.58 -20.80 -4.46
C GLN G 47 -17.83 -20.08 -3.96
N LYS G 48 -18.52 -20.66 -2.98
CA LYS G 48 -19.66 -20.00 -2.36
C LYS G 48 -19.24 -18.71 -1.68
N GLY G 49 -18.02 -18.69 -1.13
CA GLY G 49 -17.51 -17.46 -0.55
C GLY G 49 -17.35 -16.35 -1.57
N LEU G 50 -16.81 -16.68 -2.74
CA LEU G 50 -16.72 -15.68 -3.81
C LEU G 50 -18.09 -15.22 -4.29
N GLN G 51 -19.04 -16.16 -4.45
CA GLN G 51 -20.36 -15.77 -4.92
C GLN G 51 -21.06 -14.84 -3.93
N ILE G 52 -21.02 -15.19 -2.65
CA ILE G 52 -21.66 -14.37 -1.62
C ILE G 52 -20.97 -13.02 -1.48
N PHE G 53 -19.63 -13.00 -1.50
CA PHE G 53 -18.89 -11.75 -1.38
C PHE G 53 -19.16 -10.82 -2.56
N LYS G 54 -19.14 -11.37 -3.78
CA LYS G 54 -19.39 -10.55 -4.96
C LYS G 54 -20.81 -10.01 -4.98
N SER G 55 -21.80 -10.85 -4.65
CA SER G 55 -23.18 -10.38 -4.63
C SER G 55 -23.37 -9.31 -3.56
N TYR G 56 -22.74 -9.48 -2.39
CA TYR G 56 -22.89 -8.48 -1.34
C TYR G 56 -22.23 -7.16 -1.72
N LEU G 57 -21.05 -7.21 -2.35
CA LEU G 57 -20.41 -5.95 -2.73
C LEU G 57 -21.18 -5.26 -3.85
N ASP G 58 -21.76 -6.03 -4.77
CA ASP G 58 -22.62 -5.44 -5.79
C ASP G 58 -23.86 -4.80 -5.16
N LYS G 59 -24.40 -5.44 -4.12
CA LYS G 59 -25.54 -4.85 -3.42
C LYS G 59 -25.18 -3.55 -2.71
N ILE G 60 -24.03 -3.51 -2.03
CA ILE G 60 -23.61 -2.28 -1.36
C ILE G 60 -23.10 -1.23 -2.32
N GLN G 61 -22.88 -1.57 -3.59
CA GLN G 61 -22.60 -0.54 -4.58
C GLN G 61 -23.77 0.41 -4.76
N LYS G 62 -25.03 -0.14 -4.83
CA LYS G 62 -26.21 0.69 -5.02
C LYS G 62 -26.73 1.17 -3.66
N PRO G 63 -27.43 2.31 -3.61
CA PRO G 63 -27.96 2.79 -2.34
C PRO G 63 -29.06 1.90 -1.78
N ILE G 64 -29.10 1.80 -0.45
CA ILE G 64 -30.09 0.99 0.25
C ILE G 64 -30.54 1.76 1.49
N TYR G 65 -31.76 1.45 1.94
CA TYR G 65 -32.41 2.17 3.02
C TYR G 65 -32.86 1.21 4.11
N ASN G 66 -32.89 1.71 5.34
CA ASN G 66 -33.36 0.92 6.47
C ASN G 66 -34.87 1.08 6.62
N HIS G 67 -35.42 0.56 7.72
CA HIS G 67 -36.82 0.80 8.04
C HIS G 67 -37.08 2.27 8.32
N ASN G 68 -36.16 2.92 9.03
CA ASN G 68 -36.21 4.36 9.27
C ASN G 68 -34.81 4.86 9.61
N ASN G 69 -34.49 6.09 9.17
CA ASN G 69 -33.16 6.63 9.41
C ASN G 69 -33.04 7.31 10.77
N ILE G 70 -34.01 7.09 11.65
CA ILE G 70 -33.91 7.61 13.00
C ILE G 70 -32.68 7.03 13.70
N THR G 71 -32.54 5.71 13.69
CA THR G 71 -31.36 5.10 14.27
C THR G 71 -30.19 5.02 13.29
N ARG G 72 -30.44 4.49 12.09
CA ARG G 72 -29.37 4.31 11.11
C ARG G 72 -29.67 5.11 9.86
N PRO G 73 -28.90 6.17 9.58
CA PRO G 73 -29.19 7.00 8.41
C PRO G 73 -28.95 6.31 7.08
N MET G 74 -29.20 7.03 6.00
CA MET G 74 -29.22 6.42 4.67
C MET G 74 -27.82 6.02 4.21
N PHE G 75 -27.78 5.02 3.35
CA PHE G 75 -26.54 4.60 2.71
C PHE G 75 -26.64 4.93 1.23
N PRO G 76 -25.95 5.95 0.75
CA PRO G 76 -26.15 6.38 -0.64
C PRO G 76 -25.33 5.61 -1.66
N GLY G 77 -24.81 4.46 -1.26
CA GLY G 77 -23.87 3.75 -2.10
C GLY G 77 -22.44 4.16 -1.78
N PHE G 78 -21.52 3.19 -1.95
CA PHE G 78 -20.15 3.35 -1.44
C PHE G 78 -19.43 4.52 -2.08
N GLU G 79 -19.58 4.69 -3.40
CA GLU G 79 -18.92 5.80 -4.08
C GLU G 79 -19.47 7.15 -3.62
N ALA G 80 -20.77 7.23 -3.38
CA ALA G 80 -21.39 8.49 -3.02
C ALA G 80 -21.11 8.90 -1.58
N VAL G 81 -20.65 7.99 -0.72
CA VAL G 81 -20.33 8.34 0.66
C VAL G 81 -18.83 8.47 0.89
N PHE G 82 -18.00 7.63 0.26
CA PHE G 82 -16.58 7.64 0.56
C PHE G 82 -15.71 8.21 -0.55
N GLY G 83 -16.14 8.15 -1.80
CA GLY G 83 -15.42 8.76 -2.90
C GLY G 83 -14.43 7.86 -3.61
N CYS G 84 -14.13 6.69 -3.07
CA CYS G 84 -13.22 5.74 -3.69
C CYS G 84 -13.99 4.55 -4.25
N LYS G 85 -13.38 3.87 -5.21
CA LYS G 85 -14.05 2.82 -5.96
C LYS G 85 -13.63 1.45 -5.48
N TRP G 86 -14.60 0.53 -5.43
CA TRP G 86 -14.35 -0.86 -5.01
C TRP G 86 -15.42 -1.67 -5.73
N GLU G 87 -15.02 -2.37 -6.77
CA GLU G 87 -15.94 -3.12 -7.62
C GLU G 87 -15.60 -4.61 -7.60
N SER G 88 -16.33 -5.37 -8.41
CA SER G 88 -16.22 -6.83 -8.40
C SER G 88 -14.96 -7.32 -9.07
N GLN G 89 -14.45 -6.60 -10.07
CA GLN G 89 -13.23 -7.01 -10.74
C GLN G 89 -12.01 -6.73 -9.84
N ASN G 90 -10.84 -7.11 -10.36
CA ASN G 90 -9.54 -7.05 -9.68
C ASN G 90 -9.60 -7.52 -8.22
N ILE G 91 -10.14 -8.72 -8.04
CA ILE G 91 -10.23 -9.37 -6.73
C ILE G 91 -9.34 -10.59 -6.76
N VAL G 92 -8.42 -10.68 -5.81
CA VAL G 92 -7.48 -11.78 -5.72
C VAL G 92 -8.12 -12.92 -4.96
N PHE G 93 -8.06 -14.13 -5.51
CA PHE G 93 -8.70 -15.30 -4.92
C PHE G 93 -7.65 -16.36 -4.65
N LYS G 94 -7.60 -16.84 -3.42
CA LYS G 94 -6.68 -17.90 -3.02
C LYS G 94 -7.47 -19.14 -2.66
N GLU G 95 -7.13 -20.26 -3.28
CA GLU G 95 -7.94 -21.47 -3.20
C GLU G 95 -7.94 -22.06 -1.80
N ILE G 96 -9.08 -22.61 -1.41
CA ILE G 96 -9.19 -23.47 -0.25
C ILE G 96 -9.96 -24.71 -0.68
N THR G 97 -9.33 -25.88 -0.57
CA THR G 97 -9.94 -27.14 -0.94
C THR G 97 -10.52 -27.79 0.31
N ASP G 98 -11.75 -28.29 0.19
CA ASP G 98 -12.43 -28.89 1.34
C ASP G 98 -11.94 -30.30 1.66
N GLU G 99 -11.16 -30.92 0.79
CA GLU G 99 -10.68 -32.28 1.04
C GLU G 99 -9.68 -32.30 2.19
N GLU G 100 -8.72 -31.38 2.17
CA GLU G 100 -7.72 -31.34 3.23
C GLU G 100 -8.34 -30.89 4.55
N ILE G 101 -9.28 -29.95 4.50
CA ILE G 101 -9.95 -29.49 5.72
C ILE G 101 -10.79 -30.61 6.33
N ARG G 102 -11.50 -31.36 5.49
CA ARG G 102 -12.27 -32.50 6.01
C ARG G 102 -11.37 -33.59 6.56
N ARG G 103 -10.20 -33.81 5.92
CA ARG G 103 -9.27 -34.79 6.43
C ARG G 103 -8.69 -34.36 7.77
N TYR G 104 -8.42 -33.06 7.94
CA TYR G 104 -7.92 -32.57 9.22
C TYR G 104 -9.01 -32.51 10.29
N LEU G 105 -10.28 -32.44 9.89
CA LEU G 105 -11.38 -32.30 10.83
C LEU G 105 -11.56 -33.53 11.71
N PHE G 106 -11.32 -34.73 11.16
CA PHE G 106 -11.70 -35.97 11.84
C PHE G 106 -10.83 -36.32 13.04
N ASN G 107 -9.73 -35.60 13.27
CA ASN G 107 -8.88 -35.88 14.41
C ASN G 107 -9.58 -35.54 15.72
N ALA G 108 -9.17 -36.22 16.79
CA ALA G 108 -9.84 -36.05 18.08
C ALA G 108 -9.53 -34.69 18.69
N SER G 109 -8.35 -34.15 18.42
CA SER G 109 -7.93 -32.89 19.02
C SER G 109 -8.50 -31.72 18.23
N THR G 110 -9.30 -30.89 18.89
CA THR G 110 -9.71 -29.63 18.29
C THR G 110 -8.56 -28.64 18.24
N HIS G 111 -7.58 -28.78 19.14
CA HIS G 111 -6.47 -27.85 19.21
C HIS G 111 -5.54 -27.99 18.01
N LYS G 112 -5.21 -29.24 17.64
CA LYS G 112 -4.41 -29.45 16.43
C LYS G 112 -5.18 -29.03 15.19
N ARG G 113 -6.51 -29.09 15.24
CA ARG G 113 -7.34 -28.73 14.11
C ARG G 113 -7.32 -27.21 13.91
N THR G 114 -7.44 -26.46 15.01
CA THR G 114 -7.30 -25.01 14.95
C THR G 114 -5.90 -24.60 14.54
N TYR G 115 -4.89 -25.34 15.02
CA TYR G 115 -3.50 -25.08 14.62
C TYR G 115 -3.32 -25.25 13.12
N ASP G 116 -3.89 -26.32 12.55
CA ASP G 116 -3.65 -26.55 11.12
C ASP G 116 -4.46 -25.59 10.25
N LEU G 117 -5.65 -25.16 10.66
CA LEU G 117 -6.32 -24.12 9.87
C LEU G 117 -5.62 -22.76 9.98
N VAL G 118 -5.13 -22.38 11.17
CA VAL G 118 -4.45 -21.10 11.23
C VAL G 118 -3.14 -21.15 10.45
N THR G 119 -2.46 -22.31 10.45
CA THR G 119 -1.28 -22.50 9.63
C THR G 119 -1.61 -22.41 8.15
N LEU G 120 -2.73 -23.02 7.74
CA LEU G 120 -3.14 -23.00 6.33
C LEU G 120 -3.45 -21.59 5.86
N PHE G 121 -4.24 -20.84 6.64
CA PHE G 121 -4.59 -19.48 6.25
C PHE G 121 -3.37 -18.58 6.21
N ASN G 122 -2.50 -18.69 7.22
CA ASN G 122 -1.27 -17.91 7.25
C ASN G 122 -0.38 -18.24 6.07
N ASP G 123 -0.24 -19.53 5.74
CA ASP G 123 0.56 -19.94 4.60
C ASP G 123 0.01 -19.37 3.30
N LYS G 124 -1.31 -19.43 3.12
CA LYS G 124 -1.92 -18.94 1.89
C LYS G 124 -1.66 -17.44 1.71
N ILE G 125 -1.94 -16.65 2.74
CA ILE G 125 -1.77 -15.22 2.50
C ILE G 125 -0.31 -14.78 2.60
N ILE G 126 0.57 -15.58 3.22
CA ILE G 126 1.99 -15.24 3.21
C ILE G 126 2.60 -15.49 1.85
N THR G 127 2.32 -16.65 1.23
CA THR G 127 2.76 -16.80 -0.16
C THR G 127 1.98 -15.91 -1.11
N ALA G 128 0.84 -15.36 -0.69
CA ALA G 128 0.21 -14.32 -1.50
C ALA G 128 1.00 -13.01 -1.42
N ASN G 129 1.47 -12.65 -0.23
CA ASN G 129 2.15 -11.37 -0.05
C ASN G 129 3.65 -11.44 -0.34
N LYS G 130 4.21 -12.62 -0.62
CA LYS G 130 5.64 -12.74 -0.79
C LYS G 130 6.08 -13.10 -2.21
N ASN G 131 5.17 -13.55 -3.07
CA ASN G 131 5.53 -13.78 -4.47
C ASN G 131 4.57 -13.24 -5.51
N ASP G 132 3.33 -12.92 -5.16
CA ASP G 132 2.41 -12.36 -6.13
C ASP G 132 2.80 -10.92 -6.47
N GLU G 133 2.29 -10.45 -7.61
CA GLU G 133 2.57 -9.11 -8.09
C GLU G 133 1.51 -8.09 -7.70
N GLU G 134 0.23 -8.44 -7.81
CA GLU G 134 -0.84 -7.48 -7.60
C GLU G 134 -0.93 -7.06 -6.14
N ARG G 135 -1.14 -5.77 -5.94
CA ARG G 135 -1.23 -5.22 -4.60
C ARG G 135 -2.56 -5.60 -3.97
N VAL G 136 -2.51 -6.19 -2.78
CA VAL G 136 -3.69 -6.49 -1.99
C VAL G 136 -3.61 -5.68 -0.71
N ASP G 137 -4.59 -4.80 -0.50
CA ASP G 137 -4.56 -3.95 0.68
C ASP G 137 -5.28 -4.57 1.86
N VAL G 138 -6.49 -5.07 1.65
CA VAL G 138 -7.31 -5.64 2.72
C VAL G 138 -7.64 -7.08 2.34
N TRP G 139 -7.42 -8.00 3.28
CA TRP G 139 -7.67 -9.41 3.06
C TRP G 139 -8.94 -9.81 3.79
N PHE G 140 -9.93 -10.28 3.05
CA PHE G 140 -11.24 -10.61 3.58
C PHE G 140 -11.33 -12.14 3.66
N VAL G 141 -11.14 -12.67 4.85
CA VAL G 141 -11.23 -14.11 5.07
C VAL G 141 -12.65 -14.47 5.48
N ILE G 142 -13.20 -15.49 4.84
CA ILE G 142 -14.58 -15.92 5.07
C ILE G 142 -14.58 -17.37 5.52
N VAL G 143 -15.32 -17.67 6.58
CA VAL G 143 -15.43 -19.02 7.11
C VAL G 143 -16.88 -19.49 7.04
N PRO G 144 -17.13 -20.75 6.69
CA PRO G 144 -18.51 -21.24 6.65
C PRO G 144 -19.02 -21.69 8.02
N GLU G 145 -20.22 -22.26 8.06
CA GLU G 145 -20.83 -22.62 9.33
C GLU G 145 -20.23 -23.87 9.93
N GLU G 146 -19.83 -24.84 9.11
CA GLU G 146 -19.29 -26.11 9.62
C GLU G 146 -18.00 -25.89 10.38
N ILE G 147 -17.12 -25.05 9.86
CA ILE G 147 -15.85 -24.77 10.54
C ILE G 147 -16.09 -23.95 11.80
N TYR G 148 -17.03 -23.00 11.76
CA TYR G 148 -17.28 -22.15 12.92
C TYR G 148 -17.95 -22.90 14.06
N LYS G 149 -18.77 -23.90 13.76
CA LYS G 149 -19.48 -24.64 14.81
C LYS G 149 -18.74 -25.88 15.26
N TYR G 150 -18.23 -26.69 14.33
CA TYR G 150 -17.63 -27.97 14.72
C TYR G 150 -16.21 -27.84 15.25
N CYS G 151 -15.63 -26.64 15.22
CA CYS G 151 -14.31 -26.38 15.81
C CYS G 151 -14.41 -25.45 17.00
N ARG G 152 -15.41 -25.65 17.86
CA ARG G 152 -15.53 -24.84 19.07
C ARG G 152 -15.23 -25.71 20.28
N ALA G 204 -8.03 -19.14 22.39
CA ALA G 204 -8.39 -20.41 21.78
C ALA G 204 -9.27 -20.21 20.56
N GLN G 205 -9.62 -18.95 20.29
CA GLN G 205 -10.45 -18.62 19.15
C GLN G 205 -9.59 -18.35 17.92
N PHE G 206 -10.27 -18.28 16.77
CA PHE G 206 -9.57 -18.13 15.49
C PHE G 206 -8.91 -16.76 15.38
N HIS G 207 -9.65 -15.72 15.75
CA HIS G 207 -9.34 -14.36 15.34
C HIS G 207 -8.07 -13.85 16.01
N ASP G 208 -7.96 -14.06 17.32
CA ASP G 208 -6.83 -13.52 18.07
C ASP G 208 -5.52 -14.14 17.63
N GLN G 209 -5.47 -15.46 17.49
CA GLN G 209 -4.22 -16.10 17.12
C GLN G 209 -3.90 -15.89 15.65
N LEU G 210 -4.91 -15.75 14.79
CA LEU G 210 -4.68 -15.36 13.40
C LEU G 210 -3.99 -14.01 13.31
N LYS G 211 -4.56 -12.99 13.98
CA LYS G 211 -3.95 -11.66 13.94
C LYS G 211 -2.59 -11.66 14.62
N ALA G 212 -2.43 -12.42 15.70
CA ALA G 212 -1.18 -12.42 16.43
C ALA G 212 -0.05 -13.03 15.62
N ARG G 213 -0.31 -14.15 14.94
CA ARG G 213 0.71 -14.71 14.08
C ARG G 213 0.89 -13.92 12.78
N LEU G 214 -0.08 -13.08 12.42
CA LEU G 214 0.09 -12.17 11.30
C LEU G 214 0.76 -10.87 11.68
N LEU G 215 0.98 -10.62 12.98
CA LEU G 215 1.44 -9.31 13.43
C LEU G 215 2.85 -8.96 12.96
N GLU G 216 3.72 -9.96 12.81
CA GLU G 216 5.11 -9.67 12.48
C GLU G 216 5.25 -9.17 11.05
N HIS G 217 4.45 -9.72 10.12
CA HIS G 217 4.59 -9.40 8.71
C HIS G 217 3.87 -8.11 8.31
N THR G 218 3.10 -7.50 9.22
CA THR G 218 2.39 -6.23 9.01
C THR G 218 1.44 -6.30 7.80
N ILE G 219 0.43 -7.15 7.94
CA ILE G 219 -0.62 -7.30 6.93
C ILE G 219 -1.95 -6.92 7.57
N PRO G 220 -2.75 -6.05 6.95
CA PRO G 220 -4.11 -5.81 7.45
C PRO G 220 -5.08 -6.85 6.89
N THR G 221 -5.94 -7.38 7.76
CA THR G 221 -6.91 -8.39 7.37
C THR G 221 -8.20 -8.18 8.12
N GLN G 222 -9.30 -8.69 7.55
CA GLN G 222 -10.62 -8.59 8.17
C GLN G 222 -11.34 -9.92 8.04
N ILE G 223 -11.89 -10.39 9.14
CA ILE G 223 -12.59 -11.67 9.19
C ILE G 223 -14.09 -11.41 9.11
N LEU G 224 -14.75 -12.03 8.14
CA LEU G 224 -16.18 -11.87 7.93
C LEU G 224 -16.84 -13.24 7.98
N ARG G 225 -17.78 -13.42 8.89
CA ARG G 225 -18.55 -14.65 8.94
C ARG G 225 -19.48 -14.74 7.74
N GLU G 226 -19.78 -15.97 7.32
CA GLU G 226 -20.78 -16.17 6.28
C GLU G 226 -22.17 -15.77 6.76
N SER G 227 -22.41 -15.81 8.07
CA SER G 227 -23.70 -15.35 8.61
C SER G 227 -23.90 -13.87 8.39
N THR G 228 -22.81 -13.10 8.31
CA THR G 228 -22.91 -11.65 8.23
C THR G 228 -23.53 -11.20 6.91
N LEU G 229 -23.02 -11.72 5.79
CA LEU G 229 -23.38 -11.21 4.48
C LEU G 229 -24.14 -12.23 3.63
N ALA G 230 -24.78 -13.22 4.26
CA ALA G 230 -25.63 -14.16 3.56
C ALA G 230 -26.88 -14.46 4.39
N TRP G 231 -27.50 -13.41 4.94
CA TRP G 231 -28.65 -13.59 5.81
C TRP G 231 -29.91 -14.03 5.09
N ARG G 232 -29.91 -14.02 3.75
CA ARG G 232 -31.08 -14.45 3.00
C ARG G 232 -31.36 -15.93 3.21
N ASP G 233 -30.33 -16.77 3.21
CA ASP G 233 -30.49 -18.21 3.32
C ASP G 233 -29.85 -18.83 4.55
N PHE G 234 -29.38 -18.02 5.50
CA PHE G 234 -28.89 -18.55 6.77
C PHE G 234 -30.10 -18.78 7.66
N LYS G 235 -30.68 -19.97 7.53
CA LYS G 235 -31.98 -20.29 8.10
C LYS G 235 -31.87 -21.50 9.01
N ASN G 236 -32.52 -21.44 10.16
CA ASN G 236 -32.59 -22.59 11.05
C ASN G 236 -33.76 -23.48 10.62
N THR G 237 -34.12 -24.44 11.48
CA THR G 237 -35.19 -25.36 11.12
C THR G 237 -36.56 -24.69 11.13
N PHE G 238 -36.75 -23.66 11.95
CA PHE G 238 -38.06 -23.03 12.07
C PHE G 238 -38.39 -22.20 10.84
N GLY G 239 -37.43 -21.40 10.37
CA GLY G 239 -37.66 -20.57 9.20
C GLY G 239 -37.16 -19.14 9.35
N ALA G 240 -37.12 -18.66 10.59
CA ALA G 240 -36.63 -17.31 10.83
C ALA G 240 -35.11 -17.26 10.63
N PRO G 241 -34.59 -16.22 9.99
CA PRO G 241 -33.13 -16.09 9.88
C PRO G 241 -32.48 -15.89 11.23
N ILE G 242 -31.32 -16.51 11.42
CA ILE G 242 -30.57 -16.32 12.64
C ILE G 242 -30.05 -14.88 12.72
N ARG G 243 -29.60 -14.35 11.59
CA ARG G 243 -29.13 -12.96 11.51
C ARG G 243 -30.22 -12.16 10.82
N ASP G 244 -31.10 -11.56 11.61
CA ASP G 244 -32.14 -10.67 11.08
C ASP G 244 -31.50 -9.34 10.72
N PHE G 245 -30.83 -9.32 9.58
CA PHE G 245 -30.20 -8.12 9.04
C PHE G 245 -31.05 -7.45 7.98
N SER G 246 -32.31 -7.88 7.83
CA SER G 246 -33.14 -7.43 6.72
C SER G 246 -33.46 -5.95 6.82
N LYS G 247 -33.73 -5.46 8.03
CA LYS G 247 -34.08 -4.06 8.23
C LYS G 247 -32.88 -3.18 8.56
N ILE G 248 -31.68 -3.77 8.68
CA ILE G 248 -30.49 -3.00 9.00
C ILE G 248 -29.39 -3.26 7.98
N GLU G 249 -29.76 -3.52 6.72
CA GLU G 249 -28.76 -3.63 5.68
C GLU G 249 -27.96 -2.34 5.55
N GLY G 250 -28.58 -1.19 5.82
CA GLY G 250 -27.83 0.05 5.88
C GLY G 250 -26.80 0.05 7.00
N HIS G 251 -27.17 -0.50 8.16
CA HIS G 251 -26.22 -0.59 9.27
C HIS G 251 -25.08 -1.53 8.95
N LEU G 252 -25.39 -2.67 8.33
CA LEU G 252 -24.36 -3.62 7.91
C LEU G 252 -23.40 -2.97 6.93
N ALA G 253 -23.95 -2.29 5.92
CA ALA G 253 -23.13 -1.63 4.92
C ALA G 253 -22.27 -0.54 5.54
N TRP G 254 -22.85 0.25 6.47
CA TRP G 254 -22.10 1.31 7.12
C TRP G 254 -20.93 0.75 7.92
N THR G 255 -21.18 -0.29 8.72
CA THR G 255 -20.12 -0.86 9.54
C THR G 255 -19.03 -1.49 8.70
N ILE G 256 -19.41 -2.30 7.70
CA ILE G 256 -18.42 -2.98 6.87
C ILE G 256 -17.60 -1.96 6.07
N SER G 257 -18.27 -0.96 5.47
CA SER G 257 -17.59 0.04 4.68
C SER G 257 -16.66 0.89 5.52
N THR G 258 -17.08 1.28 6.73
CA THR G 258 -16.23 2.08 7.59
C THR G 258 -15.00 1.28 8.04
N ALA G 259 -15.19 0.00 8.37
CA ALA G 259 -14.05 -0.84 8.74
C ALA G 259 -13.09 -1.01 7.57
N ALA G 260 -13.63 -1.19 6.35
CA ALA G 260 -12.79 -1.36 5.18
C ALA G 260 -12.02 -0.07 4.85
N TYR G 261 -12.66 1.08 5.00
CA TYR G 261 -11.99 2.35 4.74
C TYR G 261 -10.94 2.66 5.81
N TYR G 262 -11.20 2.29 7.07
CA TYR G 262 -10.19 2.45 8.10
C TYR G 262 -9.01 1.53 7.84
N LYS G 263 -9.28 0.30 7.43
CA LYS G 263 -8.20 -0.62 7.07
C LYS G 263 -7.57 -0.30 5.73
N ALA G 264 -8.18 0.60 4.95
CA ALA G 264 -7.56 1.05 3.71
C ALA G 264 -6.36 1.93 3.98
N GLY G 265 -6.50 2.90 4.87
CA GLY G 265 -5.41 3.80 5.18
C GLY G 265 -5.85 5.25 5.33
N GLY G 266 -7.12 5.52 5.06
CA GLY G 266 -7.66 6.87 5.16
C GLY G 266 -8.40 7.08 6.47
N LYS G 267 -8.26 8.27 7.02
CA LYS G 267 -8.91 8.61 8.29
C LYS G 267 -10.34 9.04 8.04
N PRO G 268 -11.35 8.36 8.61
CA PRO G 268 -12.73 8.77 8.39
C PRO G 268 -13.12 10.06 9.11
N TRP G 269 -12.77 10.20 10.39
CA TRP G 269 -13.12 11.42 11.10
C TRP G 269 -12.12 11.68 12.23
N LYS G 270 -11.84 12.96 12.48
CA LYS G 270 -10.93 13.41 13.52
C LYS G 270 -11.74 13.99 14.68
N LEU G 271 -11.04 14.55 15.66
CA LEU G 271 -11.66 15.11 16.84
C LEU G 271 -11.77 16.63 16.76
N GLY G 272 -12.72 17.17 17.52
CA GLY G 272 -13.02 18.58 17.46
C GLY G 272 -11.98 19.51 18.03
N ASP G 273 -11.79 19.49 19.35
CA ASP G 273 -10.87 20.41 20.00
C ASP G 273 -9.98 19.66 20.97
N ILE G 274 -8.67 19.68 20.70
CA ILE G 274 -7.65 19.18 21.60
C ILE G 274 -6.74 20.34 21.96
N ARG G 275 -6.62 20.64 23.24
CA ARG G 275 -5.69 21.67 23.66
C ARG G 275 -4.26 21.21 23.41
N PRO G 276 -3.34 22.12 23.04
CA PRO G 276 -1.98 21.70 22.70
C PRO G 276 -1.23 21.16 23.92
N GLY G 277 -0.39 20.16 23.65
CA GLY G 277 0.38 19.54 24.71
C GLY G 277 -0.37 18.59 25.60
N VAL G 278 -1.49 18.03 25.13
CA VAL G 278 -2.31 17.14 25.93
C VAL G 278 -2.47 15.82 25.19
N CYS G 279 -2.11 14.72 25.85
CA CYS G 279 -2.24 13.38 25.29
C CYS G 279 -2.97 12.49 26.28
N TYR G 280 -3.73 11.53 25.76
CA TYR G 280 -4.54 10.63 26.56
C TYR G 280 -3.98 9.22 26.48
N LEU G 281 -3.66 8.63 27.63
CA LEU G 281 -3.15 7.27 27.72
C LEU G 281 -4.19 6.41 28.43
N GLY G 282 -4.59 5.31 27.78
CA GLY G 282 -5.53 4.39 28.39
C GLY G 282 -4.87 3.09 28.82
N LEU G 283 -4.67 2.91 30.11
CA LEU G 283 -3.85 1.81 30.63
C LEU G 283 -4.64 0.51 30.58
N VAL G 284 -4.31 -0.34 29.61
CA VAL G 284 -4.86 -1.69 29.57
C VAL G 284 -4.37 -2.47 30.80
N TYR G 285 -5.21 -3.36 31.29
CA TYR G 285 -4.76 -4.40 32.22
C TYR G 285 -5.43 -5.72 31.88
N LYS G 286 -5.40 -6.08 30.60
CA LYS G 286 -5.95 -7.34 30.14
C LYS G 286 -5.24 -8.51 30.82
N LYS G 287 -6.01 -9.28 31.58
CA LYS G 287 -5.47 -10.41 32.32
C LYS G 287 -5.17 -11.53 31.35
N ILE G 288 -3.90 -11.74 31.05
CA ILE G 288 -3.46 -12.91 30.29
C ILE G 288 -3.81 -14.16 31.09
N GLU G 289 -4.27 -15.20 30.38
CA GLU G 289 -4.93 -16.34 31.00
C GLU G 289 -4.37 -17.68 30.54
N LYS G 290 -3.18 -17.69 29.93
CA LYS G 290 -2.67 -18.92 29.33
C LYS G 290 -2.20 -19.91 30.39
N SER G 291 -3.17 -20.59 31.01
CA SER G 291 -3.00 -21.83 31.80
C SER G 291 -2.15 -21.53 33.02
N LYS G 292 -1.10 -22.31 33.29
CA LYS G 292 -0.43 -22.34 34.59
C LYS G 292 0.93 -21.65 34.59
N ASN G 293 1.21 -20.80 33.60
CA ASN G 293 2.46 -20.06 33.59
C ASN G 293 2.48 -19.04 34.74
N PRO G 294 3.68 -18.64 35.22
CA PRO G 294 3.74 -17.48 36.11
C PRO G 294 3.13 -16.27 35.43
N GLN G 295 1.99 -15.82 35.96
CA GLN G 295 1.03 -15.09 35.15
C GLN G 295 1.18 -13.57 35.29
N ASN G 296 0.97 -13.06 36.50
CA ASN G 296 1.03 -11.63 36.83
C ASN G 296 0.12 -10.78 35.95
N ALA G 297 0.69 -9.93 35.10
CA ALA G 297 -0.10 -8.99 34.32
C ALA G 297 0.63 -8.63 33.03
N CYS G 298 -0.14 -8.12 32.07
CA CYS G 298 0.37 -7.72 30.75
C CYS G 298 -0.21 -6.37 30.34
N CYS G 299 -0.05 -5.37 31.19
CA CYS G 299 -0.60 -4.04 30.96
C CYS G 299 -0.06 -3.42 29.66
N ALA G 300 -0.90 -2.63 29.02
CA ALA G 300 -0.57 -1.93 27.77
C ALA G 300 -1.21 -0.55 27.81
N ALA G 301 -1.18 0.15 26.68
CA ALA G 301 -1.70 1.52 26.64
C ALA G 301 -2.10 1.90 25.22
N GLN G 302 -3.00 2.87 25.13
CA GLN G 302 -3.41 3.49 23.87
C GLN G 302 -3.17 4.98 23.97
N MET G 303 -2.64 5.59 22.92
CA MET G 303 -2.31 7.01 22.92
C MET G 303 -3.08 7.71 21.82
N PHE G 304 -3.80 8.79 22.18
CA PHE G 304 -4.49 9.64 21.23
C PHE G 304 -4.08 11.08 21.55
N LEU G 305 -3.35 11.70 20.62
CA LEU G 305 -2.73 13.01 20.86
C LEU G 305 -3.25 14.11 19.96
N ASP G 306 -3.22 13.93 18.64
CA ASP G 306 -3.61 15.00 17.72
C ASP G 306 -4.37 14.48 16.51
N ASN G 307 -4.87 13.25 16.54
CA ASN G 307 -5.40 12.63 15.33
C ASN G 307 -6.38 11.53 15.72
N GLY G 308 -6.89 10.83 14.72
CA GLY G 308 -7.66 9.62 14.87
C GLY G 308 -6.85 8.35 14.87
N ASP G 309 -5.53 8.46 14.83
CA ASP G 309 -4.63 7.32 14.83
C ASP G 309 -4.08 7.10 16.24
N GLY G 310 -4.05 5.84 16.66
CA GLY G 310 -3.53 5.52 17.97
C GLY G 310 -2.23 4.76 17.94
N THR G 311 -1.14 5.43 18.28
CA THR G 311 0.16 4.79 18.43
C THR G 311 0.12 3.92 19.68
N VAL G 312 0.01 2.61 19.49
CA VAL G 312 -0.23 1.68 20.58
C VAL G 312 0.95 0.73 20.67
N PHE G 313 1.60 0.72 21.83
CA PHE G 313 2.81 -0.05 22.05
C PHE G 313 2.55 -1.26 22.96
N LYS G 314 3.50 -2.18 22.97
CA LYS G 314 3.38 -3.41 23.73
C LYS G 314 3.97 -3.23 25.12
N GLY G 315 3.19 -3.57 26.14
CA GLY G 315 3.71 -3.62 27.47
C GLY G 315 4.51 -4.88 27.72
N GLU G 316 5.15 -4.91 28.88
CA GLU G 316 6.04 -6.01 29.24
C GLU G 316 5.25 -7.28 29.51
N VAL G 317 5.96 -8.41 29.46
CA VAL G 317 5.36 -9.72 29.71
C VAL G 317 4.90 -9.86 31.16
N GLY G 318 5.41 -9.03 32.05
CA GLY G 318 4.97 -9.04 33.44
C GLY G 318 5.45 -10.20 34.27
N PRO G 319 6.73 -10.22 34.65
CA PRO G 319 7.20 -11.20 35.63
C PRO G 319 7.07 -10.75 37.08
N TRP G 320 6.39 -9.64 37.36
CA TRP G 320 6.34 -9.08 38.70
C TRP G 320 4.89 -8.86 39.11
N TYR G 321 4.69 -8.76 40.43
CA TYR G 321 3.39 -8.53 41.06
C TYR G 321 2.38 -9.63 40.67
N ASN G 322 2.69 -10.82 41.19
CA ASN G 322 1.90 -12.05 41.11
C ASN G 322 0.45 -11.82 41.52
N PRO G 323 -0.50 -12.65 41.06
CA PRO G 323 -1.93 -12.34 41.28
C PRO G 323 -2.38 -12.27 42.73
N GLU G 324 -1.62 -12.84 43.67
CA GLU G 324 -1.95 -12.66 45.09
C GLU G 324 -1.89 -11.19 45.48
N LYS G 325 -0.82 -10.50 45.08
CA LYS G 325 -0.79 -9.04 45.06
C LYS G 325 -1.20 -8.52 43.69
N GLY G 326 -2.31 -9.03 43.18
CA GLY G 326 -2.74 -8.70 41.83
C GLY G 326 -3.63 -7.49 41.80
N GLU G 327 -3.17 -6.39 42.40
CA GLU G 327 -3.86 -5.12 42.32
C GLU G 327 -3.33 -4.24 41.21
N TYR G 328 -2.56 -4.84 40.29
CA TYR G 328 -2.27 -4.32 38.95
C TYR G 328 -1.55 -2.97 39.01
N HIS G 329 -0.34 -3.03 39.55
CA HIS G 329 0.51 -1.85 39.66
C HIS G 329 1.69 -1.98 38.71
N LEU G 330 2.48 -0.92 38.64
CA LEU G 330 3.69 -0.87 37.83
C LEU G 330 4.92 -0.81 38.72
N LYS G 331 5.94 -1.57 38.36
CA LYS G 331 7.24 -1.38 38.96
C LYS G 331 7.80 -0.03 38.53
N PRO G 332 8.65 0.60 39.36
CA PRO G 332 9.31 1.84 38.93
C PRO G 332 10.05 1.75 37.61
N LYS G 333 10.72 0.63 37.35
CA LYS G 333 11.40 0.43 36.08
C LYS G 333 10.39 0.36 34.92
N GLU G 334 9.32 -0.42 35.11
CA GLU G 334 8.33 -0.58 34.05
C GLU G 334 7.53 0.70 33.83
N ALA G 335 7.21 1.42 34.92
CA ALA G 335 6.53 2.70 34.77
C ALA G 335 7.41 3.72 34.07
N LYS G 336 8.71 3.73 34.39
CA LYS G 336 9.65 4.61 33.70
C LYS G 336 9.71 4.29 32.22
N ALA G 337 9.76 3.00 31.88
CA ALA G 337 9.78 2.60 30.47
C ALA G 337 8.51 3.03 29.75
N LEU G 338 7.36 2.86 30.40
CA LEU G 338 6.07 3.21 29.81
C LEU G 338 5.97 4.70 29.52
N LEU G 339 6.28 5.54 30.51
CA LEU G 339 6.16 6.97 30.28
C LEU G 339 7.27 7.50 29.39
N THR G 340 8.46 6.87 29.40
CA THR G 340 9.51 7.28 28.48
C THR G 340 9.11 6.98 27.04
N GLN G 341 8.47 5.84 26.81
CA GLN G 341 7.95 5.54 25.47
C GLN G 341 6.87 6.53 25.05
N ALA G 342 5.99 6.91 25.99
CA ALA G 342 4.98 7.92 25.67
C ALA G 342 5.59 9.27 25.31
N LEU G 343 6.59 9.71 26.09
CA LEU G 343 7.24 11.00 25.83
C LEU G 343 8.00 10.99 24.52
N GLU G 344 8.72 9.91 24.23
CA GLU G 344 9.45 9.84 22.98
C GLU G 344 8.53 9.73 21.78
N SER G 345 7.39 9.05 21.93
CA SER G 345 6.43 9.00 20.82
C SER G 345 5.82 10.36 20.57
N TYR G 346 5.55 11.13 21.64
CA TYR G 346 5.06 12.48 21.45
C TYR G 346 6.10 13.37 20.77
N LYS G 347 7.37 13.22 21.16
CA LYS G 347 8.44 13.98 20.51
C LYS G 347 8.58 13.59 19.04
N GLU G 348 8.34 12.32 18.72
CA GLU G 348 8.40 11.87 17.34
C GLU G 348 7.26 12.49 16.52
N GLN G 349 6.03 12.31 16.98
CA GLN G 349 4.87 12.64 16.16
C GLN G 349 4.39 14.08 16.29
N ASN G 350 4.97 14.88 17.19
CA ASN G 350 4.59 16.29 17.24
C ASN G 350 5.76 17.25 17.37
N LYS G 351 7.00 16.76 17.51
CA LYS G 351 8.21 17.58 17.52
C LYS G 351 8.23 18.61 18.65
N SER G 352 7.61 18.27 19.78
CA SER G 352 7.63 19.14 20.95
C SER G 352 7.28 18.29 22.17
N TYR G 353 7.43 18.89 23.36
CA TYR G 353 7.14 18.11 24.56
C TYR G 353 5.72 18.39 25.04
N PRO G 354 5.04 17.39 25.61
CA PRO G 354 3.65 17.60 26.02
C PRO G 354 3.55 18.39 27.31
N LYS G 355 2.43 19.11 27.43
CA LYS G 355 2.20 19.95 28.60
C LYS G 355 1.49 19.21 29.72
N GLU G 356 0.49 18.40 29.39
CA GLU G 356 -0.27 17.66 30.39
C GLU G 356 -0.62 16.29 29.85
N VAL G 357 -0.46 15.26 30.68
CA VAL G 357 -0.58 13.87 30.24
C VAL G 357 -1.67 13.19 31.05
N PHE G 358 -2.61 12.57 30.35
CA PHE G 358 -3.73 11.86 30.97
C PHE G 358 -3.41 10.38 31.05
N ILE G 359 -3.90 9.74 32.11
CA ILE G 359 -3.80 8.30 32.27
C ILE G 359 -5.18 7.75 32.60
N HIS G 360 -5.71 6.91 31.72
CA HIS G 360 -6.99 6.24 31.93
C HIS G 360 -6.74 4.80 32.37
N ALA G 361 -7.56 4.31 33.29
CA ALA G 361 -7.39 2.96 33.81
C ALA G 361 -8.72 2.47 34.37
N ARG G 362 -8.73 1.21 34.82
CA ARG G 362 -9.88 0.60 35.47
C ARG G 362 -9.63 0.25 36.93
N THR G 363 -8.45 0.56 37.46
CA THR G 363 -8.11 0.22 38.84
C THR G 363 -7.37 1.38 39.48
N ARG G 364 -7.30 1.34 40.81
CA ARG G 364 -6.71 2.43 41.56
C ARG G 364 -5.20 2.47 41.38
N PHE G 365 -4.62 3.62 41.65
CA PHE G 365 -3.18 3.84 41.56
C PHE G 365 -2.60 3.96 42.97
N ASN G 366 -1.28 4.14 43.02
CA ASN G 366 -0.58 4.21 44.31
C ASN G 366 0.35 5.40 44.37
N ASP G 367 1.21 5.44 45.39
CA ASP G 367 2.16 6.52 45.57
C ASP G 367 3.55 6.20 45.03
N GLU G 368 4.02 4.96 45.14
CA GLU G 368 5.36 4.65 44.66
C GLU G 368 5.41 4.62 43.14
N GLU G 369 4.34 4.15 42.49
CA GLU G 369 4.26 4.25 41.05
C GLU G 369 4.25 5.70 40.59
N TRP G 370 3.57 6.58 41.33
CA TRP G 370 3.53 7.98 40.92
C TRP G 370 4.85 8.71 41.18
N ASN G 371 5.54 8.42 42.29
CA ASN G 371 6.83 9.10 42.47
C ASN G 371 7.93 8.47 41.63
N ALA G 372 7.69 7.27 41.09
CA ALA G 372 8.53 6.79 40.01
C ALA G 372 8.20 7.46 38.69
N PHE G 373 6.91 7.72 38.44
CA PHE G 373 6.50 8.40 37.23
C PHE G 373 7.02 9.82 37.16
N ASN G 374 6.97 10.55 38.28
CA ASN G 374 7.29 11.98 38.27
C ASN G 374 8.77 12.26 38.14
N GLU G 375 9.64 11.30 38.41
CA GLU G 375 11.07 11.52 38.27
C GLU G 375 11.53 11.48 36.82
N VAL G 376 10.67 11.06 35.89
CA VAL G 376 11.01 11.09 34.47
C VAL G 376 10.29 12.22 33.72
N THR G 377 9.22 12.78 34.28
CA THR G 377 8.56 13.89 33.63
C THR G 377 9.34 15.19 33.87
N PRO G 378 9.32 16.11 32.90
CA PRO G 378 9.86 17.44 33.15
C PRO G 378 9.01 18.20 34.15
N LYS G 379 9.64 19.21 34.77
CA LYS G 379 9.01 19.94 35.86
C LYS G 379 7.81 20.77 35.40
N ASN G 380 7.71 21.09 34.12
CA ASN G 380 6.58 21.86 33.63
C ASN G 380 5.33 21.01 33.42
N THR G 381 5.43 19.69 33.49
CA THR G 381 4.33 18.82 33.12
C THR G 381 3.46 18.49 34.32
N ASN G 382 2.22 18.11 34.02
CA ASN G 382 1.25 17.73 35.03
C ASN G 382 0.69 16.36 34.69
N LEU G 383 0.55 15.51 35.72
CA LEU G 383 0.10 14.13 35.55
C LEU G 383 -1.26 13.95 36.23
N VAL G 384 -2.16 13.25 35.56
CA VAL G 384 -3.52 13.02 36.05
C VAL G 384 -3.88 11.56 35.81
N GLY G 385 -4.40 10.89 36.82
CA GLY G 385 -4.85 9.51 36.72
C GLY G 385 -6.37 9.44 36.78
N VAL G 386 -6.95 8.60 35.92
CA VAL G 386 -8.40 8.50 35.78
C VAL G 386 -8.78 7.03 35.87
N THR G 387 -9.73 6.71 36.76
CA THR G 387 -10.26 5.37 36.90
C THR G 387 -11.69 5.32 36.39
N ILE G 388 -11.98 4.34 35.55
CA ILE G 388 -13.30 4.18 34.94
C ILE G 388 -13.88 2.85 35.41
N THR G 389 -15.02 2.89 36.07
CA THR G 389 -15.69 1.71 36.57
C THR G 389 -17.04 1.55 35.89
N LYS G 390 -17.50 0.30 35.80
CA LYS G 390 -18.79 -0.02 35.20
C LYS G 390 -19.73 -0.76 36.14
N SER G 391 -19.24 -1.31 37.24
CA SER G 391 -20.04 -2.17 38.09
C SER G 391 -20.81 -1.43 39.16
N LYS G 392 -20.62 -0.13 39.29
CA LYS G 392 -21.27 0.63 40.36
C LYS G 392 -22.75 0.82 40.03
N PRO G 393 -23.66 0.40 40.90
CA PRO G 393 -25.09 0.53 40.60
C PRO G 393 -25.65 1.90 41.00
N LEU G 394 -26.15 2.63 40.02
CA LEU G 394 -26.88 3.87 40.26
C LEU G 394 -27.81 4.09 39.08
N LYS G 395 -29.11 3.91 39.28
CA LYS G 395 -30.09 4.00 38.21
C LYS G 395 -31.06 5.14 38.52
N LEU G 396 -31.02 6.18 37.69
CA LEU G 396 -31.91 7.33 37.85
C LEU G 396 -33.11 7.14 36.95
N TYR G 397 -34.24 6.77 37.56
CA TYR G 397 -35.47 6.58 36.80
C TYR G 397 -36.15 7.93 36.58
N LYS G 398 -37.07 7.97 35.62
CA LYS G 398 -37.75 9.21 35.25
C LYS G 398 -39.19 9.19 35.74
N THR G 399 -39.58 10.29 36.40
CA THR G 399 -40.90 10.38 37.01
C THR G 399 -42.01 10.36 35.96
N GLU G 400 -41.83 11.08 34.86
CA GLU G 400 -42.83 11.09 33.79
C GLU G 400 -42.15 11.39 32.47
N GLY G 401 -42.49 10.61 31.45
CA GLY G 401 -41.92 10.83 30.13
C GLY G 401 -41.96 9.55 29.31
N ALA G 402 -41.36 9.65 28.12
CA ALA G 402 -41.34 8.57 27.16
C ALA G 402 -39.92 8.13 26.80
N PHE G 403 -38.96 8.37 27.67
CA PHE G 403 -37.56 8.01 27.41
C PHE G 403 -36.86 7.88 28.76
N PRO G 404 -35.63 7.34 28.77
CA PRO G 404 -34.80 7.44 29.98
C PRO G 404 -33.92 8.68 30.00
N ILE G 405 -33.06 8.77 31.03
CA ILE G 405 -32.13 9.88 31.16
C ILE G 405 -31.19 9.94 29.97
N MET G 406 -30.96 11.15 29.48
CA MET G 406 -30.21 11.38 28.25
C MET G 406 -28.71 11.47 28.49
N ARG G 407 -27.96 11.34 27.40
CA ARG G 407 -26.52 11.36 27.45
C ARG G 407 -26.00 12.74 27.84
N GLY G 408 -24.94 12.77 28.64
CA GLY G 408 -24.26 13.99 28.98
C GLY G 408 -24.61 14.58 30.32
N ASN G 409 -25.66 14.09 30.98
CA ASN G 409 -26.00 14.55 32.32
C ASN G 409 -25.05 13.89 33.31
N ALA G 410 -24.19 14.69 33.94
CA ALA G 410 -23.17 14.18 34.83
C ALA G 410 -23.42 14.62 36.26
N TYR G 411 -23.16 13.74 37.20
CA TYR G 411 -23.41 13.98 38.62
C TYR G 411 -22.08 14.15 39.35
N ILE G 412 -21.88 15.30 39.98
CA ILE G 412 -20.60 15.66 40.59
C ILE G 412 -20.77 15.62 42.10
N VAL G 413 -19.91 14.84 42.77
CA VAL G 413 -20.01 14.65 44.21
C VAL G 413 -18.79 15.26 44.92
N ASP G 414 -17.68 15.37 44.20
CA ASP G 414 -16.44 15.95 44.71
C ASP G 414 -15.56 16.35 43.52
N GLU G 415 -14.46 17.04 43.82
CA GLU G 415 -13.60 17.53 42.75
C GLU G 415 -12.75 16.43 42.14
N LYS G 416 -12.39 15.41 42.93
CA LYS G 416 -11.53 14.36 42.43
C LYS G 416 -12.30 13.17 41.88
N LYS G 417 -13.62 13.12 42.03
CA LYS G 417 -14.38 12.02 41.44
C LYS G 417 -15.82 12.44 41.23
N ALA G 418 -16.42 11.89 40.16
CA ALA G 418 -17.79 12.22 39.79
C ALA G 418 -18.32 11.14 38.86
N PHE G 419 -19.64 11.14 38.69
CA PHE G 419 -20.32 10.28 37.75
C PHE G 419 -20.39 10.95 36.37
N LEU G 420 -20.64 10.13 35.35
CA LEU G 420 -20.86 10.63 34.01
C LEU G 420 -21.73 9.62 33.26
N TRP G 421 -22.72 10.13 32.54
CA TRP G 421 -23.64 9.29 31.77
C TRP G 421 -23.24 9.40 30.30
N THR G 422 -22.36 8.49 29.87
CA THR G 422 -21.93 8.44 28.48
C THR G 422 -22.87 7.62 27.61
N LEU G 423 -23.93 7.06 28.18
CA LEU G 423 -24.84 6.20 27.44
C LEU G 423 -26.27 6.55 27.81
N GLY G 424 -27.11 6.70 26.80
CA GLY G 424 -28.50 7.05 27.02
C GLY G 424 -29.05 7.77 25.80
N PHE G 425 -30.05 8.61 26.06
CA PHE G 425 -30.73 9.30 24.97
C PHE G 425 -29.87 10.46 24.45
N VAL G 426 -30.02 10.74 23.16
CA VAL G 426 -29.37 11.88 22.51
C VAL G 426 -30.38 12.55 21.59
N PRO G 427 -30.50 13.88 21.60
CA PRO G 427 -31.51 14.54 20.75
C PRO G 427 -31.27 14.38 19.27
N LYS G 428 -30.04 14.11 18.83
CA LYS G 428 -29.77 13.90 17.41
C LYS G 428 -30.40 12.61 16.93
N LEU G 429 -30.00 11.48 17.51
CA LEU G 429 -30.39 10.19 16.97
C LEU G 429 -31.86 9.87 17.26
N GLN G 430 -32.48 10.54 18.23
CA GLN G 430 -33.89 10.36 18.57
C GLN G 430 -34.21 8.92 18.95
N SER G 431 -33.25 8.23 19.57
CA SER G 431 -33.46 6.90 20.11
C SER G 431 -32.39 6.67 21.17
N THR G 432 -32.51 5.55 21.88
CA THR G 432 -31.58 5.21 22.95
C THR G 432 -30.63 4.11 22.49
N LEU G 433 -29.34 4.35 22.72
CA LEU G 433 -28.33 3.33 22.45
C LEU G 433 -28.40 2.18 23.43
N SER G 434 -29.02 2.38 24.59
CA SER G 434 -29.09 1.40 25.64
C SER G 434 -30.38 0.59 25.54
N MET G 435 -30.56 -0.31 26.49
CA MET G 435 -31.80 -1.04 26.67
C MET G 435 -32.16 -1.03 28.14
N GLU G 436 -33.45 -1.22 28.42
CA GLU G 436 -34.06 -0.99 29.73
C GLU G 436 -33.70 0.40 30.24
N VAL G 437 -32.85 0.47 31.27
CA VAL G 437 -32.40 1.73 31.83
C VAL G 437 -30.88 1.75 31.74
N PRO G 438 -30.26 2.82 31.26
CA PRO G 438 -28.80 2.84 31.12
C PRO G 438 -28.10 2.90 32.47
N ASN G 439 -26.83 2.53 32.45
CA ASN G 439 -25.94 2.57 33.59
C ASN G 439 -24.83 3.59 33.36
N PRO G 440 -24.50 4.39 34.36
CA PRO G 440 -23.44 5.39 34.20
C PRO G 440 -22.07 4.75 34.36
N ILE G 441 -21.05 5.59 34.26
CA ILE G 441 -19.68 5.21 34.58
C ILE G 441 -19.18 6.15 35.67
N PHE G 442 -18.42 5.61 36.60
CA PHE G 442 -17.89 6.39 37.72
C PHE G 442 -16.45 6.76 37.40
N ILE G 443 -16.15 8.05 37.44
CA ILE G 443 -14.84 8.58 37.10
C ILE G 443 -14.19 9.12 38.37
N GLU G 444 -12.93 8.76 38.59
CA GLU G 444 -12.18 9.22 39.74
C GLU G 444 -10.83 9.76 39.30
N ILE G 445 -10.38 10.84 39.94
CA ILE G 445 -9.03 11.34 39.79
C ILE G 445 -8.30 10.95 41.06
N ASN G 446 -7.53 9.85 40.99
CA ASN G 446 -6.90 9.31 42.19
C ASN G 446 -5.80 10.23 42.70
N LYS G 447 -4.95 10.71 41.81
CA LYS G 447 -3.89 11.64 42.18
C LYS G 447 -3.81 12.76 41.14
N GLY G 448 -3.41 13.94 41.59
CA GLY G 448 -3.27 15.08 40.72
C GLY G 448 -4.21 16.21 41.11
N GLU G 449 -4.03 17.35 40.43
CA GLU G 449 -4.88 18.50 40.58
C GLU G 449 -5.42 18.90 39.21
N ALA G 450 -6.75 18.91 39.07
CA ALA G 450 -7.39 19.27 37.81
C ALA G 450 -8.83 19.66 38.10
N GLU G 451 -9.54 20.04 37.04
CA GLU G 451 -10.95 20.37 37.12
C GLU G 451 -11.78 19.18 36.69
N ILE G 452 -12.83 18.88 37.47
CA ILE G 452 -13.67 17.71 37.18
C ILE G 452 -14.42 17.90 35.87
N GLN G 453 -14.82 19.13 35.54
CA GLN G 453 -15.48 19.39 34.27
C GLN G 453 -14.57 19.08 33.10
N GLN G 454 -13.27 19.35 33.24
CA GLN G 454 -12.33 19.11 32.15
C GLN G 454 -12.19 17.62 31.84
N VAL G 455 -12.05 16.79 32.88
CA VAL G 455 -11.91 15.36 32.63
C VAL G 455 -13.23 14.78 32.12
N LEU G 456 -14.37 15.30 32.61
CA LEU G 456 -15.66 14.88 32.09
C LEU G 456 -15.78 15.21 30.60
N LYS G 457 -15.37 16.42 30.21
CA LYS G 457 -15.39 16.81 28.80
C LYS G 457 -14.47 15.93 27.96
N ASP G 458 -13.28 15.64 28.47
CA ASP G 458 -12.32 14.86 27.71
C ASP G 458 -12.82 13.43 27.50
N ILE G 459 -13.44 12.83 28.51
CA ILE G 459 -13.96 11.47 28.36
C ILE G 459 -15.17 11.45 27.43
N LEU G 460 -16.05 12.46 27.54
CA LEU G 460 -17.18 12.55 26.65
C LEU G 460 -16.75 12.78 25.20
N ALA G 461 -15.61 13.44 24.99
CA ALA G 461 -15.07 13.54 23.64
C ALA G 461 -14.45 12.24 23.18
N LEU G 462 -13.76 11.54 24.09
CA LEU G 462 -13.02 10.34 23.72
C LEU G 462 -13.93 9.15 23.43
N THR G 463 -15.18 9.17 23.91
CA THR G 463 -16.05 8.03 23.67
C THR G 463 -16.66 8.00 22.26
N LYS G 464 -16.19 8.82 21.33
CA LYS G 464 -16.81 8.93 20.01
C LYS G 464 -15.84 8.59 18.88
N LEU G 465 -14.91 7.65 19.09
CA LEU G 465 -13.93 7.30 18.08
C LEU G 465 -13.91 5.80 17.78
N ASN G 466 -15.06 5.15 17.81
CA ASN G 466 -15.11 3.73 17.46
C ASN G 466 -14.95 3.57 15.95
N TYR G 467 -14.10 2.65 15.54
CA TYR G 467 -13.77 2.46 14.13
C TYR G 467 -14.18 1.10 13.57
N ASN G 468 -14.24 0.06 14.40
CA ASN G 468 -14.76 -1.22 13.91
C ASN G 468 -16.27 -1.16 13.67
N ALA G 469 -16.95 -0.26 14.36
CA ALA G 469 -18.40 -0.10 14.22
C ALA G 469 -18.74 1.35 13.96
N CYS G 470 -19.71 1.56 13.06
CA CYS G 470 -20.21 2.90 12.76
C CYS G 470 -21.42 3.16 13.65
N ILE G 471 -21.14 3.48 14.90
CA ILE G 471 -22.15 3.79 15.90
C ILE G 471 -21.95 5.22 16.37
N TYR G 472 -23.02 5.81 16.89
CA TYR G 472 -22.94 7.18 17.40
C TYR G 472 -22.03 7.25 18.61
N ALA G 473 -22.21 6.36 19.58
CA ALA G 473 -21.41 6.37 20.79
C ALA G 473 -21.42 4.98 21.40
N ASP G 474 -20.51 4.77 22.35
CA ASP G 474 -20.44 3.54 23.12
C ASP G 474 -20.31 3.89 24.59
N GLY G 475 -20.44 2.86 25.44
CA GLY G 475 -20.39 3.06 26.86
C GLY G 475 -19.03 3.49 27.37
N GLU G 476 -18.05 2.60 27.26
CA GLU G 476 -16.70 2.94 27.67
C GLU G 476 -16.06 3.90 26.67
N PRO G 477 -15.07 4.67 27.11
CA PRO G 477 -14.24 5.40 26.15
C PRO G 477 -13.49 4.43 25.25
N VAL G 478 -13.21 4.89 24.02
CA VAL G 478 -12.60 4.03 23.01
C VAL G 478 -11.17 3.64 23.39
N THR G 479 -10.52 4.41 24.27
CA THR G 479 -9.18 4.04 24.73
C THR G 479 -9.20 2.76 25.54
N LEU G 480 -10.29 2.50 26.26
CA LEU G 480 -10.46 1.23 26.96
C LEU G 480 -11.20 0.20 26.13
N ARG G 481 -11.99 0.65 25.15
CA ARG G 481 -12.65 -0.29 24.24
C ARG G 481 -11.63 -1.02 23.38
N PHE G 482 -10.61 -0.29 22.91
CA PHE G 482 -9.55 -0.90 22.12
C PHE G 482 -8.58 -1.71 22.98
N ALA G 483 -8.63 -1.47 24.30
CA ALA G 483 -7.70 -2.11 25.23
C ALA G 483 -7.86 -3.63 25.25
N ASN G 484 -9.10 -4.10 25.27
CA ASN G 484 -9.34 -5.54 25.36
C ASN G 484 -8.79 -6.27 24.14
N LYS G 485 -9.04 -5.75 22.95
CA LYS G 485 -8.58 -6.46 21.77
C LYS G 485 -7.07 -6.34 21.60
N ILE G 486 -6.46 -5.19 21.94
CA ILE G 486 -5.02 -5.10 21.79
C ILE G 486 -4.32 -6.02 22.79
N GLY G 487 -4.85 -6.14 24.01
CA GLY G 487 -4.27 -7.08 24.97
C GLY G 487 -4.47 -8.52 24.56
N GLU G 488 -5.66 -8.86 24.06
CA GLU G 488 -5.92 -10.23 23.65
C GLU G 488 -5.06 -10.63 22.45
N ILE G 489 -4.82 -9.69 21.54
CA ILE G 489 -3.96 -9.99 20.39
C ILE G 489 -2.51 -10.15 20.84
N LEU G 490 -2.02 -9.23 21.67
CA LEU G 490 -0.61 -9.27 22.04
C LEU G 490 -0.28 -10.43 22.97
N THR G 491 -1.25 -10.90 23.76
CA THR G 491 -1.00 -11.97 24.72
C THR G 491 -1.40 -13.35 24.20
N ALA G 492 -1.80 -13.45 22.93
CA ALA G 492 -2.15 -14.74 22.36
C ALA G 492 -0.97 -15.48 21.77
N SER G 493 0.07 -14.78 21.31
CA SER G 493 1.25 -15.39 20.73
C SER G 493 2.48 -14.95 21.49
N THR G 494 3.36 -15.91 21.77
CA THR G 494 4.55 -15.66 22.56
C THR G 494 5.73 -15.15 21.73
N GLU G 495 5.63 -15.15 20.41
CA GLU G 495 6.77 -14.86 19.56
C GLU G 495 6.95 -13.37 19.28
N ILE G 496 6.05 -12.51 19.72
CA ILE G 496 6.08 -11.10 19.36
C ILE G 496 7.06 -10.37 20.28
N LYS G 497 7.99 -9.63 19.67
CA LYS G 497 8.95 -8.85 20.43
C LYS G 497 8.73 -7.35 20.28
N THR G 498 8.70 -6.82 19.06
CA THR G 498 8.43 -5.41 18.82
C THR G 498 7.32 -5.30 17.79
N PRO G 499 6.07 -5.11 18.23
CA PRO G 499 4.94 -5.18 17.31
C PRO G 499 4.68 -3.84 16.65
N PRO G 500 3.87 -3.81 15.59
CA PRO G 500 3.51 -2.53 14.98
C PRO G 500 2.62 -1.70 15.89
N LEU G 501 2.72 -0.37 15.73
CA LEU G 501 1.94 0.56 16.53
C LEU G 501 0.71 1.09 15.82
N ALA G 502 0.60 0.88 14.51
CA ALA G 502 -0.61 1.25 13.80
C ALA G 502 -1.73 0.26 14.10
N PHE G 503 -2.96 0.74 14.03
CA PHE G 503 -4.11 0.03 14.57
C PHE G 503 -4.87 -0.75 13.50
N LYS G 504 -4.42 -0.71 12.25
CA LYS G 504 -5.13 -1.42 11.20
C LYS G 504 -4.94 -2.93 11.27
N TYR G 505 -3.95 -3.39 12.03
CA TYR G 505 -3.62 -4.80 12.13
C TYR G 505 -4.27 -5.47 13.34
N TYR G 506 -5.21 -4.80 13.99
CA TYR G 506 -5.81 -5.35 15.21
C TYR G 506 -7.31 -5.50 15.15
N ILE G 507 -8.03 -4.50 14.64
CA ILE G 507 -9.49 -4.54 14.66
C ILE G 507 -10.04 -5.38 13.53
N MET H 1 -42.09 29.57 -17.72
CA MET H 1 -41.66 28.57 -16.75
C MET H 1 -40.23 28.82 -16.30
N ARG H 2 -40.08 29.48 -15.15
CA ARG H 2 -38.78 29.79 -14.57
C ARG H 2 -38.60 28.96 -13.30
N ASN H 3 -37.66 28.01 -13.34
CA ASN H 3 -37.46 27.13 -12.19
C ASN H 3 -36.00 26.84 -11.89
N LYS H 4 -35.06 27.60 -12.40
CA LYS H 4 -33.65 27.28 -12.19
C LYS H 4 -33.07 28.11 -11.05
N ILE H 5 -31.97 27.59 -10.49
CA ILE H 5 -31.24 28.25 -9.41
C ILE H 5 -29.85 28.60 -9.93
N PHE H 6 -29.47 29.86 -9.77
CA PHE H 6 -28.22 30.37 -10.31
C PHE H 6 -27.21 30.56 -9.18
N ILE H 7 -26.02 30.01 -9.36
CA ILE H 7 -24.93 30.15 -8.40
C ILE H 7 -23.79 30.88 -9.07
N SER H 8 -23.36 32.00 -8.47
CA SER H 8 -22.25 32.81 -9.04
C SER H 8 -21.10 32.87 -8.03
N HIS H 9 -19.94 32.30 -8.37
CA HIS H 9 -18.78 32.28 -7.45
C HIS H 9 -17.49 32.49 -8.24
N ALA H 10 -16.37 32.73 -7.54
CA ALA H 10 -15.07 32.89 -8.22
C ALA H 10 -14.80 31.65 -9.08
N THR H 11 -14.28 31.84 -10.29
CA THR H 11 -14.06 30.68 -11.21
C THR H 11 -13.19 29.63 -10.52
N PRO H 12 -11.98 29.95 -9.99
CA PRO H 12 -11.10 28.94 -9.41
C PRO H 12 -11.18 28.81 -7.88
N GLU H 13 -12.07 29.57 -7.24
CA GLU H 13 -12.15 29.56 -5.75
C GLU H 13 -13.58 29.26 -5.31
N ASP H 14 -13.76 28.60 -4.17
CA ASP H 14 -15.12 28.23 -3.66
C ASP H 14 -15.71 27.15 -4.58
N ASP H 15 -14.89 26.56 -5.44
CA ASP H 15 -15.38 25.51 -6.39
C ASP H 15 -15.99 24.38 -5.56
N ASP H 16 -15.35 24.12 -4.43
CA ASP H 16 -15.92 23.14 -3.48
C ASP H 16 -17.25 23.68 -2.98
N PHE H 17 -17.22 24.81 -2.27
CA PHE H 17 -18.49 25.29 -1.67
C PHE H 17 -19.57 25.28 -2.73
N THR H 18 -19.29 25.86 -3.89
CA THR H 18 -20.33 25.95 -4.95
C THR H 18 -20.73 24.53 -5.38
N ARG H 19 -19.79 23.71 -5.83
CA ARG H 19 -20.14 22.37 -6.36
C ARG H 19 -20.93 21.58 -5.32
N TRP H 20 -20.60 21.73 -4.03
CA TRP H 20 -21.37 21.05 -2.96
C TRP H 20 -22.81 21.57 -2.99
N LEU H 21 -23.02 22.81 -2.56
CA LEU H 21 -24.36 23.42 -2.57
C LEU H 21 -25.01 23.02 -3.88
N SER H 22 -24.27 23.20 -4.97
CA SER H 22 -24.84 22.91 -6.30
C SER H 22 -25.39 21.50 -6.30
N LEU H 23 -24.53 20.51 -6.10
CA LEU H 23 -25.02 19.12 -6.20
C LEU H 23 -26.16 18.93 -5.20
N LYS H 24 -25.86 19.08 -3.92
CA LYS H 24 -26.87 18.85 -2.89
C LYS H 24 -28.24 19.39 -3.32
N LEU H 25 -28.27 20.55 -3.98
CA LEU H 25 -29.53 21.08 -4.49
C LEU H 25 -30.11 20.19 -5.58
N ILE H 26 -29.28 19.66 -6.48
CA ILE H 26 -29.81 18.78 -7.51
C ILE H 26 -30.21 17.43 -6.94
N GLY H 27 -29.65 17.02 -5.80
CA GLY H 27 -30.08 15.79 -5.17
C GLY H 27 -31.33 15.95 -4.35
N LEU H 28 -31.58 17.17 -3.86
CA LEU H 28 -32.79 17.44 -3.10
C LEU H 28 -34.01 17.62 -3.99
N GLY H 29 -33.83 17.71 -5.30
CA GLY H 29 -34.95 17.88 -6.20
C GLY H 29 -35.08 19.31 -6.68
N TYR H 30 -33.97 19.95 -7.00
CA TYR H 30 -33.97 21.32 -7.50
C TYR H 30 -33.14 21.40 -8.76
N GLU H 31 -33.62 22.19 -9.72
CA GLU H 31 -32.90 22.45 -10.96
C GLU H 31 -31.99 23.65 -10.73
N VAL H 32 -30.68 23.44 -10.74
CA VAL H 32 -29.71 24.44 -10.36
C VAL H 32 -28.68 24.60 -11.47
N TRP H 33 -28.37 25.85 -11.81
CA TRP H 33 -27.39 26.16 -12.84
C TRP H 33 -26.11 26.64 -12.18
N CYS H 34 -24.99 26.04 -12.56
CA CYS H 34 -23.69 26.43 -12.03
C CYS H 34 -22.67 26.41 -13.16
N ASP H 35 -21.60 27.18 -12.96
CA ASP H 35 -20.55 27.29 -13.97
C ASP H 35 -19.79 25.97 -14.11
N ILE H 36 -19.49 25.31 -12.99
CA ILE H 36 -18.58 24.17 -13.02
C ILE H 36 -19.23 22.97 -13.71
N LEU H 37 -20.47 22.65 -13.35
CA LEU H 37 -21.08 21.43 -13.87
C LEU H 37 -21.71 21.64 -15.25
N PHE H 38 -22.71 22.51 -15.33
CA PHE H 38 -23.48 22.63 -16.56
C PHE H 38 -22.75 23.42 -17.64
N LEU H 39 -22.03 24.48 -17.27
CA LEU H 39 -21.23 25.24 -18.22
C LEU H 39 -19.83 24.65 -18.35
N ASP H 40 -19.79 23.42 -18.86
CA ASP H 40 -18.53 22.74 -19.07
C ASP H 40 -17.73 23.45 -20.15
N LYS H 41 -16.41 23.24 -20.11
CA LYS H 41 -15.54 23.82 -21.12
C LYS H 41 -15.86 23.24 -22.49
N GLY H 42 -15.92 24.10 -23.49
CA GLY H 42 -16.33 23.68 -24.82
C GLY H 42 -17.64 24.33 -25.21
N VAL H 43 -18.17 25.18 -24.35
CA VAL H 43 -19.42 25.89 -24.60
C VAL H 43 -19.15 27.40 -24.52
N ASP H 44 -20.10 28.17 -25.02
CA ASP H 44 -20.07 29.62 -24.85
C ASP H 44 -20.69 30.01 -23.52
N PHE H 45 -20.17 31.07 -22.91
CA PHE H 45 -20.65 31.47 -21.59
C PHE H 45 -21.63 32.63 -21.64
N TRP H 46 -21.22 33.78 -22.19
CA TRP H 46 -21.92 35.03 -21.93
C TRP H 46 -23.31 35.06 -22.57
N SER H 47 -23.44 34.55 -23.80
CA SER H 47 -24.75 34.45 -24.42
C SER H 47 -25.65 33.50 -23.65
N THR H 48 -25.11 32.35 -23.23
CA THR H 48 -25.88 31.42 -22.42
C THR H 48 -26.19 31.99 -21.05
N ILE H 49 -25.23 32.73 -20.46
CA ILE H 49 -25.46 33.37 -19.16
C ILE H 49 -26.63 34.31 -19.24
N GLU H 50 -26.64 35.16 -20.28
CA GLU H 50 -27.77 36.07 -20.49
C GLU H 50 -29.06 35.32 -20.75
N LYS H 51 -28.99 34.22 -21.51
CA LYS H 51 -30.20 33.48 -21.88
C LYS H 51 -30.89 32.88 -20.67
N GLU H 52 -30.16 32.13 -19.84
CA GLU H 52 -30.85 31.58 -18.68
C GLU H 52 -31.02 32.57 -17.54
N ILE H 53 -30.32 33.71 -17.55
CA ILE H 53 -30.66 34.73 -16.56
C ILE H 53 -31.98 35.41 -16.92
N ARG H 54 -32.17 35.74 -18.20
CA ARG H 54 -33.35 36.50 -18.59
C ARG H 54 -34.53 35.62 -18.97
N GLU H 55 -34.37 34.31 -19.07
CA GLU H 55 -35.48 33.45 -19.47
C GLU H 55 -35.85 32.40 -18.44
N ASN H 56 -34.88 31.66 -17.90
CA ASN H 56 -35.17 30.44 -17.18
C ASN H 56 -34.92 30.48 -15.68
N THR H 57 -34.11 31.41 -15.17
CA THR H 57 -33.78 31.34 -13.75
C THR H 57 -34.92 31.90 -12.90
N CYS H 58 -34.92 31.50 -11.63
CA CYS H 58 -35.92 31.96 -10.67
C CYS H 58 -35.34 32.41 -9.35
N LYS H 59 -34.12 31.99 -9.00
CA LYS H 59 -33.47 32.44 -7.78
C LYS H 59 -31.99 32.65 -8.06
N PHE H 60 -31.45 33.78 -7.63
CA PHE H 60 -30.06 34.14 -7.87
C PHE H 60 -29.27 34.03 -6.57
N LEU H 61 -28.14 33.34 -6.63
CA LEU H 61 -27.28 33.14 -5.48
C LEU H 61 -25.86 33.58 -5.82
N ILE H 62 -25.26 34.40 -4.95
CA ILE H 62 -23.90 34.88 -5.10
C ILE H 62 -23.09 34.40 -3.90
N VAL H 63 -21.93 33.80 -4.17
CA VAL H 63 -21.03 33.35 -3.12
C VAL H 63 -20.05 34.49 -2.84
N SER H 64 -20.23 35.16 -1.71
CA SER H 64 -19.42 36.32 -1.36
C SER H 64 -18.16 35.85 -0.66
N SER H 65 -17.03 35.91 -1.36
CA SER H 65 -15.72 35.62 -0.82
C SER H 65 -14.76 36.73 -1.25
N THR H 66 -13.59 36.76 -0.62
CA THR H 66 -12.59 37.75 -1.00
C THR H 66 -12.10 37.51 -2.42
N ALA H 67 -11.97 36.24 -2.82
CA ALA H 67 -11.62 35.92 -4.20
C ALA H 67 -12.73 36.34 -5.16
N GLY H 68 -13.98 36.10 -4.79
CA GLY H 68 -15.10 36.47 -5.61
C GLY H 68 -15.60 37.89 -5.44
N ASN H 69 -14.95 38.67 -4.58
CA ASN H 69 -15.40 40.05 -4.36
C ASN H 69 -15.10 40.93 -5.56
N LYS H 70 -13.94 40.74 -6.21
CA LYS H 70 -13.53 41.57 -7.32
C LYS H 70 -13.32 40.77 -8.61
N ARG H 71 -13.74 39.51 -8.65
CA ARG H 71 -13.69 38.75 -9.90
C ARG H 71 -14.75 39.31 -10.86
N GLU H 72 -14.36 39.50 -12.13
CA GLU H 72 -15.17 40.30 -13.05
C GLU H 72 -16.51 39.63 -13.36
N GLY H 73 -16.51 38.32 -13.58
CA GLY H 73 -17.74 37.62 -13.91
C GLY H 73 -18.77 37.69 -12.82
N VAL H 74 -18.34 37.75 -11.56
CA VAL H 74 -19.26 37.77 -10.43
C VAL H 74 -20.11 39.04 -10.45
N LEU H 75 -19.47 40.21 -10.55
CA LEU H 75 -20.27 41.43 -10.60
C LEU H 75 -20.92 41.65 -11.96
N LYS H 76 -20.41 41.07 -13.04
CA LYS H 76 -21.17 41.11 -14.29
C LYS H 76 -22.49 40.36 -14.18
N GLU H 77 -22.44 39.16 -13.61
CA GLU H 77 -23.66 38.40 -13.35
C GLU H 77 -24.53 39.12 -12.33
N LEU H 78 -23.92 39.83 -11.37
CA LEU H 78 -24.70 40.62 -10.41
C LEU H 78 -25.43 41.77 -11.10
N ALA H 79 -24.78 42.42 -12.06
CA ALA H 79 -25.43 43.50 -12.79
C ALA H 79 -26.60 42.99 -13.63
N VAL H 80 -26.42 41.87 -14.30
CA VAL H 80 -27.54 41.31 -15.07
C VAL H 80 -28.63 40.79 -14.13
N ALA H 81 -28.26 40.35 -12.93
CA ALA H 81 -29.26 39.93 -11.94
C ALA H 81 -30.05 41.12 -11.42
N THR H 82 -29.39 42.26 -11.21
CA THR H 82 -30.09 43.47 -10.79
C THR H 82 -31.04 43.95 -11.88
N LYS H 83 -30.60 43.86 -13.14
CA LYS H 83 -31.47 44.23 -14.26
C LYS H 83 -32.70 43.33 -14.33
N VAL H 84 -32.50 42.01 -14.24
CA VAL H 84 -33.65 41.11 -14.30
C VAL H 84 -34.51 41.19 -13.04
N LYS H 85 -33.92 41.61 -11.91
CA LYS H 85 -34.70 41.79 -10.70
C LYS H 85 -35.61 43.01 -10.82
N LYS H 86 -35.12 44.07 -11.43
CA LYS H 86 -36.00 45.19 -11.77
C LYS H 86 -37.03 44.77 -12.81
N HIS H 87 -36.68 43.84 -13.70
CA HIS H 87 -37.61 43.40 -14.73
C HIS H 87 -38.79 42.64 -14.15
N LEU H 88 -38.53 41.63 -13.32
CA LEU H 88 -39.58 40.70 -12.92
C LEU H 88 -40.15 40.99 -11.53
N GLN H 89 -39.88 42.19 -10.99
CA GLN H 89 -40.41 42.73 -9.73
C GLN H 89 -40.39 41.72 -8.58
N ASP H 90 -39.16 41.34 -8.20
CA ASP H 90 -38.93 40.44 -7.08
C ASP H 90 -37.77 40.99 -6.25
N ASP H 91 -38.07 41.45 -5.04
CA ASP H 91 -37.02 42.02 -4.19
C ASP H 91 -36.20 40.96 -3.47
N MET H 92 -36.61 39.69 -3.53
CA MET H 92 -35.90 38.60 -2.90
C MET H 92 -35.25 37.69 -3.94
N PHE H 93 -35.03 38.21 -5.16
CA PHE H 93 -34.47 37.40 -6.23
C PHE H 93 -33.01 37.04 -5.98
N ILE H 94 -32.26 37.90 -5.30
CA ILE H 94 -30.86 37.67 -5.02
C ILE H 94 -30.75 37.17 -3.58
N ILE H 95 -30.22 35.96 -3.42
CA ILE H 95 -30.00 35.36 -2.11
C ILE H 95 -28.50 35.20 -1.91
N PRO H 96 -27.87 36.12 -1.19
CA PRO H 96 -26.41 36.06 -1.06
C PRO H 96 -25.96 34.97 -0.10
N LEU H 97 -24.76 34.45 -0.37
CA LEU H 97 -24.14 33.42 0.45
C LEU H 97 -22.76 33.92 0.88
N ALA H 98 -22.41 33.66 2.14
CA ALA H 98 -21.17 34.14 2.72
C ALA H 98 -20.33 32.96 3.20
N ILE H 99 -19.07 32.91 2.76
CA ILE H 99 -18.15 31.84 3.15
C ILE H 99 -16.94 32.40 3.90
N ASP H 100 -16.39 33.53 3.45
CA ASP H 100 -15.17 34.08 4.02
C ASP H 100 -15.51 34.97 5.20
N GLU H 101 -14.91 34.68 6.35
CA GLU H 101 -15.17 35.42 7.58
C GLU H 101 -14.19 36.56 7.80
N ASN H 102 -13.05 36.55 7.09
CA ASN H 102 -12.05 37.60 7.25
C ASN H 102 -12.55 38.94 6.74
N LEU H 103 -13.46 38.93 5.77
CA LEU H 103 -13.98 40.17 5.22
C LEU H 103 -15.05 40.77 6.14
N SER H 104 -15.13 42.09 6.13
CA SER H 104 -16.14 42.81 6.89
C SER H 104 -17.44 42.85 6.08
N TYR H 105 -18.40 43.64 6.54
CA TYR H 105 -19.68 43.76 5.87
C TYR H 105 -19.73 44.91 4.88
N ASP H 106 -18.68 45.72 4.78
CA ASP H 106 -18.64 46.81 3.82
C ASP H 106 -17.66 46.57 2.68
N ASP H 107 -16.79 45.56 2.78
CA ASP H 107 -15.86 45.28 1.69
C ASP H 107 -16.57 44.73 0.46
N ILE H 108 -17.66 43.98 0.65
CA ILE H 108 -18.44 43.51 -0.47
C ILE H 108 -19.14 44.70 -1.13
N ASN H 109 -19.49 44.54 -2.40
CA ASN H 109 -20.06 45.63 -3.17
C ASN H 109 -21.43 46.03 -2.63
N ILE H 110 -21.87 47.24 -3.00
CA ILE H 110 -23.09 47.82 -2.44
C ILE H 110 -24.36 47.12 -2.90
N GLU H 111 -24.26 46.20 -3.86
CA GLU H 111 -25.45 45.47 -4.31
C GLU H 111 -25.88 44.43 -3.30
N ILE H 112 -24.95 43.91 -2.49
CA ILE H 112 -25.26 42.86 -1.53
C ILE H 112 -25.65 43.43 -0.16
N VAL H 113 -25.34 44.70 0.10
CA VAL H 113 -25.63 45.33 1.39
C VAL H 113 -27.13 45.37 1.66
N ARG H 114 -27.95 45.59 0.62
CA ARG H 114 -29.37 45.83 0.81
C ARG H 114 -30.09 44.58 1.31
N LEU H 115 -29.54 43.41 1.05
CA LEU H 115 -30.23 42.15 1.31
C LEU H 115 -29.53 41.36 2.41
N ASN H 116 -30.32 40.54 3.10
CA ASN H 116 -29.81 39.72 4.19
C ASN H 116 -28.99 38.55 3.65
N ALA H 117 -27.99 38.14 4.43
CA ALA H 117 -27.04 37.12 4.03
C ALA H 117 -27.32 35.84 4.79
N ILE H 118 -27.33 34.72 4.08
CA ILE H 118 -27.58 33.42 4.68
C ILE H 118 -26.31 32.94 5.36
N ASP H 119 -26.42 32.54 6.62
CA ASP H 119 -25.26 32.19 7.44
C ASP H 119 -24.69 30.85 7.00
N PHE H 120 -23.66 30.90 6.16
CA PHE H 120 -22.90 29.71 5.77
C PHE H 120 -21.49 29.74 6.37
N LYS H 121 -21.27 30.57 7.39
CA LYS H 121 -19.90 30.85 7.82
C LYS H 121 -19.31 29.71 8.65
N LYS H 122 -19.89 29.42 9.81
CA LYS H 122 -19.29 28.41 10.68
C LYS H 122 -19.56 26.99 10.21
N SER H 123 -20.73 26.73 9.63
CA SER H 123 -21.08 25.40 9.16
C SER H 123 -22.07 25.54 8.02
N TRP H 124 -22.20 24.47 7.24
CA TRP H 124 -22.98 24.53 6.01
C TRP H 124 -24.32 23.80 6.08
N ALA H 125 -24.53 22.95 7.09
CA ALA H 125 -25.82 22.29 7.21
C ALA H 125 -26.90 23.25 7.69
N LYS H 126 -26.59 24.07 8.69
CA LYS H 126 -27.55 25.07 9.13
C LYS H 126 -27.73 26.16 8.07
N GLY H 127 -26.69 26.43 7.29
CA GLY H 127 -26.85 27.31 6.15
C GLY H 127 -27.76 26.71 5.10
N LEU H 128 -27.67 25.41 4.88
CA LEU H 128 -28.54 24.73 3.92
C LEU H 128 -29.99 24.78 4.38
N GLN H 129 -30.23 24.56 5.69
CA GLN H 129 -31.61 24.61 6.16
C GLN H 129 -32.14 26.04 6.22
N ASP H 130 -31.26 27.04 6.42
CA ASP H 130 -31.71 28.42 6.33
C ASP H 130 -32.00 28.82 4.88
N LEU H 131 -31.24 28.29 3.93
CA LEU H 131 -31.56 28.48 2.52
C LEU H 131 -32.89 27.83 2.16
N LEU H 132 -33.14 26.63 2.69
CA LEU H 132 -34.39 25.94 2.45
C LEU H 132 -35.57 26.67 3.07
N ASP H 133 -35.35 27.34 4.20
CA ASP H 133 -36.44 28.06 4.86
C ASP H 133 -36.88 29.31 4.12
N ALA H 134 -36.15 29.73 3.09
CA ALA H 134 -36.48 30.95 2.36
C ALA H 134 -37.74 30.76 1.53
N PHE H 135 -38.51 31.84 1.38
CA PHE H 135 -39.69 31.80 0.54
C PHE H 135 -39.28 31.82 -0.93
N GLU H 136 -40.13 31.21 -1.77
CA GLU H 136 -39.94 30.89 -3.18
C GLU H 136 -38.83 29.88 -3.41
N LYS H 137 -38.18 29.41 -2.34
CA LYS H 137 -37.23 28.31 -2.35
C LYS H 137 -37.46 27.43 -1.13
N GLN H 138 -38.73 27.14 -0.86
CA GLN H 138 -39.15 26.47 0.37
C GLN H 138 -38.77 24.99 0.32
N ASN H 139 -39.26 24.24 1.32
CA ASN H 139 -39.01 22.80 1.35
C ASN H 139 -39.71 22.07 0.21
N VAL H 140 -40.72 22.67 -0.42
CA VAL H 140 -41.36 22.09 -1.59
C VAL H 140 -40.36 22.20 -2.74
N PRO H 141 -39.92 21.08 -3.31
CA PRO H 141 -38.86 21.09 -4.31
C PRO H 141 -39.42 21.37 -5.70
N LYS H 142 -39.09 22.56 -6.23
CA LYS H 142 -39.37 23.01 -7.60
C LYS H 142 -40.79 22.73 -8.09
N LYS H 143 -41.76 22.69 -7.16
CA LYS H 143 -43.13 22.27 -7.40
C LYS H 143 -43.14 20.91 -8.09
N PRO H 144 -42.87 19.83 -7.35
CA PRO H 144 -42.53 18.55 -7.99
C PRO H 144 -43.74 17.93 -8.67
N PRO H 145 -43.67 17.72 -9.98
CA PRO H 145 -44.85 17.23 -10.72
C PRO H 145 -45.26 15.81 -10.40
N ASP H 146 -44.36 14.84 -10.56
CA ASP H 146 -44.76 13.43 -10.61
C ASP H 146 -44.17 12.55 -9.52
N HIS H 147 -42.85 12.50 -9.35
CA HIS H 147 -42.28 11.47 -8.48
C HIS H 147 -40.89 11.91 -7.99
N SER H 148 -40.11 10.94 -7.52
CA SER H 148 -38.78 11.15 -6.92
C SER H 148 -38.86 12.06 -5.69
N LYS H 149 -39.87 11.82 -4.85
CA LYS H 149 -40.05 12.56 -3.63
C LYS H 149 -39.76 11.77 -2.36
N SER H 150 -39.74 10.43 -2.45
CA SER H 150 -39.54 9.62 -1.25
C SER H 150 -38.11 9.75 -0.73
N ASN H 151 -37.12 9.79 -1.63
CA ASN H 151 -35.74 9.95 -1.22
C ASN H 151 -35.51 11.31 -0.58
N LEU H 152 -36.08 12.36 -1.16
CA LEU H 152 -35.88 13.70 -0.63
C LEU H 152 -36.60 13.91 0.69
N LEU H 153 -37.79 13.33 0.87
CA LEU H 153 -38.46 13.48 2.15
C LEU H 153 -37.77 12.62 3.21
N TYR H 154 -37.26 11.46 2.80
CA TYR H 154 -36.45 10.61 3.69
C TYR H 154 -35.17 11.31 4.10
N GLN H 155 -34.65 12.21 3.26
CA GLN H 155 -33.51 13.03 3.67
C GLN H 155 -33.94 14.17 4.59
N GLN H 156 -34.90 14.99 4.16
CA GLN H 156 -35.22 16.22 4.89
C GLN H 156 -36.17 15.99 6.05
N ILE H 157 -37.41 15.57 5.77
CA ILE H 157 -38.46 15.65 6.78
C ILE H 157 -38.35 14.54 7.82
N PHE H 158 -37.56 13.51 7.57
CA PHE H 158 -37.45 12.40 8.50
C PHE H 158 -36.11 12.41 9.22
N LEU H 159 -35.30 13.45 9.03
CA LEU H 159 -34.02 13.68 9.70
C LEU H 159 -33.96 15.11 10.23
N HIS H 160 -35.02 15.54 10.91
CA HIS H 160 -35.14 16.94 11.28
C HIS H 160 -34.23 17.32 12.44
N ASP H 161 -34.15 16.46 13.45
CA ASP H 161 -33.51 16.83 14.72
C ASP H 161 -32.00 16.84 14.59
N LYS H 162 -31.38 17.96 14.94
CA LYS H 162 -29.92 18.06 15.01
C LYS H 162 -29.37 18.72 16.26
N GLN H 163 -30.09 19.65 16.90
CA GLN H 163 -29.64 20.36 18.09
C GLN H 163 -30.32 19.77 19.33
N ALA H 164 -30.08 20.42 20.47
CA ALA H 164 -30.66 20.05 21.76
C ALA H 164 -31.61 21.13 22.24
N ILE H 165 -32.25 20.88 23.39
CA ILE H 165 -33.27 21.77 23.93
C ILE H 165 -33.11 21.87 25.44
N GLU H 166 -33.72 22.90 26.02
CA GLU H 166 -33.64 23.18 27.44
C GLU H 166 -35.01 23.06 28.09
N LYS H 167 -35.10 22.26 29.15
CA LYS H 167 -36.33 22.06 29.91
C LYS H 167 -35.95 21.39 31.23
N GLU H 168 -36.77 21.60 32.25
CA GLU H 168 -36.52 21.05 33.57
C GLU H 168 -37.30 19.76 33.75
N GLU H 169 -36.61 18.70 34.17
CA GLU H 169 -37.25 17.40 34.40
C GLU H 169 -36.74 16.80 35.70
N THR H 170 -37.59 16.00 36.33
CA THR H 170 -37.31 15.42 37.64
C THR H 170 -37.07 13.93 37.51
N TYR H 171 -35.92 13.48 38.00
CA TYR H 171 -35.57 12.07 38.03
C TYR H 171 -35.47 11.59 39.47
N ASP H 172 -35.87 10.34 39.71
CA ASP H 172 -35.67 9.69 41.00
C ASP H 172 -34.72 8.53 40.84
N SER H 173 -33.77 8.41 41.76
CA SER H 173 -32.70 7.41 41.67
C SER H 173 -33.17 6.10 42.30
N ASN H 174 -32.21 5.18 42.48
CA ASN H 174 -32.47 3.90 43.14
C ASN H 174 -31.87 3.85 44.54
N TRP H 175 -31.43 4.99 45.06
CA TRP H 175 -30.77 5.04 46.35
C TRP H 175 -31.78 5.35 47.46
N PHE H 176 -31.47 4.88 48.66
CA PHE H 176 -32.34 5.08 49.82
C PHE H 176 -31.50 5.37 51.05
N PRO H 177 -31.40 6.62 51.48
CA PRO H 177 -30.50 6.97 52.59
C PRO H 177 -31.10 6.63 53.94
N ILE H 178 -30.20 6.51 54.93
CA ILE H 178 -30.59 6.27 56.31
C ILE H 178 -30.90 7.59 56.99
N ILE H 179 -32.04 7.65 57.69
CA ILE H 179 -32.52 8.89 58.27
C ILE H 179 -31.83 9.17 59.60
N SER H 180 -32.09 8.31 60.58
CA SER H 180 -31.62 8.52 61.95
C SER H 180 -30.57 7.46 62.26
N PHE H 181 -29.30 7.82 62.10
CA PHE H 181 -28.23 6.90 62.43
C PHE H 181 -28.16 6.67 63.93
N PRO H 182 -27.94 5.45 64.38
CA PRO H 182 -27.90 5.18 65.83
C PRO H 182 -26.74 5.86 66.51
N ASN H 183 -26.95 6.17 67.80
CA ASN H 183 -25.99 6.99 68.54
C ASN H 183 -24.68 6.24 68.76
N GLU H 184 -24.74 5.01 69.24
CA GLU H 184 -23.58 4.30 69.74
C GLU H 184 -23.38 3.00 68.98
N LEU H 185 -22.16 2.79 68.51
CA LEU H 185 -21.72 1.50 67.98
C LEU H 185 -21.01 0.76 69.10
N ARG H 186 -21.48 -0.44 69.41
CA ARG H 186 -21.10 -1.13 70.63
C ARG H 186 -20.09 -2.23 70.33
N PHE H 187 -19.04 -2.29 71.15
CA PHE H 187 -18.01 -3.33 71.06
C PHE H 187 -18.03 -4.14 72.34
N HIS H 188 -18.17 -5.46 72.22
CA HIS H 188 -18.20 -6.35 73.38
C HIS H 188 -16.92 -7.18 73.41
N ARG H 189 -16.02 -6.86 74.34
CA ARG H 189 -14.79 -7.62 74.53
C ARG H 189 -15.10 -8.84 75.39
N TYR H 190 -15.68 -9.86 74.75
CA TYR H 190 -16.06 -11.07 75.47
C TYR H 190 -14.85 -11.90 75.88
N ASP H 191 -13.78 -11.86 75.08
CA ASP H 191 -12.54 -12.59 75.32
C ASP H 191 -12.77 -14.09 75.48
N TRP H 192 -12.87 -14.56 76.73
CA TRP H 192 -13.07 -15.98 77.00
C TRP H 192 -14.53 -16.38 77.05
N ARG H 193 -15.45 -15.43 76.86
CA ARG H 193 -16.87 -15.75 76.84
C ARG H 193 -17.40 -16.07 75.45
N LEU H 194 -16.55 -15.98 74.42
CA LEU H 194 -16.91 -16.37 73.07
C LEU H 194 -16.23 -17.69 72.75
N PRO H 195 -16.96 -18.80 72.62
CA PRO H 195 -16.31 -20.07 72.27
C PRO H 195 -15.67 -20.01 70.89
N LYS H 196 -14.57 -20.75 70.75
CA LYS H 196 -13.80 -20.71 69.51
C LYS H 196 -14.58 -21.31 68.35
N GLN H 197 -15.39 -22.33 68.63
CA GLN H 197 -16.16 -23.00 67.58
C GLN H 197 -17.47 -22.29 67.26
N PHE H 198 -17.82 -21.22 67.96
CA PHE H 198 -19.07 -20.53 67.70
C PHE H 198 -19.00 -19.76 66.39
N ASP H 199 -20.17 -19.43 65.86
CA ASP H 199 -20.29 -18.90 64.51
C ASP H 199 -21.11 -17.61 64.55
N VAL H 200 -20.61 -16.59 63.87
CA VAL H 200 -21.24 -15.27 63.85
C VAL H 200 -22.57 -15.31 63.08
N ARG H 201 -22.68 -16.20 62.10
CA ARG H 201 -23.87 -16.31 61.25
C ARG H 201 -25.14 -16.58 62.06
N THR H 202 -24.99 -17.26 63.20
CA THR H 202 -26.14 -17.83 63.91
C THR H 202 -26.90 -16.80 64.75
N LEU H 203 -26.22 -15.80 65.31
CA LEU H 203 -26.89 -14.88 66.23
C LEU H 203 -27.89 -13.98 65.50
N ALA H 204 -28.91 -13.57 66.24
CA ALA H 204 -30.03 -12.81 65.68
C ALA H 204 -29.79 -11.31 65.66
N PHE H 205 -28.60 -10.84 66.03
CA PHE H 205 -28.21 -9.45 65.96
C PHE H 205 -26.88 -9.34 65.24
N PRO H 206 -26.59 -8.21 64.59
CA PRO H 206 -25.30 -8.06 63.91
C PRO H 206 -24.14 -8.09 64.88
N ALA H 207 -23.04 -8.71 64.44
CA ALA H 207 -21.84 -8.83 65.25
C ALA H 207 -20.65 -9.14 64.35
N ILE H 208 -19.49 -8.63 64.75
CA ILE H 208 -18.21 -8.98 64.13
C ILE H 208 -17.20 -9.23 65.24
N ARG H 209 -16.54 -10.39 65.18
CA ARG H 209 -15.47 -10.71 66.11
C ARG H 209 -14.26 -9.86 65.74
N TYR H 210 -14.07 -8.75 66.45
CA TYR H 210 -12.98 -7.82 66.18
C TYR H 210 -11.86 -8.08 67.17
N LYS H 211 -10.85 -8.84 66.72
CA LYS H 211 -9.75 -9.34 67.57
C LYS H 211 -10.32 -10.09 68.77
N GLU H 212 -10.42 -9.43 69.91
CA GLU H 212 -11.08 -9.99 71.08
C GLU H 212 -12.40 -9.29 71.41
N TYR H 213 -12.84 -8.37 70.55
CA TYR H 213 -14.06 -7.62 70.76
C TYR H 213 -15.15 -8.10 69.81
N LEU H 214 -16.40 -7.98 70.25
CA LEU H 214 -17.57 -8.29 69.44
C LEU H 214 -18.28 -6.98 69.13
N CYS H 215 -18.18 -6.53 67.88
CA CYS H 215 -18.69 -5.22 67.48
C CYS H 215 -20.14 -5.40 67.03
N THR H 216 -21.08 -4.96 67.86
CA THR H 216 -22.50 -5.09 67.59
C THR H 216 -23.16 -3.70 67.57
N PHE H 217 -24.48 -3.70 67.46
CA PHE H 217 -25.25 -2.46 67.41
C PHE H 217 -26.16 -2.25 68.61
N ALA H 218 -26.46 -3.30 69.37
CA ALA H 218 -27.38 -3.23 70.48
C ALA H 218 -26.65 -3.53 71.78
N TRP H 219 -27.42 -3.64 72.86
CA TRP H 219 -26.84 -3.83 74.18
C TRP H 219 -26.21 -5.22 74.30
N GLU H 220 -25.48 -5.41 75.40
CA GLU H 220 -24.82 -6.68 75.68
C GLU H 220 -25.72 -7.68 76.38
N TYR H 221 -26.91 -7.27 76.82
CA TYR H 221 -27.80 -8.10 77.61
C TYR H 221 -29.01 -8.55 76.82
N ASP H 222 -28.85 -8.77 75.52
CA ASP H 222 -29.93 -9.26 74.68
C ASP H 222 -29.61 -10.61 74.03
N PHE H 223 -28.43 -11.16 74.27
CA PHE H 223 -28.04 -12.45 73.73
C PHE H 223 -28.27 -13.59 74.72
N ILE H 224 -29.12 -13.38 75.73
CA ILE H 224 -29.26 -14.33 76.81
C ILE H 224 -29.85 -15.65 76.34
N HIS H 225 -30.62 -15.62 75.24
CA HIS H 225 -31.34 -16.82 74.82
C HIS H 225 -30.42 -17.87 74.19
N GLN H 226 -29.24 -17.48 73.71
CA GLN H 226 -28.37 -18.43 73.03
C GLN H 226 -27.08 -18.76 73.79
N LEU H 227 -26.69 -17.96 74.78
CA LEU H 227 -25.66 -18.40 75.71
C LEU H 227 -26.00 -17.90 77.11
N PRO H 228 -25.88 -18.75 78.12
CA PRO H 228 -26.15 -18.30 79.50
C PRO H 228 -24.91 -17.76 80.19
N LYS H 229 -23.87 -17.44 79.42
CA LYS H 229 -22.60 -16.98 79.96
C LYS H 229 -22.50 -15.46 80.00
N THR H 230 -23.53 -14.74 79.56
CA THR H 230 -23.46 -13.29 79.44
C THR H 230 -23.51 -12.60 80.80
N GLU H 231 -24.28 -13.13 81.74
CA GLU H 231 -24.57 -12.43 82.99
C GLU H 231 -23.32 -12.21 83.85
N THR H 232 -22.24 -12.94 83.60
CA THR H 232 -20.98 -12.68 84.29
C THR H 232 -20.20 -11.53 83.66
N TYR H 233 -20.66 -11.02 82.52
CA TYR H 233 -19.97 -9.93 81.84
C TYR H 233 -20.59 -8.59 82.23
N ASN H 234 -19.75 -7.65 82.64
CA ASN H 234 -20.21 -6.33 83.06
C ASN H 234 -20.14 -5.37 81.87
N GLY H 235 -21.11 -4.45 81.82
CA GLY H 235 -21.22 -3.56 80.67
C GLY H 235 -20.15 -2.49 80.61
N GLN H 236 -19.50 -2.18 81.75
CA GLN H 236 -18.48 -1.15 81.75
C GLN H 236 -17.22 -1.59 81.01
N GLU H 237 -17.01 -2.89 80.82
CA GLU H 237 -15.90 -3.34 79.99
C GLU H 237 -16.14 -3.01 78.52
N SER H 238 -17.39 -3.08 78.08
CA SER H 238 -17.73 -2.74 76.70
C SER H 238 -17.56 -1.25 76.46
N ILE H 239 -17.02 -0.90 75.31
CA ILE H 239 -16.76 0.49 74.97
C ILE H 239 -17.82 0.96 73.98
N ARG H 240 -18.00 2.29 73.92
CA ARG H 240 -19.00 2.90 73.06
C ARG H 240 -18.35 3.97 72.21
N ILE H 241 -18.80 4.08 70.95
CA ILE H 241 -18.27 5.06 70.00
C ILE H 241 -19.43 5.79 69.37
N SER H 242 -19.42 7.11 69.43
CA SER H 242 -20.43 7.91 68.76
C SER H 242 -20.20 7.89 67.25
N THR H 243 -21.28 7.77 66.49
CA THR H 243 -21.16 7.61 65.05
C THR H 243 -20.88 8.92 64.32
N SER H 244 -21.01 10.06 64.99
CA SER H 244 -20.75 11.34 64.32
C SER H 244 -19.28 11.51 63.99
N ASP H 245 -18.39 11.13 64.91
CA ASP H 245 -16.96 11.26 64.67
C ASP H 245 -16.48 10.30 63.59
N ILE H 246 -17.05 9.10 63.54
CA ILE H 246 -16.62 8.14 62.51
C ILE H 246 -17.29 8.44 61.18
N LEU H 247 -18.45 9.11 61.19
CA LEU H 247 -19.03 9.55 59.93
C LEU H 247 -18.26 10.73 59.36
N SER H 248 -17.84 11.66 60.22
CA SER H 248 -17.05 12.80 59.78
C SER H 248 -15.56 12.49 59.67
N GLY H 249 -15.13 11.30 60.05
CA GLY H 249 -13.73 10.94 59.98
C GLY H 249 -12.88 11.50 61.10
N ARG H 250 -13.49 12.10 62.11
CA ARG H 250 -12.71 12.73 63.17
C ARG H 250 -12.11 11.71 64.13
N TYR H 251 -12.79 10.58 64.33
CA TYR H 251 -12.35 9.56 65.29
C TYR H 251 -11.10 8.86 64.76
N ASP H 252 -9.95 9.21 65.32
CA ASP H 252 -8.68 8.60 64.95
C ASP H 252 -8.05 8.01 66.20
N THR H 253 -8.18 6.69 66.35
CA THR H 253 -7.56 5.95 67.44
C THR H 253 -6.85 4.73 66.88
N ASP H 254 -5.90 4.22 67.67
CA ASP H 254 -5.14 3.04 67.26
C ASP H 254 -5.99 1.78 67.23
N PHE H 255 -7.13 1.78 67.91
CA PHE H 255 -7.96 0.59 67.97
C PHE H 255 -8.62 0.30 66.63
N ILE H 256 -9.46 1.20 66.16
CA ILE H 256 -10.11 1.04 64.87
C ILE H 256 -9.85 2.32 64.07
N ARG H 257 -9.39 2.16 62.84
CA ARG H 257 -9.22 3.31 61.96
C ARG H 257 -10.58 3.81 61.48
N ASN H 258 -10.56 4.99 60.85
CA ASN H 258 -11.80 5.58 60.37
C ASN H 258 -12.40 4.77 59.22
N TYR H 259 -11.58 4.37 58.25
CA TYR H 259 -12.11 3.55 57.17
C TYR H 259 -12.46 2.15 57.64
N GLU H 260 -11.74 1.65 58.65
CA GLU H 260 -12.15 0.41 59.30
C GLU H 260 -13.48 0.57 60.03
N CYS H 261 -13.69 1.74 60.66
CA CYS H 261 -14.99 2.04 61.26
C CYS H 261 -16.10 2.01 60.22
N GLN H 262 -15.87 2.63 59.07
CA GLN H 262 -16.88 2.65 58.00
C GLN H 262 -17.15 1.24 57.48
N ARG H 263 -16.10 0.43 57.32
CA ARG H 263 -16.27 -0.94 56.84
C ARG H 263 -17.06 -1.78 57.82
N LEU H 264 -16.78 -1.65 59.12
CA LEU H 264 -17.55 -2.37 60.13
C LEU H 264 -19.00 -1.95 60.10
N ILE H 265 -19.25 -0.63 60.04
CA ILE H 265 -20.62 -0.11 60.07
C ILE H 265 -21.41 -0.61 58.87
N VAL H 266 -20.80 -0.59 57.68
CA VAL H 266 -21.53 -1.04 56.50
C VAL H 266 -21.77 -2.55 56.54
N GLN H 267 -20.84 -3.32 57.11
CA GLN H 267 -21.07 -4.76 57.22
C GLN H 267 -22.26 -5.05 58.13
N LEU H 268 -22.34 -4.39 59.29
CA LEU H 268 -23.47 -4.64 60.17
C LEU H 268 -24.78 -4.05 59.65
N ILE H 269 -24.76 -2.97 58.86
CA ILE H 269 -26.03 -2.51 58.30
C ILE H 269 -26.52 -3.47 57.22
N ASN H 270 -25.60 -4.06 56.44
CA ASN H 270 -25.99 -5.07 55.47
C ASN H 270 -26.59 -6.29 56.16
N LYS H 271 -25.94 -6.75 57.23
CA LYS H 271 -26.44 -7.88 58.01
C LYS H 271 -27.81 -7.56 58.62
N ALA H 272 -27.97 -6.35 59.18
CA ALA H 272 -29.22 -5.97 59.84
C ALA H 272 -30.38 -6.00 58.86
N PHE H 273 -30.13 -5.56 57.63
CA PHE H 273 -31.20 -5.62 56.61
C PHE H 273 -31.62 -7.08 56.39
N GLU H 274 -30.73 -7.87 55.79
CA GLU H 274 -31.10 -9.26 55.47
C GLU H 274 -31.96 -9.79 56.61
N LEU H 275 -31.43 -9.72 57.82
CA LEU H 275 -32.15 -10.27 58.98
C LEU H 275 -33.60 -9.80 58.96
N ARG H 276 -33.81 -8.49 59.02
CA ARG H 276 -35.20 -7.98 59.12
C ARG H 276 -35.95 -8.44 57.88
N MET H 277 -35.39 -8.17 56.71
CA MET H 277 -36.08 -8.55 55.45
C MET H 277 -36.46 -10.03 55.54
N LYS H 278 -35.57 -10.84 56.13
CA LYS H 278 -35.88 -12.28 56.28
C LYS H 278 -37.02 -12.43 57.30
N ASP H 279 -36.98 -11.62 58.37
CA ASP H 279 -38.07 -11.67 59.38
C ASP H 279 -39.41 -11.28 58.74
N LYS H 280 -39.38 -10.77 57.51
CA LYS H 280 -40.63 -10.31 56.84
C LYS H 280 -41.19 -11.43 55.94
N ASN H 281 -40.70 -12.66 56.10
CA ASN H 281 -41.24 -13.79 55.33
C ASN H 281 -41.42 -13.46 53.84
N VAL H 282 -40.28 -13.26 53.18
CA VAL H 282 -40.20 -13.15 51.73
C VAL H 282 -39.12 -14.10 51.25
N ARG H 283 -39.37 -14.77 50.12
CA ARG H 283 -38.55 -15.90 49.72
C ARG H 283 -37.18 -15.45 49.23
N GLU H 284 -36.37 -16.41 48.82
CA GLU H 284 -34.92 -16.23 48.78
C GLU H 284 -34.35 -17.06 47.63
N TYR H 285 -33.60 -16.42 46.74
CA TYR H 285 -32.99 -17.07 45.58
C TYR H 285 -31.49 -16.79 45.58
N GLN H 286 -30.70 -17.85 45.40
CA GLN H 286 -29.26 -17.73 45.54
C GLN H 286 -28.64 -17.00 44.36
N MET H 287 -27.68 -16.13 44.64
CA MET H 287 -26.92 -15.43 43.63
C MET H 287 -25.42 -15.66 43.85
N SER H 288 -24.62 -15.03 43.00
CA SER H 288 -23.18 -15.26 43.02
C SER H 288 -22.53 -14.67 44.27
N LYS H 289 -22.82 -13.42 44.58
CA LYS H 289 -22.25 -12.78 45.76
C LYS H 289 -23.30 -12.30 46.75
N THR H 290 -24.36 -11.67 46.28
CA THR H 290 -25.46 -11.22 47.11
C THR H 290 -26.56 -12.28 47.11
N PHE H 291 -27.74 -11.92 47.61
CA PHE H 291 -28.87 -12.82 47.65
C PHE H 291 -30.06 -12.15 46.95
N ALA H 292 -30.88 -12.96 46.28
CA ALA H 292 -32.07 -12.48 45.60
C ALA H 292 -33.31 -12.85 46.38
N TYR H 293 -34.31 -11.98 46.34
CA TYR H 293 -35.53 -12.09 47.14
C TYR H 293 -36.74 -11.81 46.27
N TRP H 294 -37.74 -12.69 46.30
CA TRP H 294 -38.91 -12.54 45.45
C TRP H 294 -40.18 -12.84 46.22
N ILE H 295 -41.29 -12.26 45.77
CA ILE H 295 -42.59 -12.48 46.37
C ILE H 295 -43.24 -13.69 45.73
N GLU H 296 -43.75 -14.59 46.55
CA GLU H 296 -44.45 -15.77 46.10
C GLU H 296 -45.91 -15.46 45.79
N LYS H 297 -46.58 -16.41 45.16
CA LYS H 297 -48.00 -16.26 44.84
C LYS H 297 -48.85 -16.35 46.09
N GLY H 298 -49.91 -15.55 46.14
CA GLY H 298 -50.90 -15.61 47.21
C GLY H 298 -50.82 -14.50 48.23
N LYS H 299 -49.72 -13.74 48.27
CA LYS H 299 -49.60 -12.66 49.24
C LYS H 299 -50.13 -11.34 48.68
N LEU H 300 -49.53 -10.87 47.59
CA LEU H 300 -50.00 -9.65 46.95
C LEU H 300 -51.30 -9.93 46.20
N GLU H 301 -52.30 -9.10 46.44
CA GLU H 301 -53.60 -9.28 45.82
C GLU H 301 -53.69 -8.52 44.50
N LYS H 302 -54.46 -9.08 43.57
CA LYS H 302 -54.94 -8.44 42.34
C LYS H 302 -53.79 -8.18 41.35
N ASP H 303 -52.54 -8.49 41.72
CA ASP H 303 -51.34 -8.04 41.01
C ASP H 303 -51.36 -6.52 40.87
N LYS H 304 -51.53 -5.84 42.01
CA LYS H 304 -51.68 -4.40 42.02
C LYS H 304 -51.29 -3.89 43.41
N PHE H 305 -50.19 -3.15 43.48
CA PHE H 305 -49.81 -2.42 44.69
C PHE H 305 -49.48 -1.01 44.27
N GLU H 306 -50.27 -0.04 44.77
CA GLU H 306 -50.21 1.35 44.35
C GLU H 306 -50.37 1.46 42.83
N LYS H 307 -51.38 0.75 42.31
CA LYS H 307 -51.73 0.72 40.89
C LYS H 307 -50.56 0.28 40.02
N ILE H 308 -49.79 -0.68 40.52
CA ILE H 308 -48.60 -1.18 39.84
C ILE H 308 -48.57 -2.70 39.95
N LYS H 309 -48.38 -3.38 38.82
CA LYS H 309 -48.23 -4.82 38.87
C LYS H 309 -46.79 -5.20 39.21
N LEU H 310 -46.65 -6.31 39.92
CA LEU H 310 -45.37 -6.78 40.45
C LEU H 310 -45.08 -8.22 40.08
N VAL H 311 -46.10 -9.07 40.05
CA VAL H 311 -45.97 -10.45 39.64
C VAL H 311 -46.55 -10.58 38.24
N GLY H 312 -46.32 -11.71 37.59
CA GLY H 312 -46.93 -11.89 36.29
C GLY H 312 -46.74 -13.29 35.75
N LYS H 313 -47.28 -13.49 34.55
CA LYS H 313 -47.31 -14.80 33.93
C LYS H 313 -47.17 -14.63 32.41
N GLN H 314 -46.30 -15.44 31.82
CA GLN H 314 -46.25 -15.53 30.36
C GLN H 314 -45.82 -16.94 29.98
N LYS H 315 -46.21 -17.36 28.77
CA LYS H 315 -45.93 -18.68 28.22
C LYS H 315 -46.35 -19.78 29.18
N ASN H 316 -45.38 -20.32 29.93
CA ASN H 316 -45.67 -21.28 30.99
C ASN H 316 -44.86 -21.02 32.25
N LYS H 317 -44.24 -19.84 32.38
CA LYS H 317 -43.45 -19.49 33.54
C LYS H 317 -44.02 -18.24 34.20
N TYR H 318 -43.96 -18.20 35.53
CA TYR H 318 -44.35 -17.02 36.29
C TYR H 318 -43.10 -16.25 36.68
N TRP H 319 -43.15 -14.93 36.56
CA TRP H 319 -42.01 -14.07 36.86
C TRP H 319 -42.30 -13.24 38.10
N HIS H 320 -41.33 -13.18 39.00
CA HIS H 320 -41.44 -12.42 40.23
C HIS H 320 -40.33 -11.38 40.28
N PHE H 321 -40.71 -10.13 40.56
CA PHE H 321 -39.72 -9.07 40.73
C PHE H 321 -39.00 -9.23 42.07
N GLY H 322 -37.88 -8.53 42.21
CA GLY H 322 -37.10 -8.58 43.43
C GLY H 322 -36.04 -7.51 43.48
N ILE H 323 -35.28 -7.52 44.57
CA ILE H 323 -34.19 -6.56 44.75
C ILE H 323 -33.00 -7.26 45.39
N SER H 324 -31.96 -6.47 45.63
CA SER H 324 -30.79 -6.89 46.41
C SER H 324 -30.07 -5.63 46.86
N ALA H 325 -30.04 -5.39 48.16
CA ALA H 325 -29.58 -4.12 48.70
C ALA H 325 -28.21 -4.26 49.35
N ALA H 326 -27.39 -3.22 49.18
CA ALA H 326 -26.07 -3.16 49.82
C ALA H 326 -25.70 -1.71 49.96
N GLY H 327 -25.39 -1.27 51.20
CA GLY H 327 -25.17 0.13 51.48
C GLY H 327 -23.74 0.58 51.26
N LYS H 328 -23.54 1.88 51.43
CA LYS H 328 -22.22 2.50 51.45
C LYS H 328 -22.30 3.76 52.30
N LEU H 329 -21.22 4.54 52.31
CA LEU H 329 -21.20 5.71 53.17
C LEU H 329 -20.55 6.94 52.57
N TYR H 330 -19.81 6.85 51.45
CA TYR H 330 -18.91 7.94 51.11
C TYR H 330 -19.66 9.19 50.63
N PRO H 331 -20.58 9.15 49.65
CA PRO H 331 -21.23 10.42 49.29
C PRO H 331 -22.27 10.85 50.31
N SER H 332 -23.00 9.91 50.88
CA SER H 332 -23.99 10.19 51.91
C SER H 332 -24.13 8.94 52.76
N PRO H 333 -24.82 9.02 53.89
CA PRO H 333 -25.26 7.78 54.54
C PRO H 333 -26.39 7.16 53.73
N VAL H 334 -26.05 6.37 52.72
CA VAL H 334 -27.00 5.92 51.71
C VAL H 334 -26.91 4.41 51.55
N LEU H 335 -28.05 3.75 51.43
CA LEU H 335 -28.15 2.33 51.12
C LEU H 335 -28.65 2.16 49.69
N MET H 336 -27.88 1.46 48.86
CA MET H 336 -28.35 1.25 47.50
C MET H 336 -29.29 0.07 47.43
N VAL H 337 -30.03 0.00 46.33
CA VAL H 337 -30.92 -1.10 46.02
C VAL H 337 -30.79 -1.39 44.53
N SER H 338 -30.57 -2.64 44.17
CA SER H 338 -30.48 -3.03 42.77
C SER H 338 -31.69 -3.85 42.37
N SER H 339 -32.09 -3.69 41.11
CA SER H 339 -33.30 -4.33 40.60
C SER H 339 -32.98 -5.74 40.11
N HIS H 340 -33.78 -6.71 40.55
CA HIS H 340 -33.63 -8.09 40.13
C HIS H 340 -35.00 -8.67 39.78
N ILE H 341 -34.98 -9.76 39.02
CA ILE H 341 -36.20 -10.34 38.50
C ILE H 341 -36.02 -11.85 38.35
N ILE H 342 -36.83 -12.62 39.09
CA ILE H 342 -36.62 -14.05 39.28
C ILE H 342 -37.85 -14.79 38.79
N PHE H 343 -37.64 -15.83 37.98
CA PHE H 343 -38.76 -16.59 37.42
C PHE H 343 -38.93 -17.91 38.16
N THR H 344 -40.03 -18.59 37.83
CA THR H 344 -40.39 -19.88 38.39
C THR H 344 -41.25 -20.61 37.37
N MET H 345 -41.53 -21.88 37.65
CA MET H 345 -42.38 -22.65 36.74
C MET H 345 -43.81 -22.83 37.24
N ASP H 346 -44.03 -22.92 38.55
CA ASP H 346 -45.39 -23.02 39.06
C ASP H 346 -45.61 -22.22 40.34
N GLY H 347 -44.70 -21.31 40.69
CA GLY H 347 -44.90 -20.46 41.85
C GLY H 347 -44.56 -21.09 43.18
N ILE H 348 -43.88 -22.23 43.19
CA ILE H 348 -43.50 -22.89 44.44
C ILE H 348 -41.99 -23.05 44.50
N ASN H 349 -41.41 -23.69 43.49
CA ASN H 349 -39.98 -23.90 43.44
C ASN H 349 -39.40 -23.17 42.22
N LEU H 350 -38.10 -22.90 42.28
CA LEU H 350 -37.41 -22.14 41.26
C LEU H 350 -36.97 -23.05 40.11
N ILE H 351 -36.32 -22.45 39.11
CA ILE H 351 -35.71 -23.23 38.04
C ILE H 351 -34.48 -23.94 38.57
N LYS H 352 -34.24 -25.15 38.07
CA LYS H 352 -33.07 -25.92 38.47
C LYS H 352 -31.80 -25.43 37.80
N SER H 353 -31.91 -24.82 36.62
CA SER H 353 -30.75 -24.39 35.86
C SER H 353 -30.72 -22.87 35.77
N LYS H 354 -29.52 -22.30 35.96
CA LYS H 354 -29.37 -20.85 35.89
C LYS H 354 -29.36 -20.33 34.47
N SER H 355 -28.94 -21.16 33.50
CA SER H 355 -28.90 -20.73 32.11
C SER H 355 -30.30 -20.47 31.57
N ILE H 356 -31.28 -21.29 31.97
CA ILE H 356 -32.67 -21.04 31.63
C ILE H 356 -33.12 -19.71 32.22
N GLN H 357 -32.68 -19.41 33.45
CA GLN H 357 -33.04 -18.14 34.10
C GLN H 357 -32.48 -16.95 33.34
N HIS H 358 -31.21 -17.01 32.95
CA HIS H 358 -30.61 -15.91 32.19
C HIS H 358 -31.27 -15.74 30.82
N SER H 359 -31.55 -16.87 30.15
CA SER H 359 -32.20 -16.81 28.84
C SER H 359 -33.59 -16.21 28.93
N SER H 360 -34.36 -16.61 29.94
CA SER H 360 -35.71 -16.09 30.07
C SER H 360 -35.72 -14.65 30.57
N ARG H 361 -34.71 -14.25 31.34
CA ARG H 361 -34.56 -12.85 31.73
C ARG H 361 -34.32 -11.97 30.50
N ARG H 362 -33.38 -12.37 29.64
CA ARG H 362 -33.15 -11.57 28.45
C ARG H 362 -34.29 -11.69 27.44
N LYS H 363 -35.08 -12.76 27.49
CA LYS H 363 -36.31 -12.82 26.72
C LYS H 363 -37.32 -11.80 27.21
N GLN H 364 -37.43 -11.64 28.53
CA GLN H 364 -38.35 -10.67 29.11
C GLN H 364 -37.83 -9.25 29.12
N GLY H 365 -36.57 -9.04 28.71
CA GLY H 365 -36.03 -7.68 28.69
C GLY H 365 -36.78 -6.74 27.76
N LYS H 366 -37.08 -7.21 26.54
CA LYS H 366 -37.69 -6.35 25.54
C LYS H 366 -39.18 -6.13 25.75
N ASN H 367 -39.84 -6.91 26.60
CA ASN H 367 -41.29 -6.81 26.72
C ASN H 367 -41.70 -5.50 27.39
N TRP H 368 -40.98 -5.06 28.41
CA TRP H 368 -41.29 -3.79 29.06
C TRP H 368 -40.08 -2.87 29.06
N TRP H 369 -40.17 -1.76 29.80
CA TRP H 369 -39.27 -0.65 29.59
C TRP H 369 -39.26 0.19 30.89
N ASN H 370 -38.71 1.40 30.83
CA ASN H 370 -38.20 2.11 32.00
C ASN H 370 -39.29 2.44 33.02
N ASP H 371 -40.44 2.93 32.56
CA ASP H 371 -41.50 3.27 33.51
C ASP H 371 -41.99 2.04 34.25
N LYS H 372 -42.07 0.90 33.56
CA LYS H 372 -42.46 -0.35 34.24
C LYS H 372 -41.42 -0.77 35.27
N TRP H 373 -40.13 -0.60 34.95
CA TRP H 373 -39.07 -0.89 35.93
C TRP H 373 -39.22 -0.03 37.17
N ARG H 374 -39.42 1.28 36.97
CA ARG H 374 -39.55 2.19 38.10
C ARG H 374 -40.80 1.87 38.91
N GLU H 375 -41.91 1.54 38.24
CA GLU H 375 -43.14 1.20 38.92
C GLU H 375 -42.97 -0.03 39.79
N LYS H 376 -42.39 -1.10 39.22
CA LYS H 376 -42.19 -2.34 39.97
C LYS H 376 -41.25 -2.14 41.15
N LEU H 377 -40.15 -1.41 40.94
CA LEU H 377 -39.21 -1.17 42.04
C LEU H 377 -39.85 -0.37 43.17
N LEU H 378 -40.59 0.69 42.82
CA LEU H 378 -41.18 1.53 43.86
C LEU H 378 -42.30 0.79 44.59
N ALA H 379 -43.08 -0.04 43.88
CA ALA H 379 -44.09 -0.85 44.54
C ALA H 379 -43.44 -1.86 45.48
N PHE H 380 -42.30 -2.42 45.08
CA PHE H 380 -41.58 -3.35 45.95
C PHE H 380 -41.13 -2.64 47.22
N ILE H 381 -40.60 -1.43 47.08
CA ILE H 381 -40.09 -0.68 48.23
C ILE H 381 -41.22 -0.32 49.19
N ARG H 382 -42.35 0.19 48.67
CA ARG H 382 -43.49 0.46 49.53
C ARG H 382 -44.10 -0.79 50.15
N PHE H 383 -44.06 -1.94 49.45
CA PHE H 383 -44.57 -3.16 50.09
C PHE H 383 -43.65 -3.63 51.20
N LEU H 384 -42.34 -3.41 51.06
CA LEU H 384 -41.40 -3.82 52.10
C LEU H 384 -41.64 -3.02 53.38
N SER H 385 -42.03 -1.76 53.24
CA SER H 385 -42.24 -0.89 54.37
C SER H 385 -43.54 -1.24 55.09
N ASP H 386 -43.61 -0.85 56.36
CA ASP H 386 -44.84 -0.93 57.15
C ASP H 386 -45.40 0.43 57.52
N ASP H 387 -44.55 1.43 57.70
CA ASP H 387 -44.99 2.80 57.88
C ASP H 387 -45.04 3.49 56.52
N GLN H 388 -45.16 4.82 56.52
CA GLN H 388 -45.34 5.56 55.29
C GLN H 388 -44.13 6.34 54.83
N ASN H 389 -43.10 6.49 55.67
CA ASN H 389 -41.95 7.30 55.27
C ASN H 389 -40.59 6.68 55.59
N ALA H 390 -40.54 5.48 56.15
CA ALA H 390 -39.27 4.83 56.47
C ALA H 390 -39.50 3.32 56.50
N ILE H 391 -38.47 2.58 56.88
CA ILE H 391 -38.57 1.14 57.10
C ILE H 391 -38.03 0.83 58.49
N TYR H 392 -38.79 0.05 59.26
CA TYR H 392 -38.40 -0.31 60.61
C TYR H 392 -37.40 -1.46 60.55
N LEU H 393 -36.19 -1.22 61.04
CA LEU H 393 -35.15 -2.24 61.07
C LEU H 393 -35.09 -2.86 62.45
N ASN H 394 -35.14 -4.18 62.51
CA ASN H 394 -35.08 -4.93 63.77
C ASN H 394 -33.63 -5.14 64.20
N VAL H 395 -32.93 -4.01 64.37
CA VAL H 395 -31.51 -4.05 64.70
C VAL H 395 -31.29 -4.59 66.10
N GLY H 396 -32.14 -4.18 67.05
CA GLY H 396 -32.07 -4.67 68.40
C GLY H 396 -33.42 -4.72 69.06
N SER H 397 -33.46 -5.00 70.36
CA SER H 397 -34.71 -4.99 71.09
C SER H 397 -35.10 -3.60 71.58
N GLU H 398 -34.25 -2.60 71.37
CA GLU H 398 -34.55 -1.24 71.82
C GLU H 398 -34.28 -0.21 70.74
N GLU H 399 -33.33 -0.50 69.85
CA GLU H 399 -32.85 0.48 68.89
C GLU H 399 -33.25 0.07 67.48
N LYS H 400 -33.89 0.97 66.76
CA LYS H 400 -34.34 0.75 65.40
C LYS H 400 -33.59 1.69 64.48
N ILE H 401 -33.35 1.25 63.25
CA ILE H 401 -32.72 2.07 62.22
C ILE H 401 -33.76 2.42 61.18
N LEU H 402 -33.93 3.72 60.93
CA LEU H 402 -34.89 4.21 59.95
C LEU H 402 -34.17 4.62 58.68
N ILE H 403 -34.60 4.06 57.55
CA ILE H 403 -34.00 4.31 56.25
C ILE H 403 -35.07 4.91 55.35
N SER H 404 -34.73 5.99 54.63
CA SER H 404 -35.67 6.69 53.77
C SER H 404 -36.20 5.80 52.66
N ASN H 405 -37.49 5.45 52.72
CA ASN H 405 -38.08 4.62 51.68
C ASN H 405 -38.29 5.37 50.38
N LYS H 406 -38.43 6.69 50.44
CA LYS H 406 -38.54 7.47 49.22
C LYS H 406 -37.18 7.58 48.54
N PRO H 407 -37.05 7.22 47.27
CA PRO H 407 -35.78 7.34 46.58
C PRO H 407 -35.35 8.80 46.42
N LEU H 408 -34.05 9.01 46.34
CA LEU H 408 -33.51 10.35 46.17
C LEU H 408 -33.88 10.90 44.80
N LYS H 409 -34.26 12.17 44.78
CA LYS H 409 -34.72 12.83 43.56
C LYS H 409 -33.75 13.92 43.16
N PHE H 410 -33.46 14.00 41.86
CA PHE H 410 -32.62 15.05 41.30
C PHE H 410 -33.38 15.75 40.18
N PHE H 411 -32.87 16.91 39.79
CA PHE H 411 -33.45 17.68 38.69
C PHE H 411 -32.38 18.02 37.67
N GLY H 412 -32.78 18.08 36.41
CA GLY H 412 -31.85 18.36 35.33
C GLY H 412 -32.15 19.66 34.61
N LYS H 413 -31.10 20.45 34.34
CA LYS H 413 -31.29 21.73 33.68
C LYS H 413 -31.68 21.55 32.22
N MET H 414 -31.07 20.58 31.54
CA MET H 414 -31.30 20.34 30.13
C MET H 414 -32.02 19.01 29.93
N SER H 415 -32.90 18.97 28.94
CA SER H 415 -33.76 17.81 28.72
C SER H 415 -34.04 17.69 27.22
N TYR H 416 -35.08 16.94 26.87
CA TYR H 416 -35.46 16.72 25.49
C TYR H 416 -36.98 16.75 25.37
N VAL H 417 -37.46 16.62 24.14
CA VAL H 417 -38.88 16.65 23.83
C VAL H 417 -39.43 15.23 23.97
N THR H 418 -40.71 15.11 24.30
CA THR H 418 -41.35 13.82 24.48
C THR H 418 -42.02 13.41 23.18
N PRO H 419 -41.52 12.42 22.45
CA PRO H 419 -42.17 12.00 21.21
C PRO H 419 -43.26 10.98 21.44
N SER H 420 -43.81 10.43 20.37
CA SER H 420 -44.87 9.44 20.47
C SER H 420 -44.28 8.08 20.84
N GLU H 421 -45.10 7.04 20.84
CA GLU H 421 -44.69 5.73 21.31
C GLU H 421 -44.07 4.85 20.23
N VAL H 422 -43.90 5.38 19.01
CA VAL H 422 -43.28 4.60 17.93
C VAL H 422 -41.82 4.32 18.24
N THR H 423 -41.16 5.23 18.96
CA THR H 423 -39.75 5.04 19.27
C THR H 423 -39.52 3.91 20.25
N LEU H 424 -40.53 3.53 21.03
CA LEU H 424 -40.41 2.30 21.82
C LEU H 424 -40.33 1.07 20.93
N GLU H 425 -41.13 1.05 19.86
CA GLU H 425 -40.99 -0.01 18.87
C GLU H 425 -39.63 0.04 18.20
N GLU H 426 -39.10 1.25 17.97
CA GLU H 426 -37.74 1.37 17.45
C GLU H 426 -36.70 0.83 18.43
N GLU H 427 -36.93 1.00 19.73
CA GLU H 427 -35.98 0.49 20.72
C GLU H 427 -36.03 -1.03 20.81
N SER H 428 -37.22 -1.62 20.72
CA SER H 428 -37.29 -3.07 20.63
C SER H 428 -36.70 -3.58 19.32
N VAL H 429 -36.83 -2.79 18.26
CA VAL H 429 -36.13 -3.11 17.01
C VAL H 429 -34.63 -3.10 17.24
N LEU H 430 -34.12 -2.11 17.98
CA LEU H 430 -32.70 -2.06 18.31
C LEU H 430 -32.27 -3.23 19.18
N ALA H 431 -33.16 -3.73 20.04
CA ALA H 431 -32.87 -4.96 20.75
C ALA H 431 -32.71 -6.13 19.78
N ASP H 432 -33.58 -6.20 18.77
CA ASP H 432 -33.39 -7.19 17.72
C ASP H 432 -32.13 -6.93 16.91
N ILE H 433 -31.69 -5.67 16.82
CA ILE H 433 -30.48 -5.36 16.07
C ILE H 433 -29.25 -5.90 16.82
N ASN H 434 -29.23 -5.70 18.14
CA ASN H 434 -28.18 -6.29 18.96
C ASN H 434 -28.27 -7.80 18.96
N ASN H 435 -29.47 -8.36 18.75
CA ASN H 435 -29.56 -9.80 18.47
C ASN H 435 -28.88 -10.15 17.16
N PHE H 436 -29.04 -9.30 16.15
CA PHE H 436 -28.47 -9.57 14.84
C PHE H 436 -26.97 -9.35 14.79
N GLU H 437 -26.40 -8.60 15.73
CA GLU H 437 -24.97 -8.30 15.65
C GLU H 437 -24.10 -9.24 16.48
N GLU H 438 -24.44 -9.48 17.75
CA GLU H 438 -23.61 -10.32 18.61
C GLU H 438 -24.33 -11.62 18.93
N ASP H 439 -23.61 -12.74 18.78
CA ASP H 439 -24.13 -14.07 19.11
C ASP H 439 -22.95 -15.01 19.27
N THR H 440 -23.00 -15.86 20.30
CA THR H 440 -21.92 -16.79 20.58
C THR H 440 -22.49 -18.04 21.24
N GLU H 441 -22.23 -19.19 20.62
CA GLU H 441 -22.67 -20.53 21.03
C GLU H 441 -24.10 -20.54 21.60
N ASP H 442 -25.03 -20.08 20.76
CA ASP H 442 -26.43 -19.96 21.11
C ASP H 442 -27.27 -21.16 20.70
N LEU H 443 -26.69 -22.12 19.98
CA LEU H 443 -27.50 -23.20 19.39
C LEU H 443 -27.94 -24.21 20.44
N ASP H 444 -27.05 -24.58 21.36
CA ASP H 444 -27.34 -25.66 22.30
C ASP H 444 -28.45 -25.29 23.28
N GLU H 445 -28.36 -24.09 23.87
CA GLU H 445 -29.37 -23.67 24.83
C GLU H 445 -30.71 -23.38 24.16
N LEU H 446 -30.69 -22.88 22.92
CA LEU H 446 -31.94 -22.69 22.20
C LEU H 446 -32.59 -24.02 21.84
N GLU H 447 -31.78 -25.03 21.48
CA GLU H 447 -32.32 -26.34 21.18
C GLU H 447 -32.84 -27.03 22.44
N ASP H 448 -32.18 -26.83 23.57
CA ASP H 448 -32.57 -27.48 24.83
C ASP H 448 -33.66 -26.73 25.58
N ILE H 449 -34.09 -25.56 25.09
CA ILE H 449 -35.12 -24.80 25.80
C ILE H 449 -36.52 -25.32 25.55
N GLU H 450 -36.71 -26.18 24.56
CA GLU H 450 -38.03 -26.72 24.25
C GLU H 450 -38.20 -28.11 24.84
#